data_5ZHX
#
_entry.id   5ZHX
#
_cell.length_a   93.320
_cell.length_b   181.770
_cell.length_c   205.310
_cell.angle_alpha   90.00
_cell.angle_beta   90.00
_cell.angle_gamma   90.00
#
_symmetry.space_group_name_H-M   'P 21 21 21'
#
loop_
_entity.id
_entity.type
_entity.pdbx_description
1 polymer 'Rap1 GTPase-GDP dissociation stimulator 1'
2 polymer 'Transforming protein RhoA'
3 non-polymer FARNESYL
#
loop_
_entity_poly.entity_id
_entity_poly.type
_entity_poly.pdbx_seq_one_letter_code
_entity_poly.pdbx_strand_id
1 'polypeptide(L)'
;GPLGSKNEFMRIPCVDAGLISPLVQLLNSKDQEVLLQTGRALGNICYDSHSLQAQLINMGVIPTLVKLLGIHCQNAALTE
MCLVAFGNLAELESSKEQFASTNIAEELVKLFKKQIEHDKREMIFEVLAPLAENDAIKLQLVEAGLVECLLEIVQQKVDS
DKEDDITELKTGSDLMVLLLLGDESMQKLFEGGKGSVFQRVLSWIPSNNHQLQLAGALAIANFARNDANCIHMVDNGIVE
KLMDLLDRHVEDGNVTVQHAALSALRNLAIPVINKAKMLSAGVTEAVLKFLKSEMPPVQFKLLGTLRMLIDAQAEAAEQL
GKNVKLVERLVEWCEAKDHAGVMGESNRLLSALIRHSKSKDVIKTIVQSGGIKHLVTMATSEHVIMQNEALVALALIAAL
ELGTAEKDLESAKLVQILHRLLADERSAPEIKYNSMVLICALMGSECLHKEVQDLAFLDVVSKLRSHENKSVAQQASLTE
QRLTVES
;
A,B,C,D
2 'polypeptide(L)'
;GPLGSMAAIRKKLVIVGDGACGKTCLLIVFSKDQFPEVYVPTVFENYVADIEVDGKQVELALWDTAGQEDYDRLRPLSYP
DTDVILMCFSIDSPDSLENIPEKWTPEVKHFCPNVPIILVGNKKDLRNDEHTRRELAKMKQEPVKPEEGRDMANRIGAFG
YMECSAKTKDGVREVFEMATRAALQARRGKKKSGCLVA
;
e,f,g,h
#
loop_
_chem_comp.id
_chem_comp.type
_chem_comp.name
_chem_comp.formula
FAR non-polymer FARNESYL 'C15 H26'
#
# COMPACT_ATOMS: atom_id res chain seq x y z
N ASP A 16 -17.67 -1.31 14.24
CA ASP A 16 -17.74 0.03 14.92
C ASP A 16 -18.54 0.02 16.23
N ALA A 17 -19.50 -0.89 16.37
CA ALA A 17 -20.17 -1.11 17.66
C ALA A 17 -19.17 -1.49 18.76
N GLY A 18 -18.07 -2.12 18.36
CA GLY A 18 -16.89 -2.27 19.22
C GLY A 18 -16.39 -0.94 19.75
N LEU A 19 -16.25 0.04 18.86
CA LEU A 19 -15.75 1.37 19.23
C LEU A 19 -16.64 2.16 20.17
N ILE A 20 -17.94 2.13 19.90
CA ILE A 20 -18.90 3.07 20.50
C ILE A 20 -19.26 2.64 21.92
N SER A 21 -19.55 1.36 22.10
CA SER A 21 -19.93 0.83 23.42
C SER A 21 -19.16 1.45 24.63
N PRO A 22 -17.81 1.52 24.54
CA PRO A 22 -17.00 2.12 25.60
C PRO A 22 -17.10 3.64 25.63
N LEU A 23 -17.11 4.25 24.45
CA LEU A 23 -17.27 5.70 24.37
C LEU A 23 -18.57 6.13 25.08
N VAL A 24 -19.65 5.40 24.84
CA VAL A 24 -20.93 5.70 25.49
C VAL A 24 -20.88 5.45 26.99
N GLN A 25 -20.30 4.33 27.41
CA GLN A 25 -20.16 4.05 28.84
C GLN A 25 -19.24 5.04 29.58
N LEU A 26 -18.40 5.76 28.83
CA LEU A 26 -17.63 6.91 29.36
C LEU A 26 -18.52 8.08 29.75
N LEU A 27 -19.60 8.29 28.99
CA LEU A 27 -20.55 9.39 29.27
C LEU A 27 -21.15 9.35 30.67
N ASN A 28 -21.07 8.22 31.35
CA ASN A 28 -21.50 8.13 32.75
C ASN A 28 -20.50 8.75 33.76
N SER A 29 -19.41 9.34 33.27
CA SER A 29 -18.38 9.90 34.16
C SER A 29 -18.82 11.21 34.79
N LYS A 30 -18.69 11.26 36.11
CA LYS A 30 -18.82 12.50 36.87
C LYS A 30 -17.69 13.51 36.62
N ASP A 31 -16.63 13.09 35.92
CA ASP A 31 -15.50 14.00 35.65
C ASP A 31 -15.77 14.86 34.41
N GLN A 32 -15.61 16.16 34.58
CA GLN A 32 -15.94 17.15 33.53
C GLN A 32 -15.03 17.01 32.31
N GLU A 33 -13.73 16.94 32.60
CA GLU A 33 -12.68 16.77 31.58
C GLU A 33 -12.88 15.47 30.78
N VAL A 34 -13.27 14.41 31.47
CA VAL A 34 -13.47 13.10 30.83
C VAL A 34 -14.50 13.24 29.71
N LEU A 35 -15.62 13.86 30.08
CA LEU A 35 -16.75 14.06 29.15
C LEU A 35 -16.32 14.86 27.95
N LEU A 36 -15.73 16.01 28.25
CA LEU A 36 -15.20 16.94 27.25
C LEU A 36 -14.38 16.21 26.15
N GLN A 37 -13.55 15.25 26.56
CA GLN A 37 -12.72 14.48 25.61
C GLN A 37 -13.50 13.33 24.95
N THR A 38 -14.18 12.52 25.77
CA THR A 38 -15.01 11.42 25.23
C THR A 38 -16.03 12.00 24.25
N GLY A 39 -16.48 13.21 24.58
CA GLY A 39 -17.27 14.03 23.67
C GLY A 39 -16.56 14.38 22.37
N ARG A 40 -15.39 15.03 22.52
CA ARG A 40 -14.56 15.39 21.37
C ARG A 40 -14.35 14.17 20.46
N ALA A 41 -14.17 13.00 21.10
CA ALA A 41 -14.02 11.73 20.41
C ALA A 41 -15.30 11.32 19.69
N LEU A 42 -16.36 11.10 20.47
CA LEU A 42 -17.70 10.75 19.91
C LEU A 42 -18.02 11.66 18.74
N GLY A 43 -17.68 12.94 18.90
CA GLY A 43 -17.80 13.96 17.85
C GLY A 43 -17.44 13.47 16.46
N ASN A 44 -16.15 13.27 16.23
CA ASN A 44 -15.64 12.93 14.88
C ASN A 44 -14.85 11.64 14.87
N ILE A 45 -15.20 10.61 14.08
CA ILE A 45 -16.52 10.34 13.47
C ILE A 45 -17.34 9.82 14.66
N CYS A 46 -18.64 10.16 14.82
CA CYS A 46 -19.67 10.31 13.77
C CYS A 46 -20.07 11.74 13.32
N TYR A 47 -19.19 12.38 12.57
CA TYR A 47 -19.45 13.70 11.99
C TYR A 47 -19.92 13.38 10.58
N ASP A 48 -21.09 13.90 10.22
CA ASP A 48 -21.70 13.66 8.90
C ASP A 48 -21.75 12.15 8.57
N SER A 49 -22.05 11.35 9.60
CA SER A 49 -22.34 9.94 9.42
C SER A 49 -23.61 9.62 10.21
N HIS A 50 -24.75 9.87 9.57
CA HIS A 50 -26.06 9.66 10.18
C HIS A 50 -26.26 8.20 10.63
N SER A 51 -25.65 7.27 9.89
CA SER A 51 -25.69 5.84 10.24
C SER A 51 -25.28 5.59 11.69
N LEU A 52 -24.14 6.17 12.07
CA LEU A 52 -23.63 6.06 13.44
C LEU A 52 -24.46 6.86 14.45
N GLN A 53 -24.82 8.09 14.08
CA GLN A 53 -25.72 8.94 14.90
C GLN A 53 -26.99 8.20 15.27
N ALA A 54 -27.54 7.49 14.30
CA ALA A 54 -28.76 6.71 14.47
C ALA A 54 -28.58 5.62 15.51
N GLN A 55 -27.44 4.95 15.45
CA GLN A 55 -27.10 3.92 16.43
C GLN A 55 -26.93 4.51 17.86
N LEU A 56 -26.41 5.73 17.94
CA LEU A 56 -26.29 6.46 19.21
C LEU A 56 -27.65 6.71 19.89
N ILE A 57 -28.69 6.85 19.08
CA ILE A 57 -30.06 7.02 19.60
C ILE A 57 -30.54 5.75 20.26
N ASN A 58 -30.34 4.62 19.59
CA ASN A 58 -30.67 3.28 20.11
C ASN A 58 -29.98 2.95 21.44
N MET A 59 -28.75 3.44 21.58
CA MET A 59 -27.84 3.05 22.68
C MET A 59 -28.37 2.99 24.12
N GLY A 60 -29.25 3.87 24.59
CA GLY A 60 -29.68 5.11 23.94
C GLY A 60 -29.15 6.30 24.71
N VAL A 61 -28.47 7.19 23.99
CA VAL A 61 -27.67 8.24 24.59
C VAL A 61 -28.48 9.50 24.95
N ILE A 62 -29.58 9.70 24.23
CA ILE A 62 -30.39 10.94 24.32
C ILE A 62 -30.82 11.28 25.75
N PRO A 63 -31.56 10.39 26.42
CA PRO A 63 -31.90 10.66 27.82
C PRO A 63 -30.67 10.83 28.73
N THR A 64 -29.58 10.12 28.41
CA THR A 64 -28.31 10.26 29.14
C THR A 64 -27.71 11.66 28.97
N LEU A 65 -27.78 12.19 27.75
CA LEU A 65 -27.29 13.54 27.41
C LEU A 65 -28.11 14.66 28.04
N VAL A 66 -29.41 14.49 28.07
CA VAL A 66 -30.29 15.46 28.71
C VAL A 66 -29.94 15.59 30.19
N LYS A 67 -29.66 14.46 30.84
CA LYS A 67 -29.19 14.49 32.24
C LYS A 67 -27.91 15.31 32.38
N LEU A 68 -26.97 15.10 31.46
CA LEU A 68 -25.68 15.84 31.46
C LEU A 68 -25.89 17.33 31.37
N LEU A 69 -26.63 17.75 30.35
CA LEU A 69 -26.95 19.15 30.17
C LEU A 69 -27.44 19.76 31.47
N GLY A 70 -28.31 19.01 32.17
CA GLY A 70 -28.85 19.42 33.47
C GLY A 70 -27.81 19.61 34.56
N ILE A 71 -26.90 18.65 34.68
CA ILE A 71 -25.88 18.67 35.72
C ILE A 71 -24.76 19.68 35.41
N HIS A 72 -24.39 19.80 34.14
CA HIS A 72 -23.28 20.67 33.71
C HIS A 72 -23.75 21.89 32.90
N CYS A 73 -24.84 22.53 33.33
CA CYS A 73 -25.39 23.70 32.63
C CYS A 73 -24.61 24.98 32.94
N GLN A 74 -24.15 25.11 34.18
CA GLN A 74 -23.30 26.25 34.59
C GLN A 74 -21.88 26.17 34.00
N ASN A 75 -21.54 25.03 33.38
CA ASN A 75 -20.36 24.93 32.49
C ASN A 75 -20.71 25.45 31.11
N ALA A 76 -19.70 26.02 30.44
CA ALA A 76 -19.86 26.64 29.12
C ALA A 76 -19.45 25.72 27.97
N ALA A 77 -18.36 24.99 28.18
CA ALA A 77 -17.69 24.23 27.12
C ALA A 77 -18.48 23.04 26.56
N LEU A 78 -19.04 22.23 27.45
CA LEU A 78 -19.78 21.02 27.03
C LEU A 78 -21.24 21.36 26.72
N THR A 79 -21.82 22.23 27.55
CA THR A 79 -23.16 22.77 27.31
C THR A 79 -23.31 23.21 25.86
N GLU A 80 -22.30 23.89 25.32
CA GLU A 80 -22.28 24.22 23.88
C GLU A 80 -22.31 22.94 23.06
N MET A 81 -21.35 22.07 23.34
CA MET A 81 -21.20 20.82 22.61
C MET A 81 -22.43 19.88 22.72
N CYS A 82 -23.09 19.94 23.87
CA CYS A 82 -24.31 19.17 24.13
C CYS A 82 -25.43 19.60 23.19
N LEU A 83 -25.63 20.91 23.08
CA LEU A 83 -26.61 21.53 22.16
C LEU A 83 -26.40 21.14 20.70
N VAL A 84 -25.15 21.07 20.27
CA VAL A 84 -24.84 20.78 18.86
C VAL A 84 -25.23 19.34 18.56
N ALA A 85 -25.00 18.47 19.54
CA ALA A 85 -25.41 17.07 19.46
C ALA A 85 -26.92 16.97 19.24
N PHE A 86 -27.68 17.62 20.12
CA PHE A 86 -29.14 17.62 20.03
C PHE A 86 -29.61 18.14 18.66
N GLY A 87 -29.06 19.27 18.24
CA GLY A 87 -29.36 19.84 16.91
C GLY A 87 -29.14 18.89 15.76
N ASN A 88 -28.09 18.06 15.87
CA ASN A 88 -27.78 17.03 14.86
C ASN A 88 -28.68 15.81 14.96
N LEU A 89 -28.80 15.28 16.18
CA LEU A 89 -29.66 14.13 16.46
C LEU A 89 -31.13 14.40 16.11
N ALA A 90 -31.64 15.56 16.49
CA ALA A 90 -33.02 15.95 16.19
C ALA A 90 -33.40 15.85 14.70
N GLU A 91 -32.39 15.94 13.82
CA GLU A 91 -32.58 15.76 12.38
C GLU A 91 -33.01 14.32 12.01
N LEU A 92 -32.77 13.37 12.90
CA LEU A 92 -33.25 11.98 12.72
C LEU A 92 -34.67 11.80 13.26
N GLU A 93 -35.41 10.85 12.67
CA GLU A 93 -36.83 10.68 12.99
C GLU A 93 -37.03 10.08 14.38
N SER A 94 -36.30 9.02 14.67
CA SER A 94 -36.35 8.33 15.98
C SER A 94 -36.20 9.26 17.19
N SER A 95 -35.50 10.37 17.00
CA SER A 95 -35.05 11.23 18.11
C SER A 95 -36.15 11.90 18.90
N LYS A 96 -37.16 12.41 18.20
CA LYS A 96 -38.16 13.28 18.82
C LYS A 96 -39.01 12.59 19.90
N GLU A 97 -39.52 11.40 19.59
CA GLU A 97 -40.26 10.55 20.57
C GLU A 97 -39.40 10.32 21.82
N GLN A 98 -38.14 10.00 21.58
CA GLN A 98 -37.15 9.83 22.65
C GLN A 98 -36.93 11.13 23.42
N PHE A 99 -36.73 12.24 22.70
CA PHE A 99 -36.59 13.57 23.33
C PHE A 99 -37.81 13.90 24.21
N ALA A 100 -39.00 13.56 23.76
CA ALA A 100 -40.21 13.87 24.53
C ALA A 100 -40.30 13.15 25.90
N SER A 101 -39.67 11.99 26.04
CA SER A 101 -39.55 11.32 27.36
C SER A 101 -38.76 12.21 28.33
N THR A 102 -37.79 12.90 27.74
CA THR A 102 -36.77 13.66 28.49
C THR A 102 -37.34 14.91 29.17
N ASN A 103 -36.57 15.47 30.08
CA ASN A 103 -36.87 16.79 30.66
C ASN A 103 -36.33 17.92 29.80
N ILE A 104 -36.07 17.67 28.52
CA ILE A 104 -35.28 18.62 27.71
C ILE A 104 -35.97 19.95 27.46
N ALA A 105 -37.30 19.91 27.42
CA ALA A 105 -38.11 21.13 27.30
C ALA A 105 -37.81 22.08 28.46
N GLU A 106 -37.94 21.58 29.68
CA GLU A 106 -37.63 22.34 30.90
C GLU A 106 -36.17 22.83 30.92
N GLU A 107 -35.26 21.98 30.46
CA GLU A 107 -33.81 22.24 30.58
C GLU A 107 -33.30 23.28 29.58
N LEU A 108 -33.92 23.33 28.40
CA LEU A 108 -33.58 24.32 27.37
C LEU A 108 -34.13 25.70 27.72
N VAL A 109 -35.31 25.76 28.32
CA VAL A 109 -35.91 27.02 28.76
C VAL A 109 -35.11 27.57 29.95
N LYS A 110 -34.86 26.71 30.92
CA LYS A 110 -34.05 27.03 32.12
C LYS A 110 -32.67 27.58 31.74
N LEU A 111 -32.20 27.18 30.55
CA LEU A 111 -30.96 27.67 29.96
C LEU A 111 -31.15 28.97 29.20
N PHE A 112 -32.21 29.05 28.40
CA PHE A 112 -32.52 30.25 27.61
C PHE A 112 -32.66 31.51 28.46
N LYS A 113 -33.20 31.35 29.68
CA LYS A 113 -33.28 32.45 30.65
C LYS A 113 -31.89 32.91 31.10
N LYS A 114 -31.09 31.95 31.56
CA LYS A 114 -29.76 32.22 32.11
C LYS A 114 -28.85 32.95 31.12
N GLN A 115 -28.77 32.41 29.91
CA GLN A 115 -27.89 32.95 28.89
C GLN A 115 -28.51 34.21 28.31
N ILE A 116 -27.65 35.11 27.90
CA ILE A 116 -28.08 36.39 27.35
C ILE A 116 -27.47 36.75 25.99
N GLU A 117 -26.24 36.31 25.75
CA GLU A 117 -25.49 36.79 24.60
C GLU A 117 -26.19 36.33 23.35
N HIS A 118 -26.15 37.17 22.30
CA HIS A 118 -26.87 36.84 21.07
C HIS A 118 -26.45 35.51 20.46
N ASP A 119 -25.15 35.26 20.44
CA ASP A 119 -24.61 33.98 19.93
C ASP A 119 -25.16 32.76 20.70
N LYS A 120 -25.15 32.85 22.03
CA LYS A 120 -25.55 31.72 22.89
C LYS A 120 -27.05 31.37 22.78
N ARG A 121 -27.87 32.37 22.48
CA ARG A 121 -29.32 32.13 22.28
C ARG A 121 -29.60 31.45 20.95
N GLU A 122 -29.10 32.04 19.87
CA GLU A 122 -29.28 31.48 18.50
C GLU A 122 -28.94 29.98 18.41
N MET A 123 -28.03 29.52 19.26
CA MET A 123 -27.69 28.09 19.36
C MET A 123 -28.84 27.33 20.00
N ILE A 124 -29.36 27.86 21.10
CA ILE A 124 -30.51 27.27 21.80
C ILE A 124 -31.76 27.31 20.91
N PHE A 125 -31.94 28.41 20.18
CA PHE A 125 -33.03 28.49 19.20
C PHE A 125 -32.96 27.37 18.16
N GLU A 126 -31.77 27.09 17.64
CA GLU A 126 -31.61 26.05 16.61
C GLU A 126 -31.80 24.61 17.12
N VAL A 127 -31.90 24.46 18.44
CA VAL A 127 -32.36 23.20 19.04
C VAL A 127 -33.89 23.17 19.21
N LEU A 128 -34.47 24.27 19.72
CA LEU A 128 -35.93 24.40 19.95
C LEU A 128 -36.75 24.19 18.68
N ALA A 129 -36.32 24.84 17.62
CA ALA A 129 -37.04 24.84 16.35
C ALA A 129 -37.36 23.46 15.76
N PRO A 130 -36.36 22.57 15.67
CA PRO A 130 -36.67 21.21 15.19
C PRO A 130 -37.37 20.35 16.24
N LEU A 131 -36.97 20.49 17.51
CA LEU A 131 -37.66 19.79 18.61
C LEU A 131 -39.12 20.24 18.76
N ALA A 132 -39.40 21.48 18.39
CA ALA A 132 -40.76 22.02 18.47
C ALA A 132 -41.72 21.33 17.50
N GLU A 133 -41.21 20.87 16.36
CA GLU A 133 -42.06 20.19 15.37
C GLU A 133 -42.85 19.01 15.96
N ASN A 134 -42.30 18.40 17.01
CA ASN A 134 -43.00 17.38 17.79
C ASN A 134 -44.10 18.02 18.65
N ASP A 135 -45.35 17.74 18.27
CA ASP A 135 -46.52 18.39 18.89
C ASP A 135 -46.53 18.26 20.42
N ALA A 136 -46.04 17.14 20.92
CA ALA A 136 -45.97 16.91 22.36
C ALA A 136 -44.91 17.77 23.06
N ILE A 137 -43.78 18.01 22.39
CA ILE A 137 -42.71 18.91 22.90
C ILE A 137 -43.29 20.32 23.07
N LYS A 138 -44.05 20.76 22.07
CA LYS A 138 -44.69 22.07 22.09
C LYS A 138 -45.34 22.32 23.44
N LEU A 139 -46.27 21.43 23.83
CA LEU A 139 -46.93 21.55 25.13
C LEU A 139 -45.91 21.68 26.26
N GLN A 140 -44.91 20.80 26.26
CA GLN A 140 -43.90 20.79 27.32
C GLN A 140 -43.18 22.13 27.42
N LEU A 141 -42.85 22.70 26.27
CA LEU A 141 -42.18 24.01 26.21
C LEU A 141 -43.06 25.12 26.78
N VAL A 142 -44.35 25.08 26.46
CA VAL A 142 -45.31 26.09 26.96
C VAL A 142 -45.47 25.96 28.46
N GLU A 143 -45.59 24.72 28.93
CA GLU A 143 -45.65 24.41 30.37
C GLU A 143 -44.40 24.87 31.11
N ALA A 144 -43.24 24.76 30.47
CA ALA A 144 -41.94 25.20 31.03
C ALA A 144 -41.81 26.72 31.08
N GLY A 145 -42.52 27.39 30.17
CA GLY A 145 -42.58 28.85 30.15
C GLY A 145 -41.72 29.49 29.07
N LEU A 146 -41.69 28.86 27.91
CA LEU A 146 -40.92 29.38 26.78
C LEU A 146 -41.64 30.60 26.21
N VAL A 147 -42.96 30.42 26.07
CA VAL A 147 -43.89 31.48 25.63
C VAL A 147 -43.67 32.82 26.33
N GLU A 148 -43.38 32.77 27.63
CA GLU A 148 -43.13 33.98 28.42
C GLU A 148 -41.86 34.68 27.92
N CYS A 149 -40.76 33.94 27.86
CA CYS A 149 -39.47 34.44 27.39
C CYS A 149 -39.59 35.01 25.99
N LEU A 150 -40.12 34.21 25.07
CA LEU A 150 -40.35 34.62 23.68
C LEU A 150 -41.01 35.98 23.53
N LEU A 151 -42.04 36.23 24.32
CA LEU A 151 -42.78 37.50 24.26
C LEU A 151 -41.95 38.69 24.74
N GLU A 152 -41.18 38.49 25.83
CA GLU A 152 -40.25 39.52 26.32
C GLU A 152 -39.13 39.84 25.31
N ILE A 153 -38.67 38.85 24.55
CA ILE A 153 -37.68 39.08 23.49
C ILE A 153 -38.30 39.97 22.40
N VAL A 154 -39.57 39.75 22.08
CA VAL A 154 -40.29 40.58 21.10
C VAL A 154 -40.40 42.02 21.61
N GLN A 155 -40.99 42.15 22.79
CA GLN A 155 -41.27 43.45 23.44
C GLN A 155 -40.06 44.38 23.51
N GLN A 156 -38.94 43.88 24.04
CA GLN A 156 -37.69 44.65 24.12
C GLN A 156 -37.29 45.23 22.76
N LYS A 157 -37.33 44.39 21.75
CA LYS A 157 -36.65 44.65 20.48
C LYS A 157 -37.61 45.03 19.35
N VAL A 158 -38.77 45.62 19.70
CA VAL A 158 -39.79 45.96 18.70
C VAL A 158 -39.35 47.09 17.80
N ASP A 159 -38.86 48.17 18.42
CA ASP A 159 -38.43 49.34 17.66
C ASP A 159 -36.91 49.43 17.54
N SER A 160 -36.19 48.48 18.13
CA SER A 160 -34.74 48.39 17.95
C SER A 160 -34.40 47.94 16.53
N ASP A 161 -33.39 48.57 15.93
CA ASP A 161 -32.98 48.29 14.55
C ASP A 161 -31.55 47.74 14.45
N LYS A 162 -31.12 47.01 15.48
CA LYS A 162 -29.84 46.28 15.41
C LYS A 162 -30.11 45.04 14.57
N GLU A 163 -29.27 44.76 13.59
CA GLU A 163 -29.48 43.59 12.71
C GLU A 163 -29.59 42.25 13.46
N ASP A 164 -28.86 42.16 14.58
CA ASP A 164 -29.00 41.04 15.53
C ASP A 164 -30.38 41.01 16.16
N ASP A 165 -30.84 42.17 16.62
CA ASP A 165 -32.12 42.31 17.33
C ASP A 165 -33.35 42.05 16.45
N ILE A 166 -33.32 42.44 15.17
CA ILE A 166 -34.47 42.17 14.28
C ILE A 166 -34.60 40.68 13.96
N THR A 167 -33.48 39.96 13.92
CA THR A 167 -33.50 38.52 13.68
C THR A 167 -33.80 37.74 14.96
N GLU A 168 -33.40 38.25 16.11
CA GLU A 168 -33.86 37.67 17.40
C GLU A 168 -35.37 37.86 17.59
N LEU A 169 -35.90 38.93 17.02
CA LEU A 169 -37.34 39.21 17.02
C LEU A 169 -38.09 38.22 16.13
N LYS A 170 -37.60 38.09 14.90
CA LYS A 170 -38.18 37.19 13.91
C LYS A 170 -38.22 35.74 14.42
N THR A 171 -37.13 35.31 15.04
CA THR A 171 -37.06 33.96 15.61
C THR A 171 -38.17 33.76 16.65
N GLY A 172 -38.16 34.60 17.69
CA GLY A 172 -39.15 34.52 18.77
C GLY A 172 -40.59 34.61 18.31
N SER A 173 -40.86 35.54 17.39
CA SER A 173 -42.20 35.73 16.83
C SER A 173 -42.65 34.52 15.99
N ASP A 174 -41.82 34.11 15.04
CA ASP A 174 -42.15 32.96 14.19
C ASP A 174 -42.21 31.62 14.95
N LEU A 175 -41.43 31.51 16.02
CA LEU A 175 -41.47 30.33 16.89
C LEU A 175 -42.77 30.25 17.70
N MET A 176 -43.26 31.41 18.14
CA MET A 176 -44.56 31.52 18.79
C MET A 176 -45.65 30.98 17.88
N VAL A 177 -45.55 31.34 16.60
CA VAL A 177 -46.47 30.85 15.58
C VAL A 177 -46.36 29.34 15.48
N LEU A 178 -45.14 28.84 15.38
CA LEU A 178 -44.90 27.40 15.28
C LEU A 178 -45.57 26.66 16.45
N LEU A 179 -45.28 27.10 17.67
CA LEU A 179 -45.90 26.52 18.88
C LEU A 179 -47.43 26.43 18.83
N LEU A 180 -48.06 27.37 18.12
CA LEU A 180 -49.53 27.37 17.95
C LEU A 180 -50.06 26.38 16.90
N LEU A 181 -49.19 25.57 16.31
CA LEU A 181 -49.61 24.47 15.41
C LEU A 181 -49.95 23.18 16.16
N GLY A 182 -49.41 23.05 17.37
CA GLY A 182 -49.77 21.95 18.25
C GLY A 182 -51.14 22.22 18.84
N ASP A 183 -52.06 21.27 18.69
CA ASP A 183 -53.45 21.48 19.09
C ASP A 183 -53.58 21.65 20.60
N GLU A 184 -52.92 20.77 21.36
CA GLU A 184 -52.96 20.86 22.81
C GLU A 184 -52.32 22.15 23.32
N SER A 185 -51.14 22.46 22.79
CA SER A 185 -50.39 23.65 23.22
C SER A 185 -51.12 24.95 22.89
N MET A 186 -51.64 25.05 21.67
CA MET A 186 -52.41 26.22 21.22
C MET A 186 -53.62 26.47 22.12
N GLN A 187 -54.42 25.43 22.29
CA GLN A 187 -55.61 25.48 23.14
C GLN A 187 -55.31 25.91 24.57
N LYS A 188 -54.12 25.59 25.06
CA LYS A 188 -53.68 26.06 26.36
C LYS A 188 -53.41 27.58 26.38
N LEU A 189 -52.92 28.13 25.27
CA LEU A 189 -52.52 29.55 25.20
C LEU A 189 -53.69 30.50 24.91
N PHE A 190 -54.54 30.07 24.00
CA PHE A 190 -55.88 30.65 23.78
C PHE A 190 -56.65 30.29 25.04
N GLU A 191 -56.78 31.23 25.97
CA GLU A 191 -56.94 30.85 27.38
C GLU A 191 -58.33 30.70 28.07
N GLY A 192 -59.50 30.80 27.42
CA GLY A 192 -59.73 30.99 26.00
C GLY A 192 -59.68 32.46 25.61
N GLY A 193 -59.20 32.71 24.41
CA GLY A 193 -59.11 34.04 23.84
C GLY A 193 -60.37 34.87 24.02
N LYS A 194 -60.30 35.98 24.77
CA LYS A 194 -59.03 36.60 25.21
C LYS A 194 -58.49 36.08 26.57
N GLY A 195 -57.26 35.56 26.53
CA GLY A 195 -56.49 35.20 27.73
C GLY A 195 -55.35 36.19 27.95
N SER A 196 -54.26 35.75 28.57
CA SER A 196 -53.13 36.65 28.89
C SER A 196 -52.05 36.68 27.81
N VAL A 197 -51.91 35.58 27.08
CA VAL A 197 -50.96 35.51 25.94
C VAL A 197 -51.63 36.01 24.68
N PHE A 198 -52.76 35.38 24.35
CA PHE A 198 -53.52 35.67 23.14
C PHE A 198 -53.74 37.17 22.94
N GLN A 199 -54.01 37.85 24.05
CA GLN A 199 -54.10 39.31 24.04
C GLN A 199 -52.81 39.90 23.51
N ARG A 200 -51.70 39.53 24.15
CA ARG A 200 -50.37 40.09 23.84
C ARG A 200 -49.96 39.78 22.39
N VAL A 201 -50.45 38.66 21.85
CA VAL A 201 -50.21 38.30 20.44
C VAL A 201 -51.10 39.10 19.49
N LEU A 202 -52.33 39.35 19.93
CA LEU A 202 -53.28 40.17 19.16
C LEU A 202 -52.67 41.52 18.84
N SER A 203 -52.12 42.15 19.88
CA SER A 203 -51.54 43.50 19.79
C SER A 203 -50.47 43.65 18.71
N TRP A 204 -49.94 42.52 18.24
CA TRP A 204 -49.00 42.52 17.12
C TRP A 204 -49.65 42.98 15.78
N ILE A 205 -50.97 42.85 15.66
CA ILE A 205 -51.66 43.16 14.40
C ILE A 205 -51.92 44.67 14.22
N PRO A 206 -52.28 45.38 15.32
CA PRO A 206 -52.23 46.84 15.28
C PRO A 206 -50.83 47.41 15.09
N SER A 207 -49.81 46.69 15.56
CA SER A 207 -48.43 47.16 15.49
C SER A 207 -47.94 47.41 14.08
N ASN A 208 -46.97 48.30 13.98
CA ASN A 208 -46.40 48.72 12.69
C ASN A 208 -45.05 48.04 12.40
N ASN A 209 -44.81 46.93 13.09
CA ASN A 209 -43.63 46.09 12.86
C ASN A 209 -43.96 44.96 11.88
N HIS A 210 -43.58 45.14 10.62
CA HIS A 210 -44.01 44.22 9.55
C HIS A 210 -43.94 42.74 9.91
N GLN A 211 -42.93 42.33 10.67
CA GLN A 211 -42.83 40.95 11.13
C GLN A 211 -43.97 40.63 12.08
N LEU A 212 -44.12 41.43 13.13
CA LEU A 212 -45.20 41.22 14.12
C LEU A 212 -46.58 41.15 13.51
N GLN A 213 -46.82 41.97 12.50
CA GLN A 213 -48.06 41.90 11.72
C GLN A 213 -48.20 40.49 11.16
N LEU A 214 -47.15 40.03 10.50
CA LEU A 214 -47.13 38.69 9.92
C LEU A 214 -47.37 37.59 10.95
N ALA A 215 -46.56 37.59 12.00
CA ALA A 215 -46.69 36.61 13.09
C ALA A 215 -48.11 36.60 13.65
N GLY A 216 -48.59 37.79 14.00
CA GLY A 216 -49.92 37.95 14.59
C GLY A 216 -51.03 37.33 13.76
N ALA A 217 -51.07 37.71 12.49
CA ALA A 217 -52.06 37.17 11.55
C ALA A 217 -51.99 35.64 11.51
N LEU A 218 -50.77 35.11 11.40
CA LEU A 218 -50.54 33.67 11.33
C LEU A 218 -50.93 33.00 12.64
N ALA A 219 -50.47 33.56 13.75
CA ALA A 219 -50.88 33.10 15.09
C ALA A 219 -52.40 33.01 15.19
N ILE A 220 -53.08 34.10 14.86
CA ILE A 220 -54.54 34.15 14.88
C ILE A 220 -55.11 32.99 14.09
N ALA A 221 -54.73 32.91 12.82
CA ALA A 221 -55.22 31.84 11.95
C ALA A 221 -55.01 30.45 12.56
N ASN A 222 -53.89 30.25 13.24
CA ASN A 222 -53.60 28.98 13.93
C ASN A 222 -54.44 28.77 15.19
N PHE A 223 -54.71 29.85 15.91
CA PHE A 223 -55.70 29.81 17.00
C PHE A 223 -57.07 29.40 16.41
N ALA A 224 -57.40 30.05 15.29
CA ALA A 224 -58.65 29.82 14.58
C ALA A 224 -58.64 28.49 13.82
N ARG A 225 -58.67 27.38 14.57
CA ARG A 225 -58.65 26.03 13.96
C ARG A 225 -59.68 25.03 14.53
N ASN A 226 -60.68 25.55 15.21
CA ASN A 226 -61.85 24.78 15.59
C ASN A 226 -63.04 25.73 15.70
N ASP A 227 -64.24 25.21 15.49
CA ASP A 227 -65.45 26.03 15.45
C ASP A 227 -65.49 26.99 16.63
N ALA A 228 -65.41 26.43 17.84
CA ALA A 228 -65.62 27.18 19.11
C ALA A 228 -64.69 28.37 19.30
N ASN A 229 -63.42 28.18 18.96
CA ASN A 229 -62.43 29.26 19.01
C ASN A 229 -62.75 30.36 18.02
N CYS A 230 -63.05 29.98 16.79
CA CYS A 230 -63.37 30.95 15.73
C CYS A 230 -64.60 31.81 16.04
N ILE A 231 -65.59 31.21 16.68
CA ILE A 231 -66.79 31.93 17.13
C ILE A 231 -66.40 32.99 18.15
N HIS A 232 -65.80 32.52 19.23
CA HIS A 232 -65.36 33.36 20.35
C HIS A 232 -64.35 34.47 19.98
N MET A 233 -63.77 34.39 18.78
CA MET A 233 -62.90 35.44 18.25
C MET A 233 -63.69 36.45 17.44
N VAL A 234 -64.56 35.98 16.55
CA VAL A 234 -65.36 36.88 15.71
C VAL A 234 -66.17 37.83 16.58
N ASP A 235 -66.74 37.29 17.66
CA ASP A 235 -67.53 38.06 18.64
C ASP A 235 -66.73 39.09 19.45
N ASN A 236 -65.43 38.88 19.60
CA ASN A 236 -64.55 39.85 20.30
C ASN A 236 -63.72 40.76 19.36
N GLY A 237 -64.20 40.92 18.13
CA GLY A 237 -63.65 41.92 17.20
C GLY A 237 -62.26 41.66 16.63
N ILE A 238 -61.99 40.38 16.34
CA ILE A 238 -60.75 39.98 15.65
C ILE A 238 -60.90 40.27 14.17
N VAL A 239 -62.12 40.08 13.67
CA VAL A 239 -62.41 40.24 12.24
C VAL A 239 -62.15 41.68 11.82
N GLU A 240 -62.49 42.60 12.72
CA GLU A 240 -62.37 44.03 12.47
C GLU A 240 -60.88 44.41 12.41
N LYS A 241 -60.11 43.89 13.37
CA LYS A 241 -58.65 44.15 13.44
C LYS A 241 -57.88 43.63 12.22
N LEU A 242 -58.30 42.49 11.68
CA LEU A 242 -57.65 41.91 10.50
C LEU A 242 -57.89 42.75 9.24
N MET A 243 -59.08 43.33 9.14
CA MET A 243 -59.40 44.21 8.00
C MET A 243 -58.57 45.48 8.01
N ASP A 244 -58.30 46.01 9.21
CA ASP A 244 -57.43 47.19 9.37
C ASP A 244 -56.03 46.91 8.84
N LEU A 245 -55.56 45.69 9.08
CA LEU A 245 -54.26 45.24 8.58
C LEU A 245 -54.27 45.12 7.06
N LEU A 246 -55.33 44.54 6.52
CA LEU A 246 -55.47 44.43 5.06
C LEU A 246 -55.53 45.81 4.41
N ASP A 247 -56.37 46.68 4.98
CA ASP A 247 -56.52 48.07 4.47
C ASP A 247 -55.20 48.83 4.49
N ARG A 248 -54.31 48.48 5.40
CA ARG A 248 -52.96 49.06 5.40
C ARG A 248 -52.09 48.60 4.24
N HIS A 249 -52.23 47.35 3.82
CA HIS A 249 -51.35 46.76 2.79
C HIS A 249 -52.01 46.62 1.41
N VAL A 250 -52.88 47.55 1.02
CA VAL A 250 -53.65 47.41 -0.22
C VAL A 250 -52.88 47.74 -1.48
N GLU A 251 -52.29 48.93 -1.53
CA GLU A 251 -51.69 49.38 -2.79
C GLU A 251 -50.34 48.74 -3.04
N ASP A 252 -49.63 48.51 -1.95
CA ASP A 252 -48.30 47.93 -1.93
C ASP A 252 -47.98 47.83 -0.44
N GLY A 253 -47.34 46.76 0.01
CA GLY A 253 -46.79 45.77 -0.86
C GLY A 253 -46.49 44.44 -0.21
N ASN A 254 -46.78 44.27 1.08
CA ASN A 254 -46.22 43.12 1.75
C ASN A 254 -47.21 42.00 1.51
N VAL A 255 -46.87 41.18 0.54
CA VAL A 255 -47.73 40.11 0.06
C VAL A 255 -47.84 39.03 1.12
N THR A 256 -46.68 38.67 1.67
CA THR A 256 -46.59 37.78 2.82
C THR A 256 -47.66 38.06 3.91
N VAL A 257 -47.92 39.34 4.20
CA VAL A 257 -48.88 39.74 5.25
C VAL A 257 -50.34 39.71 4.77
N GLN A 258 -50.56 40.17 3.53
CA GLN A 258 -51.86 40.03 2.88
C GLN A 258 -52.36 38.60 3.10
N HIS A 259 -51.54 37.67 2.64
CA HIS A 259 -51.80 36.23 2.76
C HIS A 259 -52.17 35.82 4.18
N ALA A 260 -51.29 36.13 5.12
CA ALA A 260 -51.45 35.69 6.51
C ALA A 260 -52.79 36.14 7.10
N ALA A 261 -53.14 37.39 6.79
CA ALA A 261 -54.39 37.99 7.27
C ALA A 261 -55.62 37.35 6.63
N LEU A 262 -55.59 37.26 5.29
CA LEU A 262 -56.62 36.54 4.52
C LEU A 262 -56.81 35.11 5.02
N SER A 263 -55.69 34.42 5.18
CA SER A 263 -55.65 33.04 5.65
C SER A 263 -56.37 32.83 6.99
N ALA A 264 -56.25 33.82 7.87
CA ALA A 264 -56.99 33.81 9.13
C ALA A 264 -58.50 34.00 8.91
N LEU A 265 -58.87 34.96 8.07
CA LEU A 265 -60.29 35.24 7.80
C LEU A 265 -60.98 33.96 7.28
N ARG A 266 -60.38 33.39 6.24
CA ARG A 266 -60.77 32.08 5.69
C ARG A 266 -61.15 31.09 6.79
N ASN A 267 -60.28 30.92 7.77
CA ASN A 267 -60.57 30.05 8.92
C ASN A 267 -61.70 30.54 9.81
N LEU A 268 -61.72 31.83 10.10
CA LEU A 268 -62.76 32.40 10.97
C LEU A 268 -64.16 32.29 10.36
N ALA A 269 -64.20 32.16 9.02
CA ALA A 269 -65.45 32.03 8.26
C ALA A 269 -65.86 30.58 7.97
N ILE A 270 -65.23 29.62 8.64
CA ILE A 270 -65.60 28.20 8.51
C ILE A 270 -66.99 27.92 9.11
N PRO A 271 -67.17 28.21 10.43
CA PRO A 271 -68.42 27.79 11.03
C PRO A 271 -69.59 28.65 10.56
N VAL A 272 -70.77 28.03 10.48
CA VAL A 272 -71.95 28.65 9.85
C VAL A 272 -72.36 29.95 10.56
N ILE A 273 -72.22 29.91 11.88
CA ILE A 273 -72.59 31.03 12.76
C ILE A 273 -71.86 32.32 12.37
N ASN A 274 -70.54 32.22 12.17
CA ASN A 274 -69.72 33.39 11.80
C ASN A 274 -69.91 33.91 10.38
N LYS A 275 -70.43 33.08 9.50
CA LYS A 275 -70.55 33.45 8.08
C LYS A 275 -71.37 34.73 7.94
N ALA A 276 -72.53 34.71 8.60
CA ALA A 276 -73.40 35.89 8.69
C ALA A 276 -72.63 37.08 9.28
N LYS A 277 -72.18 36.91 10.52
CA LYS A 277 -71.56 37.98 11.32
C LYS A 277 -70.42 38.71 10.58
N MET A 278 -69.69 37.99 9.75
CA MET A 278 -68.55 38.57 9.03
C MET A 278 -68.99 39.38 7.82
N LEU A 279 -70.09 38.97 7.18
CA LEU A 279 -70.62 39.72 6.05
C LEU A 279 -71.11 41.09 6.48
N SER A 280 -71.79 41.13 7.63
CA SER A 280 -72.27 42.38 8.25
C SER A 280 -71.14 43.37 8.57
N ALA A 281 -70.01 42.83 9.05
CA ALA A 281 -68.81 43.63 9.32
C ALA A 281 -68.12 44.09 8.02
N GLY A 282 -68.41 43.39 6.92
CA GLY A 282 -68.01 43.80 5.57
C GLY A 282 -66.69 43.22 5.07
N VAL A 283 -66.44 41.96 5.41
CA VAL A 283 -65.20 41.29 5.04
C VAL A 283 -65.17 41.13 3.53
N THR A 284 -66.31 40.74 2.97
CA THR A 284 -66.43 40.57 1.53
C THR A 284 -65.92 41.78 0.75
N GLU A 285 -66.19 42.99 1.25
CA GLU A 285 -65.68 44.23 0.62
C GLU A 285 -64.16 44.32 0.69
N ALA A 286 -63.64 44.34 1.93
CA ALA A 286 -62.20 44.50 2.20
C ALA A 286 -61.34 43.44 1.50
N VAL A 287 -61.86 42.21 1.44
CA VAL A 287 -61.18 41.09 0.79
C VAL A 287 -61.07 41.33 -0.72
N LEU A 288 -62.14 41.82 -1.33
CA LEU A 288 -62.17 42.03 -2.79
C LEU A 288 -61.16 43.06 -3.32
N LYS A 289 -60.64 43.91 -2.44
CA LYS A 289 -59.60 44.88 -2.80
C LYS A 289 -58.32 44.22 -3.37
N PHE A 290 -58.11 42.95 -3.03
CA PHE A 290 -56.98 42.18 -3.56
C PHE A 290 -57.36 41.28 -4.74
N LEU A 291 -58.44 41.63 -5.45
CA LEU A 291 -58.75 40.94 -6.70
C LEU A 291 -57.64 41.16 -7.71
N LYS A 292 -57.16 42.39 -7.76
CA LYS A 292 -56.07 42.78 -8.66
C LYS A 292 -54.75 42.03 -8.42
N SER A 293 -54.53 41.56 -7.19
CA SER A 293 -53.26 40.92 -6.82
C SER A 293 -52.87 39.81 -7.80
N GLU A 294 -51.61 39.75 -8.17
CA GLU A 294 -51.08 38.74 -9.10
C GLU A 294 -50.29 37.65 -8.37
N MET A 295 -50.48 37.57 -7.05
CA MET A 295 -49.77 36.61 -6.20
C MET A 295 -50.66 35.42 -5.85
N PRO A 296 -50.35 34.24 -6.42
CA PRO A 296 -51.30 33.12 -6.32
C PRO A 296 -51.76 32.78 -4.89
N PRO A 297 -50.83 32.72 -3.92
CA PRO A 297 -51.23 32.49 -2.51
C PRO A 297 -52.21 33.52 -1.94
N VAL A 298 -52.10 34.76 -2.38
CA VAL A 298 -53.05 35.83 -2.01
C VAL A 298 -54.37 35.61 -2.76
N GLN A 299 -54.26 35.28 -4.05
CA GLN A 299 -55.42 34.93 -4.88
C GLN A 299 -56.19 33.75 -4.27
N PHE A 300 -55.45 32.79 -3.74
CA PHE A 300 -56.02 31.56 -3.19
C PHE A 300 -56.88 31.81 -1.98
N LYS A 301 -56.29 32.46 -0.98
CA LYS A 301 -56.98 32.72 0.28
C LYS A 301 -58.05 33.81 0.16
N LEU A 302 -57.95 34.63 -0.89
CA LEU A 302 -59.07 35.51 -1.29
C LEU A 302 -60.27 34.62 -1.66
N LEU A 303 -60.09 33.82 -2.70
CA LEU A 303 -61.12 32.90 -3.21
C LEU A 303 -61.65 31.92 -2.16
N GLY A 304 -60.77 31.54 -1.24
CA GLY A 304 -61.16 30.70 -0.12
C GLY A 304 -62.17 31.43 0.74
N THR A 305 -61.80 32.62 1.20
CA THR A 305 -62.62 33.39 2.13
C THR A 305 -63.99 33.77 1.50
N LEU A 306 -64.01 34.09 0.21
CA LEU A 306 -65.28 34.32 -0.47
C LEU A 306 -66.18 33.07 -0.40
N ARG A 307 -65.64 31.91 -0.77
CA ARG A 307 -66.43 30.68 -0.86
C ARG A 307 -67.00 30.25 0.51
N MET A 308 -66.26 30.53 1.57
CA MET A 308 -66.74 30.25 2.94
C MET A 308 -67.80 31.24 3.41
N LEU A 309 -67.65 32.49 3.02
CA LEU A 309 -68.61 33.54 3.43
C LEU A 309 -69.99 33.31 2.81
N ILE A 310 -70.06 32.71 1.62
CA ILE A 310 -71.35 32.58 0.92
C ILE A 310 -72.10 31.25 1.12
N ASP A 311 -71.57 30.37 1.95
CA ASP A 311 -72.00 28.97 1.95
C ASP A 311 -73.50 28.76 2.20
N ALA A 312 -74.00 29.26 3.32
CA ALA A 312 -75.44 29.17 3.63
C ALA A 312 -76.16 30.45 3.23
N GLN A 313 -75.38 31.49 2.93
CA GLN A 313 -75.90 32.85 2.72
C GLN A 313 -76.24 33.07 1.25
N ALA A 314 -77.53 33.19 0.95
CA ALA A 314 -77.98 33.34 -0.44
C ALA A 314 -77.85 34.79 -0.93
N GLU A 315 -78.33 35.73 -0.12
CA GLU A 315 -78.36 37.14 -0.54
C GLU A 315 -76.95 37.71 -0.76
N ALA A 316 -76.00 37.27 0.06
CA ALA A 316 -74.59 37.62 -0.11
C ALA A 316 -74.07 37.12 -1.46
N ALA A 317 -74.44 35.88 -1.80
CA ALA A 317 -74.04 35.27 -3.07
C ALA A 317 -74.66 35.97 -4.28
N GLU A 318 -75.87 36.49 -4.11
CA GLU A 318 -76.57 37.21 -5.18
C GLU A 318 -75.82 38.48 -5.59
N GLN A 319 -75.25 39.19 -4.61
CA GLN A 319 -74.46 40.40 -4.90
C GLN A 319 -73.11 40.04 -5.49
N LEU A 320 -72.45 39.03 -4.93
CA LEU A 320 -71.14 38.62 -5.43
C LEU A 320 -71.23 38.06 -6.83
N GLY A 321 -72.35 37.39 -7.14
CA GLY A 321 -72.57 36.87 -8.48
C GLY A 321 -72.79 37.99 -9.48
N LYS A 322 -73.62 38.96 -9.09
CA LYS A 322 -73.92 40.15 -9.91
C LYS A 322 -72.70 41.04 -10.16
N ASN A 323 -71.81 41.10 -9.17
CA ASN A 323 -70.52 41.80 -9.28
C ASN A 323 -69.72 41.36 -10.50
N VAL A 324 -69.74 42.16 -11.56
CA VAL A 324 -69.10 41.78 -12.84
C VAL A 324 -67.57 41.85 -12.75
N LYS A 325 -67.07 42.82 -11.97
CA LYS A 325 -65.63 42.93 -11.70
C LYS A 325 -65.05 41.57 -11.30
N LEU A 326 -65.69 40.95 -10.30
CA LEU A 326 -65.28 39.65 -9.72
C LEU A 326 -65.37 38.51 -10.74
N VAL A 327 -66.59 38.25 -11.21
CA VAL A 327 -66.89 37.11 -12.11
C VAL A 327 -65.95 37.08 -13.32
N GLU A 328 -65.61 38.26 -13.84
CA GLU A 328 -64.68 38.38 -14.97
C GLU A 328 -63.28 37.93 -14.58
N ARG A 329 -62.84 38.29 -13.37
CA ARG A 329 -61.56 37.81 -12.84
C ARG A 329 -61.54 36.28 -12.67
N LEU A 330 -62.68 35.71 -12.27
CA LEU A 330 -62.78 34.26 -12.06
C LEU A 330 -62.62 33.49 -13.38
N VAL A 331 -63.34 33.93 -14.41
CA VAL A 331 -63.22 33.32 -15.74
C VAL A 331 -61.80 33.51 -16.30
N GLU A 332 -61.15 34.61 -15.88
CA GLU A 332 -59.75 34.86 -16.22
C GLU A 332 -58.83 33.83 -15.55
N TRP A 333 -59.07 33.57 -14.28
CA TRP A 333 -58.27 32.61 -13.52
C TRP A 333 -58.49 31.16 -13.92
N CYS A 334 -59.75 30.82 -14.21
CA CYS A 334 -60.08 29.48 -14.72
C CYS A 334 -59.27 29.14 -15.98
N GLU A 335 -59.04 30.14 -16.83
CA GLU A 335 -58.42 29.94 -18.15
C GLU A 335 -56.88 30.01 -18.13
N ALA A 336 -56.31 30.41 -16.99
CA ALA A 336 -54.86 30.29 -16.78
C ALA A 336 -54.49 28.82 -16.56
N LYS A 337 -53.61 28.29 -17.42
CA LYS A 337 -53.22 26.88 -17.39
C LYS A 337 -52.61 26.51 -16.03
N ASP A 338 -51.62 27.27 -15.61
CA ASP A 338 -51.12 27.24 -14.22
C ASP A 338 -52.17 27.98 -13.37
N HIS A 339 -52.19 27.81 -12.04
CA HIS A 339 -51.11 27.21 -11.26
C HIS A 339 -51.02 25.68 -11.04
N ALA A 340 -52.10 24.94 -10.80
CA ALA A 340 -53.49 25.36 -10.91
C ALA A 340 -54.18 25.20 -9.56
N GLY A 341 -53.50 25.62 -8.49
CA GLY A 341 -54.11 25.63 -7.16
C GLY A 341 -55.23 26.66 -7.10
N VAL A 342 -54.94 27.84 -7.65
CA VAL A 342 -55.87 28.96 -7.69
C VAL A 342 -56.96 28.77 -8.75
N MET A 343 -56.63 28.04 -9.82
CA MET A 343 -57.60 27.72 -10.87
C MET A 343 -58.75 26.92 -10.30
N GLY A 344 -58.43 25.94 -9.46
CA GLY A 344 -59.44 25.08 -8.85
C GLY A 344 -60.39 25.86 -7.96
N GLU A 345 -59.83 26.54 -6.97
CA GLU A 345 -60.61 27.33 -5.99
C GLU A 345 -61.52 28.33 -6.68
N SER A 346 -61.01 28.92 -7.76
CA SER A 346 -61.78 29.86 -8.60
C SER A 346 -62.95 29.16 -9.27
N ASN A 347 -62.65 28.03 -9.91
CA ASN A 347 -63.65 27.28 -10.65
C ASN A 347 -64.82 26.85 -9.74
N ARG A 348 -64.50 26.47 -8.49
CA ARG A 348 -65.51 26.08 -7.50
C ARG A 348 -66.40 27.22 -7.03
N LEU A 349 -65.82 28.43 -6.94
CA LEU A 349 -66.57 29.64 -6.58
C LEU A 349 -67.60 30.01 -7.64
N LEU A 350 -67.24 29.90 -8.91
CA LEU A 350 -68.20 30.07 -10.03
C LEU A 350 -69.45 29.22 -9.85
N SER A 351 -69.23 27.94 -9.57
CA SER A 351 -70.30 27.02 -9.22
C SER A 351 -71.05 27.53 -7.99
N ALA A 352 -70.29 27.83 -6.93
CA ALA A 352 -70.84 28.25 -5.62
C ALA A 352 -71.69 29.53 -5.67
N LEU A 353 -71.35 30.45 -6.57
CA LEU A 353 -72.14 31.67 -6.76
C LEU A 353 -73.54 31.32 -7.26
N ILE A 354 -73.58 30.50 -8.31
CA ILE A 354 -74.85 30.01 -8.87
C ILE A 354 -75.62 29.22 -7.82
N ARG A 355 -74.97 28.21 -7.25
CA ARG A 355 -75.66 27.21 -6.41
C ARG A 355 -76.34 27.78 -5.18
N HIS A 356 -75.70 28.75 -4.53
CA HIS A 356 -76.23 29.31 -3.27
C HIS A 356 -77.24 30.44 -3.48
N SER A 357 -76.98 31.30 -4.46
CA SER A 357 -77.88 32.41 -4.77
C SER A 357 -79.13 31.94 -5.52
N LYS A 358 -78.94 30.97 -6.41
CA LYS A 358 -80.01 30.46 -7.28
C LYS A 358 -80.68 31.60 -8.06
N SER A 359 -79.88 32.62 -8.39
CA SER A 359 -80.37 33.82 -9.03
C SER A 359 -80.23 33.74 -10.55
N LYS A 360 -81.27 34.20 -11.26
CA LYS A 360 -81.27 34.24 -12.72
C LYS A 360 -80.26 35.27 -13.20
N ASP A 361 -80.11 36.34 -12.42
CA ASP A 361 -79.17 37.41 -12.72
C ASP A 361 -77.72 36.93 -12.66
N VAL A 362 -77.36 36.26 -11.56
CA VAL A 362 -75.97 35.80 -11.38
C VAL A 362 -75.60 34.79 -12.46
N ILE A 363 -76.57 34.01 -12.92
CA ILE A 363 -76.37 33.08 -14.04
C ILE A 363 -76.08 33.87 -15.31
N LYS A 364 -76.92 34.85 -15.62
CA LYS A 364 -76.73 35.70 -16.81
C LYS A 364 -75.38 36.44 -16.79
N THR A 365 -74.92 36.81 -15.60
CA THR A 365 -73.58 37.42 -15.43
C THR A 365 -72.49 36.44 -15.87
N ILE A 366 -72.59 35.21 -15.37
CA ILE A 366 -71.56 34.18 -15.60
C ILE A 366 -71.56 33.68 -17.05
N VAL A 367 -72.74 33.48 -17.63
CA VAL A 367 -72.82 33.00 -19.02
C VAL A 367 -72.22 34.05 -19.97
N GLN A 368 -72.44 35.32 -19.65
CA GLN A 368 -71.88 36.44 -20.41
C GLN A 368 -70.38 36.60 -20.27
N SER A 369 -69.87 36.38 -19.06
CA SER A 369 -68.42 36.39 -18.80
C SER A 369 -67.71 35.21 -19.45
N GLY A 370 -68.48 34.20 -19.84
CA GLY A 370 -68.00 33.03 -20.57
C GLY A 370 -67.70 31.85 -19.67
N GLY A 371 -68.42 31.77 -18.55
CA GLY A 371 -68.11 30.82 -17.48
C GLY A 371 -68.70 29.43 -17.64
N ILE A 372 -69.58 29.26 -18.63
CA ILE A 372 -70.21 27.96 -18.84
C ILE A 372 -69.18 26.89 -19.19
N LYS A 373 -68.33 27.18 -20.19
CA LYS A 373 -67.29 26.24 -20.65
C LYS A 373 -66.37 25.70 -19.55
N HIS A 374 -66.22 26.48 -18.47
CA HIS A 374 -65.41 26.07 -17.31
C HIS A 374 -66.16 25.16 -16.35
N LEU A 375 -67.39 25.54 -16.00
CA LEU A 375 -68.29 24.69 -15.21
C LEU A 375 -68.50 23.32 -15.87
N VAL A 376 -68.54 23.31 -17.20
CA VAL A 376 -68.65 22.05 -17.94
C VAL A 376 -67.41 21.17 -17.79
N THR A 377 -66.23 21.75 -18.01
CA THR A 377 -64.98 20.98 -17.85
C THR A 377 -64.70 20.59 -16.38
N MET A 378 -65.28 21.33 -15.44
CA MET A 378 -65.20 20.97 -14.02
C MET A 378 -66.05 19.73 -13.71
N ALA A 379 -67.07 19.49 -14.52
CA ALA A 379 -67.90 18.29 -14.39
C ALA A 379 -67.12 17.00 -14.72
N THR A 380 -65.97 17.15 -15.38
CA THR A 380 -65.06 16.04 -15.65
C THR A 380 -63.81 16.07 -14.77
N SER A 381 -63.98 16.53 -13.53
CA SER A 381 -62.87 16.64 -12.57
C SER A 381 -62.66 15.32 -11.83
N GLU A 382 -61.41 15.04 -11.46
CA GLU A 382 -61.07 13.79 -10.76
C GLU A 382 -61.64 13.73 -9.33
N HIS A 383 -61.86 14.90 -8.73
CA HIS A 383 -62.48 14.99 -7.40
C HIS A 383 -63.97 14.96 -7.57
N VAL A 384 -64.64 14.04 -6.86
CA VAL A 384 -66.06 13.81 -7.06
C VAL A 384 -66.92 14.91 -6.45
N ILE A 385 -66.40 15.64 -5.46
CA ILE A 385 -67.19 16.72 -4.85
C ILE A 385 -67.36 17.81 -5.89
N MET A 386 -66.27 18.20 -6.51
CA MET A 386 -66.28 19.21 -7.58
C MET A 386 -67.16 18.76 -8.76
N GLN A 387 -67.12 17.47 -9.08
CA GLN A 387 -67.89 16.96 -10.20
C GLN A 387 -69.30 17.49 -10.14
N ASN A 388 -70.05 17.08 -9.12
CA ASN A 388 -71.48 17.38 -9.09
C ASN A 388 -71.77 18.83 -8.71
N GLU A 389 -70.81 19.52 -8.08
CA GLU A 389 -70.90 20.97 -7.92
C GLU A 389 -71.07 21.66 -9.28
N ALA A 390 -70.31 21.18 -10.26
CA ALA A 390 -70.49 21.62 -11.65
C ALA A 390 -71.85 21.21 -12.20
N LEU A 391 -72.20 19.94 -12.02
CA LEU A 391 -73.47 19.40 -12.49
C LEU A 391 -74.69 20.08 -11.87
N VAL A 392 -74.61 20.40 -10.59
CA VAL A 392 -75.69 21.08 -9.88
C VAL A 392 -75.81 22.54 -10.31
N ALA A 393 -74.68 23.22 -10.42
CA ALA A 393 -74.64 24.57 -10.98
C ALA A 393 -75.13 24.60 -12.45
N LEU A 394 -74.87 23.51 -13.18
CA LEU A 394 -75.41 23.31 -14.54
C LEU A 394 -76.89 22.94 -14.52
N ALA A 395 -77.32 22.17 -13.54
CA ALA A 395 -78.74 21.91 -13.33
C ALA A 395 -79.51 23.22 -13.12
N LEU A 396 -79.00 24.08 -12.23
CA LEU A 396 -79.59 25.41 -12.00
C LEU A 396 -79.61 26.24 -13.29
N ILE A 397 -78.48 26.32 -13.97
CA ILE A 397 -78.37 27.03 -15.26
C ILE A 397 -79.48 26.63 -16.25
N ALA A 398 -79.78 25.33 -16.31
CA ALA A 398 -80.77 24.80 -17.27
C ALA A 398 -82.21 25.02 -16.83
N ALA A 399 -82.47 24.81 -15.54
CA ALA A 399 -83.81 25.01 -14.99
C ALA A 399 -84.26 26.46 -15.10
N LEU A 400 -83.37 27.38 -14.77
CA LEU A 400 -83.71 28.80 -14.66
C LEU A 400 -83.57 29.55 -15.98
N GLU A 401 -82.40 29.46 -16.60
CA GLU A 401 -82.04 30.34 -17.73
C GLU A 401 -81.42 29.57 -18.90
N LEU A 402 -82.14 28.56 -19.37
CA LEU A 402 -81.66 27.68 -20.46
C LEU A 402 -81.48 28.39 -21.81
N GLY A 403 -82.31 29.40 -22.07
CA GLY A 403 -82.25 30.14 -23.33
C GLY A 403 -80.94 30.87 -23.50
N THR A 404 -80.63 31.72 -22.53
CA THR A 404 -79.39 32.52 -22.53
C THR A 404 -78.12 31.67 -22.52
N ALA A 405 -78.22 30.44 -22.02
CA ALA A 405 -77.08 29.53 -21.91
C ALA A 405 -76.88 28.57 -23.10
N GLU A 406 -77.96 28.15 -23.73
CA GLU A 406 -77.90 26.99 -24.67
C GLU A 406 -76.85 27.09 -25.79
N LYS A 407 -76.58 28.30 -26.27
CA LYS A 407 -75.60 28.48 -27.36
C LYS A 407 -74.17 28.15 -26.89
N ASP A 408 -73.77 28.71 -25.75
CA ASP A 408 -72.46 28.39 -25.13
C ASP A 408 -72.34 26.92 -24.67
N LEU A 409 -73.48 26.30 -24.36
CA LEU A 409 -73.52 24.92 -23.88
C LEU A 409 -73.18 23.89 -24.96
N GLU A 410 -73.68 24.11 -26.17
CA GLU A 410 -73.29 23.27 -27.32
C GLU A 410 -71.79 23.44 -27.60
N SER A 411 -71.32 24.69 -27.55
CA SER A 411 -69.88 25.01 -27.73
C SER A 411 -69.01 24.17 -26.82
N ALA A 412 -69.42 24.06 -25.56
CA ALA A 412 -68.67 23.35 -24.53
C ALA A 412 -68.68 21.82 -24.67
N LYS A 413 -69.60 21.29 -25.47
CA LYS A 413 -69.74 19.83 -25.70
C LYS A 413 -70.27 19.13 -24.44
N LEU A 414 -71.26 19.75 -23.79
CA LEU A 414 -71.79 19.25 -22.50
C LEU A 414 -72.57 17.95 -22.70
N VAL A 415 -73.43 17.93 -23.72
CA VAL A 415 -74.19 16.72 -24.10
C VAL A 415 -73.28 15.50 -24.28
N GLN A 416 -72.17 15.69 -24.99
CA GLN A 416 -71.20 14.62 -25.25
C GLN A 416 -70.56 14.11 -23.95
N ILE A 417 -70.25 15.04 -23.04
CA ILE A 417 -69.66 14.69 -21.75
C ILE A 417 -70.64 13.89 -20.89
N LEU A 418 -71.92 14.27 -20.89
CA LEU A 418 -72.91 13.59 -20.02
C LEU A 418 -73.11 12.11 -20.39
N HIS A 419 -73.10 11.80 -21.69
CA HIS A 419 -73.18 10.39 -22.14
C HIS A 419 -71.99 9.59 -21.65
N ARG A 420 -70.80 10.15 -21.86
CA ARG A 420 -69.56 9.59 -21.31
C ARG A 420 -69.61 9.36 -19.81
N LEU A 421 -70.19 10.33 -19.11
CA LEU A 421 -70.34 10.28 -17.64
C LEU A 421 -71.22 9.12 -17.19
N LEU A 422 -72.30 8.88 -17.94
CA LEU A 422 -73.34 7.93 -17.55
C LEU A 422 -73.06 6.49 -18.03
N ALA A 423 -71.89 6.22 -18.63
CA ALA A 423 -71.39 4.86 -18.82
C ALA A 423 -70.05 4.94 -18.08
N ASP A 424 -70.13 4.50 -16.83
CA ASP A 424 -69.33 5.06 -15.78
C ASP A 424 -68.57 4.01 -15.03
N GLU A 425 -67.37 4.36 -14.56
CA GLU A 425 -66.56 3.46 -13.78
C GLU A 425 -66.02 4.05 -12.43
N ARG A 426 -66.87 4.66 -11.56
CA ARG A 426 -68.19 5.26 -11.85
C ARG A 426 -68.54 6.28 -10.72
N SER A 427 -69.82 6.65 -10.58
CA SER A 427 -70.30 7.38 -9.38
C SER A 427 -71.82 7.21 -9.18
N ALA A 428 -72.37 7.49 -7.98
CA ALA A 428 -73.82 7.76 -7.89
C ALA A 428 -74.19 9.21 -8.31
N PRO A 429 -73.19 10.10 -8.37
CA PRO A 429 -73.27 11.42 -9.08
C PRO A 429 -73.84 11.33 -10.51
N GLU A 430 -73.92 10.13 -11.06
CA GLU A 430 -74.55 9.94 -12.36
C GLU A 430 -76.02 10.29 -12.29
N ILE A 431 -76.64 10.23 -11.11
CA ILE A 431 -78.06 10.63 -11.02
C ILE A 431 -78.26 12.02 -11.45
N LYS A 432 -77.56 12.97 -10.81
CA LYS A 432 -77.79 14.39 -11.08
C LYS A 432 -77.44 14.64 -12.54
N TYR A 433 -76.56 13.84 -13.19
CA TYR A 433 -76.35 14.03 -14.62
C TYR A 433 -77.61 13.65 -15.42
N ASN A 434 -78.26 12.53 -15.04
CA ASN A 434 -79.52 12.08 -15.69
C ASN A 434 -80.69 13.07 -15.49
N SER A 435 -80.54 13.99 -14.53
CA SER A 435 -81.46 15.12 -14.36
C SER A 435 -81.10 16.32 -15.24
N MET A 436 -79.81 16.68 -15.30
CA MET A 436 -79.33 17.77 -16.18
C MET A 436 -79.55 17.40 -17.66
N VAL A 437 -79.57 16.10 -17.96
CA VAL A 437 -79.94 15.59 -19.29
C VAL A 437 -81.44 15.75 -19.50
N LEU A 438 -82.23 15.27 -18.54
CA LEU A 438 -83.70 15.39 -18.63
C LEU A 438 -84.12 16.85 -18.80
N ILE A 439 -83.46 17.75 -18.06
CA ILE A 439 -83.79 19.19 -18.10
C ILE A 439 -83.25 19.91 -19.34
N CYS A 440 -82.01 19.60 -19.74
CA CYS A 440 -81.43 20.18 -20.97
C CYS A 440 -82.15 19.72 -22.24
N ALA A 441 -82.83 18.58 -22.16
CA ALA A 441 -83.54 17.97 -23.30
C ALA A 441 -84.60 18.87 -23.94
N LEU A 442 -85.17 19.77 -23.14
CA LEU A 442 -86.24 20.66 -23.60
C LEU A 442 -85.72 22.03 -24.07
N MET A 443 -84.71 21.98 -24.94
CA MET A 443 -84.20 23.16 -25.65
C MET A 443 -83.99 22.76 -27.11
N GLY A 444 -84.62 23.45 -28.05
CA GLY A 444 -84.60 23.03 -29.47
C GLY A 444 -83.19 22.94 -30.09
N SER A 445 -82.40 24.02 -29.94
CA SER A 445 -80.96 23.99 -30.27
C SER A 445 -80.26 22.96 -29.39
N GLU A 446 -80.88 22.68 -28.24
CA GLU A 446 -80.40 21.66 -27.33
C GLU A 446 -80.52 20.35 -28.04
N CYS A 447 -80.03 19.32 -27.36
CA CYS A 447 -79.67 18.09 -28.02
C CYS A 447 -80.79 17.45 -28.87
N LEU A 448 -80.41 16.82 -29.99
CA LEU A 448 -79.00 16.52 -30.31
C LEU A 448 -78.38 15.53 -29.31
N HIS A 449 -79.21 15.00 -28.41
CA HIS A 449 -78.88 13.84 -27.58
C HIS A 449 -79.49 12.63 -28.28
N LYS A 450 -80.65 12.85 -28.91
CA LYS A 450 -81.26 11.86 -29.82
C LYS A 450 -80.42 11.64 -31.08
N GLU A 451 -79.67 12.66 -31.50
CA GLU A 451 -78.71 12.53 -32.61
C GLU A 451 -77.35 11.93 -32.15
N VAL A 452 -77.31 11.41 -30.92
CA VAL A 452 -76.07 10.93 -30.25
C VAL A 452 -76.36 9.70 -29.34
N GLN A 453 -77.62 9.27 -29.32
CA GLN A 453 -78.09 7.97 -28.80
C GLN A 453 -77.87 7.59 -27.31
N ASP A 454 -78.38 8.43 -26.40
CA ASP A 454 -78.31 8.17 -24.95
C ASP A 454 -79.30 7.09 -24.45
N LEU A 455 -80.32 6.77 -25.26
CA LEU A 455 -81.41 5.87 -24.85
C LEU A 455 -80.98 4.47 -24.39
N ALA A 456 -79.90 3.96 -24.99
CA ALA A 456 -79.38 2.60 -24.65
C ALA A 456 -78.73 2.54 -23.26
N PHE A 457 -78.04 3.61 -22.88
CA PHE A 457 -77.39 3.73 -21.55
C PHE A 457 -78.40 4.00 -20.42
N LEU A 458 -79.49 4.72 -20.74
CA LEU A 458 -80.47 5.13 -19.72
C LEU A 458 -81.35 3.97 -19.22
N ASP A 459 -81.79 3.11 -20.13
CA ASP A 459 -82.66 1.96 -19.79
C ASP A 459 -81.88 0.84 -19.09
N VAL A 460 -80.57 0.80 -19.31
CA VAL A 460 -79.68 -0.12 -18.57
C VAL A 460 -79.60 0.32 -17.11
N VAL A 461 -79.33 1.60 -16.91
CA VAL A 461 -79.26 2.21 -15.56
C VAL A 461 -80.62 2.22 -14.83
N SER A 462 -81.70 2.17 -15.60
CA SER A 462 -83.07 2.08 -15.04
C SER A 462 -83.30 0.83 -14.19
N LYS A 463 -82.57 -0.25 -14.50
CA LYS A 463 -82.90 -1.58 -14.01
C LYS A 463 -81.71 -2.40 -13.47
N LEU A 464 -80.97 -1.94 -12.45
CA LEU A 464 -80.99 -0.57 -11.88
C LEU A 464 -79.79 -0.49 -10.95
N ARG A 465 -79.31 0.72 -10.66
CA ARG A 465 -78.19 0.88 -9.71
C ARG A 465 -78.62 0.48 -8.28
N SER A 466 -77.65 0.14 -7.45
CA SER A 466 -77.91 -0.20 -6.04
C SER A 466 -78.65 0.93 -5.31
N HIS A 467 -78.42 2.17 -5.72
CA HIS A 467 -79.19 3.34 -5.22
C HIS A 467 -80.63 3.32 -5.74
N GLU A 468 -81.58 3.41 -4.81
CA GLU A 468 -83.00 3.54 -5.13
C GLU A 468 -83.25 4.81 -5.94
N ASN A 469 -82.57 5.89 -5.53
CA ASN A 469 -82.70 7.20 -6.18
C ASN A 469 -82.11 7.22 -7.60
N LYS A 470 -81.02 6.49 -7.80
CA LYS A 470 -80.41 6.34 -9.13
C LYS A 470 -81.34 5.66 -10.13
N SER A 471 -82.15 4.70 -9.66
CA SER A 471 -83.09 3.99 -10.53
C SER A 471 -84.20 4.89 -11.08
N VAL A 472 -84.83 5.67 -10.20
CA VAL A 472 -86.09 6.36 -10.54
C VAL A 472 -85.94 7.43 -11.64
N ALA A 473 -84.99 8.36 -11.46
CA ALA A 473 -84.83 9.48 -12.41
C ALA A 473 -84.39 8.93 -13.74
N GLN A 474 -83.67 7.82 -13.66
CA GLN A 474 -83.23 7.06 -14.82
C GLN A 474 -84.39 6.36 -15.54
N GLN A 475 -85.32 5.80 -14.77
CA GLN A 475 -86.55 5.20 -15.33
C GLN A 475 -87.50 6.28 -15.87
N ALA A 476 -87.53 7.43 -15.20
CA ALA A 476 -88.27 8.63 -15.69
C ALA A 476 -87.59 9.27 -16.91
N SER A 477 -86.25 9.25 -16.92
CA SER A 477 -85.46 9.72 -18.07
C SER A 477 -85.65 8.82 -19.30
N LEU A 478 -85.91 7.52 -19.07
CA LEU A 478 -86.26 6.59 -20.16
C LEU A 478 -87.58 6.98 -20.83
N THR A 479 -88.55 7.37 -20.00
CA THR A 479 -89.86 7.78 -20.51
C THR A 479 -89.88 9.16 -21.18
N GLU A 480 -89.06 10.08 -20.66
CA GLU A 480 -88.92 11.41 -21.28
C GLU A 480 -88.15 11.36 -22.60
N GLN A 481 -87.22 10.41 -22.72
CA GLN A 481 -86.40 10.23 -23.94
C GLN A 481 -87.10 9.45 -25.06
N ARG A 482 -88.17 8.74 -24.74
CA ARG A 482 -88.99 8.02 -25.73
C ARG A 482 -90.18 8.86 -26.24
N LEU A 483 -90.81 9.61 -25.33
CA LEU A 483 -92.08 10.32 -25.61
C LEU A 483 -91.91 11.78 -26.09
N THR A 484 -91.68 12.70 -25.15
CA THR A 484 -91.62 14.13 -25.44
C THR A 484 -90.28 14.71 -24.99
N ASP B 16 10.91 7.64 -11.46
CA ASP B 16 10.51 6.78 -12.63
C ASP B 16 9.94 7.59 -13.81
N ALA B 17 9.46 8.81 -13.61
CA ALA B 17 8.97 9.58 -14.75
C ALA B 17 10.01 9.68 -15.87
N GLY B 18 11.29 9.80 -15.51
CA GLY B 18 12.37 10.08 -16.47
C GLY B 18 12.54 9.03 -17.56
N LEU B 19 12.56 7.77 -17.18
CA LEU B 19 12.57 6.64 -18.15
C LEU B 19 11.35 6.64 -19.02
N ILE B 20 10.22 6.96 -18.41
CA ILE B 20 8.98 6.83 -19.13
C ILE B 20 9.06 7.78 -20.28
N SER B 21 9.48 9.01 -20.00
CA SER B 21 9.51 10.11 -20.96
C SER B 21 10.30 9.74 -22.25
N PRO B 22 11.59 9.31 -22.11
CA PRO B 22 12.18 8.68 -23.28
C PRO B 22 11.48 7.51 -23.93
N LEU B 23 11.00 6.55 -23.14
CA LEU B 23 10.42 5.37 -23.75
C LEU B 23 9.24 5.76 -24.60
N VAL B 24 8.42 6.67 -24.07
CA VAL B 24 7.24 7.09 -24.78
C VAL B 24 7.64 7.82 -26.04
N GLN B 25 8.67 8.67 -25.96
CA GLN B 25 9.14 9.40 -27.14
C GLN B 25 9.59 8.45 -28.23
N LEU B 26 10.18 7.36 -27.76
CA LEU B 26 10.71 6.34 -28.64
C LEU B 26 9.58 5.77 -29.47
N LEU B 27 8.38 5.67 -28.89
CA LEU B 27 7.24 5.10 -29.60
C LEU B 27 6.93 5.82 -30.91
N ASN B 28 7.32 7.08 -31.01
CA ASN B 28 7.08 7.81 -32.25
C ASN B 28 7.98 7.34 -33.39
N SER B 29 8.81 6.31 -33.15
CA SER B 29 9.75 5.82 -34.16
C SER B 29 9.06 5.03 -35.26
N LYS B 30 9.35 5.41 -36.50
CA LYS B 30 9.00 4.64 -37.69
C LYS B 30 9.81 3.35 -37.86
N ASP B 31 10.86 3.16 -37.04
CA ASP B 31 11.69 1.93 -37.11
C ASP B 31 11.04 0.77 -36.32
N GLN B 32 10.89 -0.36 -37.00
CA GLN B 32 10.14 -1.51 -36.47
C GLN B 32 10.86 -2.13 -35.27
N GLU B 33 12.15 -2.34 -35.46
CA GLU B 33 13.04 -2.87 -34.43
C GLU B 33 13.08 -1.99 -33.19
N VAL B 34 13.08 -0.67 -33.39
CA VAL B 34 13.14 0.28 -32.27
C VAL B 34 11.95 0.07 -31.33
N LEU B 35 10.76 -0.01 -31.94
CA LEU B 35 9.51 -0.19 -31.21
C LEU B 35 9.54 -1.48 -30.43
N LEU B 36 9.85 -2.55 -31.15
CA LEU B 36 9.96 -3.89 -30.60
C LEU B 36 10.76 -3.91 -29.29
N GLN B 37 11.88 -3.18 -29.24
CA GLN B 37 12.72 -3.13 -28.04
C GLN B 37 12.17 -2.15 -27.01
N THR B 38 11.85 -0.93 -27.44
CA THR B 38 11.29 0.09 -26.51
C THR B 38 10.02 -0.50 -25.89
N GLY B 39 9.31 -1.29 -26.69
CA GLY B 39 8.20 -2.11 -26.21
C GLY B 39 8.60 -3.12 -25.16
N ARG B 40 9.56 -3.99 -25.52
CA ARG B 40 10.10 -4.98 -24.58
C ARG B 40 10.51 -4.31 -23.27
N ALA B 41 11.07 -3.10 -23.38
CA ALA B 41 11.47 -2.32 -22.22
C ALA B 41 10.26 -1.84 -21.43
N LEU B 42 9.41 -1.04 -22.07
CA LEU B 42 8.16 -0.51 -21.46
C LEU B 42 7.44 -1.67 -20.78
N GLY B 43 7.45 -2.83 -21.44
CA GLY B 43 6.91 -4.08 -20.91
C GLY B 43 7.19 -4.27 -19.42
N ASN B 44 8.44 -4.53 -19.09
CA ASN B 44 8.79 -4.84 -17.72
C ASN B 44 9.31 -3.63 -16.95
N ILE B 45 9.14 -2.41 -17.50
CA ILE B 45 9.12 -1.23 -16.60
C ILE B 45 7.82 -1.20 -15.84
N CYS B 46 6.73 -1.59 -16.49
CA CYS B 46 5.53 -1.89 -15.73
C CYS B 46 4.72 -3.22 -15.91
N TYR B 47 5.28 -4.34 -15.47
CA TYR B 47 4.55 -5.61 -15.48
C TYR B 47 4.01 -5.74 -14.07
N ASP B 48 2.70 -5.97 -13.95
CA ASP B 48 2.03 -6.09 -12.65
C ASP B 48 2.37 -4.88 -11.76
N SER B 49 2.46 -3.70 -12.38
CA SER B 49 2.55 -2.44 -11.64
C SER B 49 1.54 -1.48 -12.25
N HIS B 50 0.32 -1.59 -11.77
CA HIS B 50 -0.81 -0.79 -12.28
C HIS B 50 -0.57 0.70 -12.10
N SER B 51 0.17 1.06 -11.04
CA SER B 51 0.56 2.46 -10.78
C SER B 51 1.21 3.11 -12.01
N LEU B 52 2.19 2.41 -12.57
CA LEU B 52 2.89 2.87 -13.78
C LEU B 52 2.02 2.79 -15.04
N GLN B 53 1.31 1.68 -15.20
CA GLN B 53 0.34 1.52 -16.31
C GLN B 53 -0.64 2.69 -16.37
N ALA B 54 -1.09 3.11 -15.20
CA ALA B 54 -2.05 4.22 -15.06
C ALA B 54 -1.45 5.52 -15.57
N GLN B 55 -0.19 5.74 -15.22
CA GLN B 55 0.53 6.92 -15.70
C GLN B 55 0.73 6.90 -17.23
N LEU B 56 0.93 5.71 -17.79
CA LEU B 56 1.00 5.53 -19.26
C LEU B 56 -0.26 5.96 -19.99
N ILE B 57 -1.41 5.84 -19.33
CA ILE B 57 -2.71 6.26 -19.89
C ILE B 57 -2.74 7.79 -19.99
N ASN B 58 -2.31 8.46 -18.92
CA ASN B 58 -2.22 9.93 -18.86
C ASN B 58 -1.31 10.52 -19.93
N MET B 59 -0.25 9.79 -20.23
CA MET B 59 0.88 10.28 -21.07
C MET B 59 0.55 11.04 -22.37
N GLY B 60 -0.47 10.70 -23.17
CA GLY B 60 -1.28 9.50 -23.07
C GLY B 60 -0.99 8.60 -24.27
N VAL B 61 -0.66 7.36 -23.95
CA VAL B 61 -0.08 6.44 -24.92
C VAL B 61 -1.14 5.72 -25.77
N ILE B 62 -2.35 5.58 -25.21
CA ILE B 62 -3.43 4.77 -25.79
C ILE B 62 -3.73 5.11 -27.24
N PRO B 63 -4.13 6.37 -27.50
CA PRO B 63 -4.33 6.76 -28.90
C PRO B 63 -3.08 6.60 -29.78
N THR B 64 -1.90 6.80 -29.19
CA THR B 64 -0.61 6.58 -29.89
C THR B 64 -0.42 5.12 -30.29
N LEU B 65 -0.79 4.21 -29.39
CA LEU B 65 -0.71 2.75 -29.61
C LEU B 65 -1.70 2.25 -30.65
N VAL B 66 -2.90 2.77 -30.61
CA VAL B 66 -3.92 2.42 -31.60
C VAL B 66 -3.41 2.77 -33.02
N LYS B 67 -2.76 3.92 -33.15
CA LYS B 67 -2.15 4.29 -34.43
C LYS B 67 -1.11 3.25 -34.87
N LEU B 68 -0.27 2.82 -33.93
CA LEU B 68 0.78 1.82 -34.21
C LEU B 68 0.19 0.53 -34.74
N LEU B 69 -0.77 0.00 -33.99
CA LEU B 69 -1.47 -1.21 -34.38
C LEU B 69 -1.90 -1.10 -35.83
N GLY B 70 -2.45 0.06 -36.19
CA GLY B 70 -2.91 0.34 -37.54
C GLY B 70 -1.81 0.27 -38.58
N ILE B 71 -0.67 0.88 -38.28
CA ILE B 71 0.45 0.98 -39.24
C ILE B 71 1.23 -0.33 -39.34
N HIS B 72 1.39 -1.03 -38.22
CA HIS B 72 2.17 -2.29 -38.16
C HIS B 72 1.30 -3.52 -37.95
N CYS B 73 0.14 -3.59 -38.61
CA CYS B 73 -0.78 -4.73 -38.45
C CYS B 73 -0.34 -5.96 -39.25
N GLN B 74 0.23 -5.74 -40.43
CA GLN B 74 0.79 -6.83 -41.26
C GLN B 74 2.10 -7.42 -40.65
N ASN B 75 2.64 -6.76 -39.62
CA ASN B 75 3.67 -7.37 -38.75
C ASN B 75 3.02 -8.25 -37.70
N ALA B 76 3.75 -9.30 -37.31
CA ALA B 76 3.27 -10.29 -36.34
C ALA B 76 3.75 -10.05 -34.91
N ALA B 77 5.00 -9.64 -34.79
CA ALA B 77 5.70 -9.57 -33.50
C ALA B 77 5.19 -8.51 -32.50
N LEU B 78 4.97 -7.29 -33.01
CA LEU B 78 4.53 -6.17 -32.15
C LEU B 78 3.01 -6.16 -32.03
N THR B 79 2.33 -6.43 -33.15
CA THR B 79 0.88 -6.60 -33.17
C THR B 79 0.41 -7.49 -32.03
N GLU B 80 1.14 -8.58 -31.79
CA GLU B 80 0.90 -9.41 -30.60
C GLU B 80 1.08 -8.58 -29.34
N MET B 81 2.27 -7.98 -29.21
CA MET B 81 2.65 -7.21 -28.03
C MET B 81 1.72 -6.03 -27.77
N CYS B 82 1.22 -5.45 -28.85
CA CYS B 82 0.28 -4.31 -28.82
C CYS B 82 -1.04 -4.71 -28.14
N LEU B 83 -1.57 -5.86 -28.58
CA LEU B 83 -2.79 -6.46 -28.01
C LEU B 83 -2.68 -6.74 -26.52
N VAL B 84 -1.52 -7.19 -26.09
CA VAL B 84 -1.35 -7.58 -24.67
C VAL B 84 -1.40 -6.32 -23.82
N ALA B 85 -0.82 -5.25 -24.36
CA ALA B 85 -0.87 -3.93 -23.74
C ALA B 85 -2.32 -3.50 -23.51
N PHE B 86 -3.10 -3.51 -24.59
CA PHE B 86 -4.51 -3.13 -24.52
C PHE B 86 -5.27 -3.97 -23.50
N GLY B 87 -5.08 -5.29 -23.56
CA GLY B 87 -5.69 -6.21 -22.58
C GLY B 87 -5.38 -5.88 -21.13
N ASN B 88 -4.16 -5.40 -20.89
CA ASN B 88 -3.73 -4.98 -19.55
C ASN B 88 -4.27 -3.62 -19.17
N LEU B 89 -4.09 -2.66 -20.08
CA LEU B 89 -4.58 -1.28 -19.88
C LEU B 89 -6.09 -1.23 -19.68
N ALA B 90 -6.82 -1.96 -20.50
CA ALA B 90 -8.29 -2.02 -20.40
C ALA B 90 -8.81 -2.40 -19.00
N GLU B 91 -7.98 -3.09 -18.23
CA GLU B 91 -8.32 -3.43 -16.83
C GLU B 91 -8.40 -2.20 -15.93
N LEU B 92 -7.81 -1.08 -16.36
CA LEU B 92 -7.94 0.21 -15.63
C LEU B 92 -9.19 0.98 -16.07
N GLU B 93 -9.72 1.80 -15.16
CA GLU B 93 -11.00 2.48 -15.41
C GLU B 93 -10.86 3.59 -16.44
N SER B 94 -9.85 4.44 -16.25
CA SER B 94 -9.55 5.54 -17.18
C SER B 94 -9.49 5.16 -18.67
N SER B 95 -9.11 3.90 -18.93
CA SER B 95 -8.77 3.45 -20.29
C SER B 95 -9.90 3.49 -21.30
N LYS B 96 -11.09 3.06 -20.87
CA LYS B 96 -12.20 2.79 -21.79
C LYS B 96 -12.67 4.05 -22.52
N GLU B 97 -12.90 5.12 -21.76
CA GLU B 97 -13.28 6.44 -22.33
C GLU B 97 -12.26 6.89 -23.37
N GLN B 98 -10.98 6.73 -23.01
CA GLN B 98 -9.85 7.02 -23.91
C GLN B 98 -9.89 6.10 -25.13
N PHE B 99 -10.08 4.79 -24.90
CA PHE B 99 -10.20 3.83 -26.03
C PHE B 99 -11.32 4.21 -26.98
N ALA B 100 -12.43 4.68 -26.44
CA ALA B 100 -13.60 5.02 -27.28
C ALA B 100 -13.34 6.19 -28.23
N SER B 101 -12.43 7.10 -27.88
CA SER B 101 -11.99 8.14 -28.82
C SER B 101 -11.32 7.52 -30.04
N THR B 102 -10.64 6.40 -29.78
CA THR B 102 -9.77 5.71 -30.71
C THR B 102 -10.52 5.08 -31.87
N ASN B 103 -9.79 4.73 -32.92
CA ASN B 103 -10.34 3.88 -33.99
C ASN B 103 -10.25 2.41 -33.68
N ILE B 104 -10.09 2.05 -32.40
CA ILE B 104 -9.66 0.69 -32.04
C ILE B 104 -10.68 -0.37 -32.36
N ALA B 105 -11.96 0.03 -32.34
CA ALA B 105 -13.06 -0.85 -32.72
C ALA B 105 -12.88 -1.34 -34.15
N GLU B 106 -12.71 -0.38 -35.07
CA GLU B 106 -12.46 -0.68 -36.47
C GLU B 106 -11.18 -1.51 -36.69
N GLU B 107 -10.14 -1.19 -35.92
CA GLU B 107 -8.81 -1.78 -36.12
C GLU B 107 -8.71 -3.22 -35.62
N LEU B 108 -9.47 -3.55 -34.58
CA LEU B 108 -9.51 -4.91 -34.04
C LEU B 108 -10.34 -5.83 -34.93
N VAL B 109 -11.40 -5.30 -35.51
CA VAL B 109 -12.23 -6.07 -36.43
C VAL B 109 -11.45 -6.32 -37.72
N LYS B 110 -10.87 -5.24 -38.26
CA LYS B 110 -10.03 -5.30 -39.47
C LYS B 110 -8.89 -6.32 -39.33
N LEU B 111 -8.49 -6.55 -38.08
CA LEU B 111 -7.49 -7.57 -37.72
C LEU B 111 -8.12 -8.97 -37.57
N PHE B 112 -9.25 -9.04 -36.88
CA PHE B 112 -9.93 -10.32 -36.65
C PHE B 112 -10.27 -11.04 -37.95
N LYS B 113 -10.59 -10.26 -38.99
CA LYS B 113 -10.84 -10.82 -40.34
C LYS B 113 -9.58 -11.44 -40.92
N LYS B 114 -8.51 -10.66 -40.92
CA LYS B 114 -7.24 -11.07 -41.54
C LYS B 114 -6.69 -12.38 -40.94
N GLN B 115 -6.60 -12.42 -39.61
CA GLN B 115 -5.96 -13.53 -38.91
C GLN B 115 -6.91 -14.68 -38.65
N ILE B 116 -6.43 -15.90 -38.79
CA ILE B 116 -7.29 -17.08 -38.67
C ILE B 116 -6.83 -18.14 -37.68
N GLU B 117 -5.55 -18.16 -37.32
CA GLU B 117 -5.02 -19.20 -36.44
C GLU B 117 -5.81 -19.11 -35.15
N HIS B 118 -6.15 -20.25 -34.56
CA HIS B 118 -6.94 -20.23 -33.34
C HIS B 118 -6.29 -19.41 -32.22
N ASP B 119 -4.97 -19.55 -32.08
CA ASP B 119 -4.20 -18.79 -31.08
C ASP B 119 -4.35 -17.28 -31.27
N LYS B 120 -4.23 -16.85 -32.52
CA LYS B 120 -4.22 -15.42 -32.84
C LYS B 120 -5.58 -14.73 -32.64
N ARG B 121 -6.66 -15.49 -32.78
CA ARG B 121 -7.99 -14.96 -32.52
C ARG B 121 -8.26 -14.81 -31.03
N GLU B 122 -8.04 -15.88 -30.27
CA GLU B 122 -8.27 -15.87 -28.81
C GLU B 122 -7.60 -14.69 -28.10
N MET B 123 -6.50 -14.21 -28.66
CA MET B 123 -5.83 -13.01 -28.17
C MET B 123 -6.64 -11.75 -28.47
N ILE B 124 -7.14 -11.64 -29.69
CA ILE B 124 -8.00 -10.53 -30.10
C ILE B 124 -9.34 -10.58 -29.34
N PHE B 125 -9.87 -11.77 -29.12
CA PHE B 125 -11.06 -11.92 -28.28
C PHE B 125 -10.85 -11.36 -26.87
N GLU B 126 -9.69 -11.64 -26.27
CA GLU B 126 -9.41 -11.17 -24.89
C GLU B 126 -9.19 -9.65 -24.76
N VAL B 127 -9.10 -8.98 -25.90
CA VAL B 127 -9.13 -7.50 -25.95
C VAL B 127 -10.57 -6.99 -26.11
N LEU B 128 -11.32 -7.60 -27.03
CA LEU B 128 -12.73 -7.21 -27.31
C LEU B 128 -13.62 -7.30 -26.07
N ALA B 129 -13.51 -8.41 -25.36
CA ALA B 129 -14.36 -8.70 -24.20
C ALA B 129 -14.39 -7.63 -23.11
N PRO B 130 -13.22 -7.13 -22.66
CA PRO B 130 -13.24 -6.04 -21.68
C PRO B 130 -13.57 -4.69 -22.30
N LEU B 131 -13.06 -4.43 -23.50
CA LEU B 131 -13.41 -3.21 -24.23
C LEU B 131 -14.89 -3.12 -24.54
N ALA B 132 -15.53 -4.28 -24.72
CA ALA B 132 -16.95 -4.35 -25.04
C ALA B 132 -17.82 -3.86 -23.89
N GLU B 133 -17.36 -4.03 -22.66
CA GLU B 133 -18.13 -3.58 -21.49
C GLU B 133 -18.53 -2.11 -21.55
N ASN B 134 -17.72 -1.31 -22.25
CA ASN B 134 -18.04 0.08 -22.55
C ASN B 134 -19.16 0.14 -23.60
N ASP B 135 -20.33 0.57 -23.17
CA ASP B 135 -21.55 0.58 -24.01
C ASP B 135 -21.33 1.30 -25.35
N ALA B 136 -20.52 2.36 -25.34
CA ALA B 136 -20.21 3.10 -26.56
C ALA B 136 -19.33 2.30 -27.54
N ILE B 137 -18.39 1.52 -27.01
CA ILE B 137 -17.52 0.65 -27.84
C ILE B 137 -18.41 -0.36 -28.58
N LYS B 138 -19.39 -0.92 -27.85
CA LYS B 138 -20.32 -1.90 -28.41
C LYS B 138 -20.84 -1.43 -29.74
N LEU B 139 -21.46 -0.25 -29.74
CA LEU B 139 -21.95 0.34 -30.99
C LEU B 139 -20.86 0.41 -32.07
N GLN B 140 -19.68 0.90 -31.70
CA GLN B 140 -18.57 1.05 -32.65
C GLN B 140 -18.18 -0.28 -33.29
N LEU B 141 -18.14 -1.33 -32.46
CA LEU B 141 -17.84 -2.69 -32.93
C LEU B 141 -18.90 -3.20 -33.91
N VAL B 142 -20.17 -2.95 -33.62
CA VAL B 142 -21.28 -3.37 -34.50
C VAL B 142 -21.20 -2.62 -35.82
N GLU B 143 -20.95 -1.30 -35.74
CA GLU B 143 -20.76 -0.45 -36.92
C GLU B 143 -19.58 -0.92 -37.78
N ALA B 144 -18.51 -1.39 -37.12
CA ALA B 144 -17.31 -1.90 -37.81
C ALA B 144 -17.55 -3.27 -38.48
N GLY B 145 -18.50 -4.01 -37.93
CA GLY B 145 -18.93 -5.28 -38.52
C GLY B 145 -18.40 -6.51 -37.79
N LEU B 146 -18.35 -6.42 -36.46
CA LEU B 146 -17.89 -7.53 -35.64
C LEU B 146 -18.95 -8.62 -35.63
N VAL B 147 -20.19 -8.17 -35.44
CA VAL B 147 -21.40 -9.01 -35.49
C VAL B 147 -21.44 -9.96 -36.68
N GLU B 148 -20.98 -9.50 -37.84
CA GLU B 148 -20.94 -10.34 -39.07
C GLU B 148 -19.96 -11.49 -38.88
N CYS B 149 -18.73 -11.15 -38.51
CA CYS B 149 -17.67 -12.14 -38.26
C CYS B 149 -18.11 -13.16 -37.23
N LEU B 150 -18.53 -12.67 -36.07
CA LEU B 150 -19.02 -13.52 -34.96
C LEU B 150 -19.99 -14.60 -35.40
N LEU B 151 -20.95 -14.21 -36.24
CA LEU B 151 -21.97 -15.16 -36.72
C LEU B 151 -21.39 -16.23 -37.63
N GLU B 152 -20.48 -15.84 -38.52
CA GLU B 152 -19.78 -16.80 -39.38
C GLU B 152 -18.91 -17.79 -38.59
N ILE B 153 -18.35 -17.34 -37.48
CA ILE B 153 -17.57 -18.24 -36.59
C ILE B 153 -18.52 -19.29 -35.98
N VAL B 154 -19.73 -18.86 -35.61
CA VAL B 154 -20.74 -19.78 -35.07
C VAL B 154 -21.15 -20.81 -36.14
N GLN B 155 -21.59 -20.29 -37.29
CA GLN B 155 -22.09 -21.10 -38.41
C GLN B 155 -21.12 -22.22 -38.85
N GLN B 156 -19.87 -21.87 -39.10
CA GLN B 156 -18.84 -22.88 -39.47
C GLN B 156 -18.77 -24.03 -38.48
N LYS B 157 -18.72 -23.68 -37.20
CA LYS B 157 -18.30 -24.60 -36.14
C LYS B 157 -19.47 -25.13 -35.28
N VAL B 158 -20.66 -25.18 -35.86
CA VAL B 158 -21.87 -25.59 -35.12
C VAL B 158 -21.82 -27.06 -34.77
N ASP B 159 -21.54 -27.89 -35.76
CA ASP B 159 -21.50 -29.34 -35.55
C ASP B 159 -20.10 -29.89 -35.43
N SER B 160 -19.10 -29.02 -35.56
CA SER B 160 -17.70 -29.40 -35.33
C SER B 160 -17.45 -29.65 -33.84
N ASP B 161 -16.72 -30.72 -33.54
CA ASP B 161 -16.43 -31.12 -32.16
C ASP B 161 -14.94 -31.07 -31.83
N LYS B 162 -14.21 -30.16 -32.45
CA LYS B 162 -12.81 -29.90 -32.09
C LYS B 162 -12.87 -29.06 -30.81
N GLU B 163 -12.13 -29.44 -29.77
CA GLU B 163 -12.17 -28.70 -28.49
C GLU B 163 -11.84 -27.20 -28.64
N ASP B 164 -10.98 -26.89 -29.61
CA ASP B 164 -10.72 -25.50 -30.01
C ASP B 164 -11.97 -24.84 -30.60
N ASP B 165 -12.63 -25.56 -31.51
CA ASP B 165 -13.79 -25.04 -32.22
C ASP B 165 -15.03 -24.81 -31.33
N ILE B 166 -15.25 -25.67 -30.32
CA ILE B 166 -16.41 -25.45 -29.43
C ILE B 166 -16.22 -24.25 -28.53
N THR B 167 -14.97 -23.94 -28.20
CA THR B 167 -14.66 -22.76 -27.37
C THR B 167 -14.61 -21.48 -28.22
N GLU B 168 -14.20 -21.60 -29.48
CA GLU B 168 -14.34 -20.46 -30.42
C GLU B 168 -15.81 -20.12 -30.67
N LEU B 169 -16.66 -21.15 -30.60
CA LEU B 169 -18.10 -20.99 -30.74
C LEU B 169 -18.68 -20.27 -29.55
N LYS B 170 -18.34 -20.77 -28.36
CA LYS B 170 -18.81 -20.20 -27.10
C LYS B 170 -18.43 -18.74 -26.98
N THR B 171 -17.20 -18.40 -27.36
CA THR B 171 -16.73 -17.02 -27.30
C THR B 171 -17.61 -16.13 -28.18
N GLY B 172 -17.68 -16.46 -29.47
CA GLY B 172 -18.46 -15.69 -30.44
C GLY B 172 -19.93 -15.55 -30.06
N SER B 173 -20.51 -16.66 -29.62
CA SER B 173 -21.93 -16.67 -29.23
C SER B 173 -22.17 -15.82 -27.97
N ASP B 174 -21.39 -16.06 -26.91
CA ASP B 174 -21.55 -15.30 -25.66
C ASP B 174 -21.18 -13.80 -25.82
N LEU B 175 -20.25 -13.51 -26.73
CA LEU B 175 -19.89 -12.12 -27.03
C LEU B 175 -21.02 -11.37 -27.76
N MET B 176 -21.71 -12.08 -28.64
CA MET B 176 -22.92 -11.55 -29.30
C MET B 176 -23.96 -11.15 -28.27
N VAL B 177 -24.10 -11.99 -27.25
CA VAL B 177 -24.99 -11.71 -26.12
C VAL B 177 -24.52 -10.45 -25.43
N LEU B 178 -23.22 -10.39 -25.12
CA LEU B 178 -22.65 -9.22 -24.42
C LEU B 178 -22.95 -7.92 -25.18
N LEU B 179 -22.64 -7.90 -26.47
CA LEU B 179 -22.95 -6.76 -27.34
C LEU B 179 -24.41 -6.29 -27.27
N LEU B 180 -25.34 -7.21 -27.02
CA LEU B 180 -26.77 -6.89 -26.88
C LEU B 180 -27.17 -6.28 -25.52
N LEU B 181 -26.21 -6.03 -24.64
CA LEU B 181 -26.46 -5.30 -23.38
C LEU B 181 -26.38 -3.78 -23.53
N GLY B 182 -25.67 -3.34 -24.56
CA GLY B 182 -25.63 -1.92 -24.91
C GLY B 182 -26.95 -1.57 -25.56
N ASP B 183 -27.63 -0.56 -25.05
CA ASP B 183 -28.97 -0.20 -25.53
C ASP B 183 -28.93 0.28 -26.97
N GLU B 184 -27.98 1.16 -27.28
CA GLU B 184 -27.86 1.66 -28.65
C GLU B 184 -27.49 0.56 -29.64
N SER B 185 -26.50 -0.23 -29.28
CA SER B 185 -26.02 -1.32 -30.14
C SER B 185 -27.07 -2.39 -30.40
N MET B 186 -27.75 -2.82 -29.33
CA MET B 186 -28.83 -3.81 -29.41
C MET B 186 -29.94 -3.32 -30.37
N GLN B 187 -30.43 -2.11 -30.10
CA GLN B 187 -31.50 -1.51 -30.90
C GLN B 187 -31.13 -1.40 -32.37
N LYS B 188 -29.85 -1.27 -32.67
CA LYS B 188 -29.38 -1.29 -34.05
C LYS B 188 -29.49 -2.69 -34.70
N LEU B 189 -29.28 -3.74 -33.91
CA LEU B 189 -29.26 -5.13 -34.42
C LEU B 189 -30.66 -5.75 -34.56
N PHE B 190 -31.50 -5.49 -33.56
CA PHE B 190 -32.95 -5.72 -33.64
C PHE B 190 -33.46 -4.68 -34.62
N GLU B 191 -33.70 -5.10 -35.86
CA GLU B 191 -33.57 -4.16 -36.99
C GLU B 191 -34.79 -3.37 -37.57
N GLY B 192 -36.02 -3.38 -37.03
CA GLY B 192 -36.45 -4.07 -35.81
C GLY B 192 -36.82 -5.51 -36.08
N GLY B 193 -36.55 -6.35 -35.08
CA GLY B 193 -36.86 -7.78 -35.12
C GLY B 193 -38.25 -8.08 -35.66
N LYS B 194 -38.36 -8.77 -36.79
CA LYS B 194 -37.24 -9.49 -37.44
C LYS B 194 -36.43 -8.64 -38.45
N GLY B 195 -35.13 -8.55 -38.18
CA GLY B 195 -34.15 -7.97 -39.11
C GLY B 195 -33.28 -9.06 -39.70
N SER B 196 -32.04 -8.73 -40.07
CA SER B 196 -31.14 -9.69 -40.72
C SER B 196 -30.24 -10.45 -39.74
N VAL B 197 -29.93 -9.82 -38.62
CA VAL B 197 -29.13 -10.46 -37.56
C VAL B 197 -30.06 -11.22 -36.62
N PHE B 198 -31.03 -10.49 -36.07
CA PHE B 198 -31.99 -11.02 -35.09
C PHE B 198 -32.59 -12.34 -35.55
N GLN B 199 -32.88 -12.43 -36.83
CA GLN B 199 -33.32 -13.68 -37.44
C GLN B 199 -32.30 -14.78 -37.20
N ARG B 200 -31.06 -14.51 -37.62
CA ARG B 200 -29.96 -15.48 -37.54
C ARG B 200 -29.64 -15.88 -36.08
N VAL B 201 -29.91 -14.99 -35.13
CA VAL B 201 -29.77 -15.29 -33.69
C VAL B 201 -30.96 -16.11 -33.16
N LEU B 202 -32.15 -15.83 -33.68
CA LEU B 202 -33.36 -16.60 -33.35
C LEU B 202 -33.17 -18.07 -33.63
N SER B 203 -32.66 -18.36 -34.83
CA SER B 203 -32.43 -19.73 -35.29
C SER B 203 -31.56 -20.58 -34.36
N TRP B 204 -30.83 -19.93 -33.45
CA TRP B 204 -30.08 -20.65 -32.41
C TRP B 204 -30.98 -21.40 -31.41
N ILE B 205 -32.24 -20.96 -31.27
CA ILE B 205 -33.14 -21.55 -30.26
C ILE B 205 -33.79 -22.88 -30.74
N PRO B 206 -34.18 -22.97 -32.03
CA PRO B 206 -34.48 -24.27 -32.61
C PRO B 206 -33.28 -25.23 -32.65
N SER B 207 -32.07 -24.69 -32.77
CA SER B 207 -30.86 -25.52 -32.89
C SER B 207 -30.63 -26.43 -31.69
N ASN B 208 -29.93 -27.53 -31.96
CA ASN B 208 -29.65 -28.57 -30.95
C ASN B 208 -28.23 -28.45 -30.38
N ASN B 209 -27.64 -27.27 -30.54
CA ASN B 209 -26.34 -26.95 -29.96
C ASN B 209 -26.51 -26.26 -28.61
N HIS B 210 -26.34 -27.02 -27.53
CA HIS B 210 -26.67 -26.52 -26.19
C HIS B 210 -26.20 -25.09 -25.90
N GLN B 211 -25.03 -24.72 -26.38
CA GLN B 211 -24.54 -23.34 -26.22
C GLN B 211 -25.43 -22.35 -26.98
N LEU B 212 -25.62 -22.60 -28.26
CA LEU B 212 -26.48 -21.74 -29.10
C LEU B 212 -27.89 -21.55 -28.54
N GLN B 213 -28.45 -22.61 -27.99
CA GLN B 213 -29.71 -22.51 -27.27
C GLN B 213 -29.58 -21.45 -26.19
N LEU B 214 -28.54 -21.60 -25.38
CA LEU B 214 -28.28 -20.67 -24.28
C LEU B 214 -28.12 -19.23 -24.75
N ALA B 215 -27.21 -19.04 -25.69
CA ALA B 215 -26.95 -17.71 -26.26
C ALA B 215 -28.24 -17.09 -26.79
N GLY B 216 -28.94 -17.86 -27.61
CA GLY B 216 -30.17 -17.41 -28.24
C GLY B 216 -31.20 -16.91 -27.25
N ALA B 217 -31.49 -17.72 -26.24
CA ALA B 217 -32.43 -17.35 -25.18
C ALA B 217 -31.99 -16.05 -24.49
N LEU B 218 -30.71 -15.98 -24.15
CA LEU B 218 -30.14 -14.78 -23.49
C LEU B 218 -30.19 -13.56 -24.40
N ALA B 219 -29.73 -13.73 -25.65
CA ALA B 219 -29.84 -12.69 -26.68
C ALA B 219 -31.27 -12.14 -26.76
N ILE B 220 -32.22 -13.05 -26.92
CA ILE B 220 -33.64 -12.68 -26.98
C ILE B 220 -34.01 -11.82 -25.78
N ALA B 221 -33.78 -12.36 -24.59
CA ALA B 221 -34.10 -11.63 -23.36
C ALA B 221 -33.49 -10.23 -23.34
N ASN B 222 -32.27 -10.10 -23.86
CA ASN B 222 -31.58 -8.79 -23.95
C ASN B 222 -32.18 -7.87 -25.01
N PHE B 223 -32.62 -8.46 -26.13
CA PHE B 223 -33.42 -7.72 -27.11
C PHE B 223 -34.71 -7.22 -26.42
N ALA B 224 -35.32 -8.14 -25.69
CA ALA B 224 -36.56 -7.87 -24.96
C ALA B 224 -36.32 -7.01 -23.71
N ARG B 225 -35.99 -5.73 -23.92
CA ARG B 225 -35.73 -4.81 -22.81
C ARG B 225 -36.39 -3.43 -22.93
N ASN B 226 -37.38 -3.32 -23.80
CA ASN B 226 -38.27 -2.17 -23.83
C ASN B 226 -39.62 -2.62 -24.34
N ASP B 227 -40.67 -1.92 -23.93
CA ASP B 227 -42.04 -2.33 -24.25
C ASP B 227 -42.17 -2.68 -25.73
N ALA B 228 -41.81 -1.74 -26.58
CA ALA B 228 -42.03 -1.84 -28.04
C ALA B 228 -41.42 -3.07 -28.69
N ASN B 229 -40.19 -3.39 -28.29
CA ASN B 229 -39.50 -4.58 -28.79
C ASN B 229 -40.20 -5.85 -28.36
N CYS B 230 -40.54 -5.94 -27.08
CA CYS B 230 -41.22 -7.11 -26.53
C CYS B 230 -42.58 -7.38 -27.20
N ILE B 231 -43.30 -6.33 -27.54
CA ILE B 231 -44.58 -6.45 -28.28
C ILE B 231 -44.32 -7.08 -29.63
N HIS B 232 -43.49 -6.40 -30.41
CA HIS B 232 -43.13 -6.80 -31.77
C HIS B 232 -42.48 -8.20 -31.87
N MET B 233 -42.05 -8.76 -30.75
CA MET B 233 -41.54 -10.14 -30.70
C MET B 233 -42.65 -11.14 -30.39
N VAL B 234 -43.49 -10.83 -29.39
CA VAL B 234 -44.59 -11.73 -29.03
C VAL B 234 -45.49 -11.99 -30.25
N ASP B 235 -45.75 -10.93 -31.01
CA ASP B 235 -46.59 -10.97 -32.21
C ASP B 235 -45.98 -11.77 -33.36
N ASN B 236 -44.66 -11.89 -33.39
CA ASN B 236 -43.96 -12.71 -34.41
C ASN B 236 -43.50 -14.11 -33.93
N GLY B 237 -44.15 -14.61 -32.88
CA GLY B 237 -44.00 -16.00 -32.47
C GLY B 237 -42.67 -16.38 -31.82
N ILE B 238 -42.13 -15.47 -31.03
CA ILE B 238 -40.94 -15.74 -30.22
C ILE B 238 -41.35 -16.55 -28.99
N VAL B 239 -42.54 -16.24 -28.48
CA VAL B 239 -43.05 -16.87 -27.24
C VAL B 239 -43.22 -18.36 -27.47
N GLU B 240 -43.65 -18.70 -28.68
CA GLU B 240 -43.92 -20.09 -29.06
C GLU B 240 -42.57 -20.87 -29.14
N LYS B 241 -41.58 -20.25 -29.78
CA LYS B 241 -40.24 -20.85 -29.92
C LYS B 241 -39.52 -21.10 -28.60
N LEU B 242 -39.70 -20.21 -27.65
CA LEU B 242 -39.10 -20.35 -26.31
C LEU B 242 -39.71 -21.53 -25.54
N MET B 243 -41.02 -21.74 -25.71
CA MET B 243 -41.70 -22.87 -25.05
C MET B 243 -41.23 -24.21 -25.60
N ASP B 244 -40.95 -24.28 -26.89
CA ASP B 244 -40.36 -25.47 -27.52
C ASP B 244 -39.01 -25.83 -26.90
N LEU B 245 -38.22 -24.80 -26.59
CA LEU B 245 -36.92 -24.97 -25.93
C LEU B 245 -37.11 -25.49 -24.51
N LEU B 246 -38.07 -24.90 -23.79
CA LEU B 246 -38.35 -25.34 -22.43
C LEU B 246 -38.84 -26.78 -22.43
N ASP B 247 -39.78 -27.09 -23.32
CA ASP B 247 -40.34 -28.45 -23.46
C ASP B 247 -39.27 -29.49 -23.79
N ARG B 248 -38.20 -29.06 -24.45
CA ARG B 248 -37.05 -29.94 -24.67
C ARG B 248 -36.24 -30.25 -23.40
N HIS B 249 -36.13 -29.27 -22.50
CA HIS B 249 -35.29 -29.42 -21.30
C HIS B 249 -36.07 -29.67 -19.99
N VAL B 250 -37.19 -30.40 -20.07
CA VAL B 250 -38.05 -30.60 -18.90
C VAL B 250 -37.49 -31.64 -17.93
N GLU B 251 -37.10 -32.83 -18.45
CA GLU B 251 -36.47 -34.00 -17.71
C GLU B 251 -35.33 -33.66 -16.73
N ASP B 252 -34.28 -32.89 -17.06
CA ASP B 252 -33.47 -32.86 -18.28
C ASP B 252 -32.38 -31.84 -17.96
N GLY B 253 -31.13 -32.16 -18.28
CA GLY B 253 -29.96 -31.50 -17.63
C GLY B 253 -29.66 -29.99 -17.69
N ASN B 254 -29.94 -29.29 -18.79
CA ASN B 254 -29.41 -27.91 -18.86
C ASN B 254 -30.27 -26.92 -18.09
N VAL B 255 -29.90 -26.74 -16.83
CA VAL B 255 -30.53 -25.76 -15.95
C VAL B 255 -30.23 -24.36 -16.45
N THR B 256 -28.95 -24.13 -16.77
CA THR B 256 -28.49 -22.91 -17.43
C THR B 256 -29.44 -22.42 -18.54
N VAL B 257 -29.96 -23.33 -19.35
CA VAL B 257 -30.85 -23.00 -20.49
C VAL B 257 -32.29 -22.76 -20.05
N GLN B 258 -32.78 -23.59 -19.14
CA GLN B 258 -34.10 -23.39 -18.54
C GLN B 258 -34.19 -21.92 -18.13
N HIS B 259 -33.23 -21.52 -17.30
CA HIS B 259 -33.10 -20.15 -16.81
C HIS B 259 -33.16 -19.10 -17.92
N ALA B 260 -32.26 -19.23 -18.89
CA ALA B 260 -32.14 -18.24 -19.96
C ALA B 260 -33.46 -18.03 -20.70
N ALA B 261 -34.14 -19.13 -20.96
CA ALA B 261 -35.42 -19.12 -21.67
C ALA B 261 -36.52 -18.47 -20.84
N LEU B 262 -36.64 -18.95 -19.60
CA LEU B 262 -37.56 -18.35 -18.62
C LEU B 262 -37.33 -16.86 -18.48
N SER B 263 -36.06 -16.50 -18.31
CA SER B 263 -35.63 -15.11 -18.14
C SER B 263 -36.09 -14.19 -19.28
N ALA B 264 -36.11 -14.72 -20.49
CA ALA B 264 -36.66 -14.00 -21.64
C ALA B 264 -38.18 -13.84 -21.53
N LEU B 265 -38.88 -14.91 -21.19
CA LEU B 265 -40.34 -14.86 -21.08
C LEU B 265 -40.74 -13.78 -20.10
N ARG B 266 -40.17 -13.86 -18.90
CA ARG B 266 -40.31 -12.85 -17.87
C ARG B 266 -40.30 -11.44 -18.46
N ASN B 267 -39.28 -11.14 -19.27
CA ASN B 267 -39.18 -9.82 -19.93
C ASN B 267 -40.28 -9.57 -20.97
N LEU B 268 -40.57 -10.57 -21.78
CA LEU B 268 -41.60 -10.44 -22.83
C LEU B 268 -43.01 -10.20 -22.24
N ALA B 269 -43.18 -10.60 -20.97
CA ALA B 269 -44.44 -10.45 -20.23
C ALA B 269 -44.52 -9.18 -19.38
N ILE B 270 -43.58 -8.25 -19.56
CA ILE B 270 -43.62 -6.98 -18.84
C ILE B 270 -44.80 -6.11 -19.29
N PRO B 271 -44.90 -5.80 -20.60
CA PRO B 271 -45.90 -4.82 -21.01
C PRO B 271 -47.30 -5.43 -20.95
N VAL B 272 -48.29 -4.60 -20.64
CA VAL B 272 -49.66 -5.05 -20.35
C VAL B 272 -50.28 -5.77 -21.55
N ILE B 273 -49.97 -5.27 -22.74
CA ILE B 273 -50.48 -5.79 -24.01
C ILE B 273 -50.15 -7.28 -24.19
N ASN B 274 -48.89 -7.63 -23.95
CA ASN B 274 -48.43 -9.03 -24.11
C ASN B 274 -48.92 -10.00 -23.04
N LYS B 275 -49.32 -9.48 -21.89
CA LYS B 275 -49.71 -10.33 -20.77
C LYS B 275 -50.84 -11.27 -21.20
N ALA B 276 -51.86 -10.67 -21.80
CA ALA B 276 -52.97 -11.40 -22.40
C ALA B 276 -52.47 -12.43 -23.42
N LYS B 277 -51.83 -11.91 -24.47
CA LYS B 277 -51.39 -12.69 -25.63
C LYS B 277 -50.58 -13.94 -25.27
N MET B 278 -49.79 -13.85 -24.19
CA MET B 278 -48.95 -14.96 -23.78
C MET B 278 -49.74 -16.03 -23.03
N LEU B 279 -50.77 -15.62 -22.29
CA LEU B 279 -51.62 -16.58 -21.58
C LEU B 279 -52.37 -17.46 -22.57
N SER B 280 -52.89 -16.86 -23.63
CA SER B 280 -53.57 -17.57 -24.74
C SER B 280 -52.68 -18.60 -25.44
N ALA B 281 -51.41 -18.26 -25.63
CA ALA B 281 -50.41 -19.19 -26.18
C ALA B 281 -50.03 -20.31 -25.18
N GLY B 282 -50.27 -20.05 -23.89
CA GLY B 282 -50.18 -21.06 -22.82
C GLY B 282 -48.84 -21.11 -22.11
N VAL B 283 -48.23 -19.95 -21.89
CA VAL B 283 -46.91 -19.86 -21.22
C VAL B 283 -47.05 -20.34 -19.80
N THR B 284 -48.12 -19.90 -19.16
CA THR B 284 -48.42 -20.28 -17.79
C THR B 284 -48.34 -21.80 -17.58
N GLU B 285 -48.81 -22.58 -18.56
CA GLU B 285 -48.70 -24.05 -18.51
C GLU B 285 -47.24 -24.52 -18.58
N ALA B 286 -46.60 -24.20 -19.69
CA ALA B 286 -45.23 -24.65 -19.98
C ALA B 286 -44.24 -24.26 -18.88
N VAL B 287 -44.45 -23.07 -18.32
CA VAL B 287 -43.59 -22.53 -17.26
C VAL B 287 -43.75 -23.38 -15.98
N LEU B 288 -44.98 -23.76 -15.66
CA LEU B 288 -45.26 -24.53 -14.43
C LEU B 288 -44.60 -25.91 -14.38
N LYS B 289 -44.21 -26.45 -15.53
CA LYS B 289 -43.48 -27.73 -15.59
C LYS B 289 -42.18 -27.75 -14.78
N PHE B 290 -41.62 -26.57 -14.54
CA PHE B 290 -40.43 -26.43 -13.71
C PHE B 290 -40.73 -26.02 -12.26
N LEU B 291 -41.94 -26.30 -11.79
CA LEU B 291 -42.25 -26.12 -10.36
C LEU B 291 -41.38 -27.04 -9.52
N LYS B 292 -41.22 -28.26 -10.00
CA LYS B 292 -40.39 -29.28 -9.33
C LYS B 292 -38.91 -28.91 -9.22
N SER B 293 -38.41 -28.07 -10.12
CA SER B 293 -36.99 -27.73 -10.17
C SER B 293 -36.49 -27.26 -8.81
N GLU B 294 -35.30 -27.73 -8.43
CA GLU B 294 -34.67 -27.37 -7.15
C GLU B 294 -33.53 -26.36 -7.33
N MET B 295 -33.52 -25.70 -8.49
CA MET B 295 -32.50 -24.71 -8.84
C MET B 295 -33.02 -23.28 -8.66
N PRO B 296 -32.52 -22.59 -7.64
CA PRO B 296 -33.13 -21.31 -7.26
C PRO B 296 -33.29 -20.30 -8.41
N PRO B 297 -32.25 -20.12 -9.27
CA PRO B 297 -32.38 -19.22 -10.42
C PRO B 297 -33.51 -19.59 -11.39
N VAL B 298 -33.75 -20.89 -11.53
CA VAL B 298 -34.88 -21.38 -12.33
C VAL B 298 -36.19 -21.14 -11.58
N GLN B 299 -36.17 -21.41 -10.28
CA GLN B 299 -37.32 -21.10 -9.41
C GLN B 299 -37.68 -19.62 -9.46
N PHE B 300 -36.65 -18.78 -9.52
CA PHE B 300 -36.82 -17.33 -9.49
C PHE B 300 -37.55 -16.81 -10.72
N LYS B 301 -37.00 -17.13 -11.89
CA LYS B 301 -37.57 -16.65 -13.15
C LYS B 301 -38.88 -17.35 -13.53
N LEU B 302 -39.14 -18.50 -12.93
CA LEU B 302 -40.47 -19.11 -12.96
C LEU B 302 -41.45 -18.15 -12.26
N LEU B 303 -41.22 -17.93 -10.96
CA LEU B 303 -42.05 -17.05 -10.14
C LEU B 303 -42.16 -15.63 -10.68
N GLY B 304 -41.11 -15.17 -11.34
CA GLY B 304 -41.11 -13.87 -12.00
C GLY B 304 -42.16 -13.87 -13.11
N THR B 305 -42.03 -14.83 -14.02
CA THR B 305 -42.89 -14.89 -15.20
C THR B 305 -44.37 -15.08 -14.83
N LEU B 306 -44.65 -15.87 -13.80
CA LEU B 306 -46.01 -15.99 -13.28
C LEU B 306 -46.55 -14.62 -12.84
N ARG B 307 -45.79 -13.92 -12.01
CA ARG B 307 -46.27 -12.66 -11.42
C ARG B 307 -46.52 -11.57 -12.48
N MET B 308 -45.74 -11.59 -13.55
CA MET B 308 -45.94 -10.66 -14.67
C MET B 308 -47.14 -11.04 -15.55
N LEU B 309 -47.36 -12.34 -15.72
CA LEU B 309 -48.49 -12.80 -16.54
C LEU B 309 -49.85 -12.46 -15.92
N ILE B 310 -49.92 -12.37 -14.60
CA ILE B 310 -51.21 -12.16 -13.93
C ILE B 310 -51.61 -10.69 -13.60
N ASP B 311 -50.76 -9.73 -13.94
CA ASP B 311 -50.81 -8.38 -13.33
C ASP B 311 -52.17 -7.69 -13.50
N ALA B 312 -52.64 -7.56 -14.73
CA ALA B 312 -53.95 -6.97 -15.00
C ALA B 312 -55.01 -8.05 -15.19
N GLN B 313 -54.56 -9.29 -15.36
CA GLN B 313 -55.40 -10.40 -15.76
C GLN B 313 -55.99 -11.09 -14.52
N ALA B 314 -57.30 -10.95 -14.34
CA ALA B 314 -57.96 -11.52 -13.15
C ALA B 314 -58.25 -13.01 -13.34
N GLU B 315 -58.83 -13.37 -14.48
CA GLU B 315 -59.26 -14.76 -14.70
C GLU B 315 -58.09 -15.74 -14.70
N ALA B 316 -56.96 -15.28 -15.24
CA ALA B 316 -55.71 -16.06 -15.19
C ALA B 316 -55.27 -16.33 -13.76
N ALA B 317 -55.36 -15.28 -12.93
CA ALA B 317 -55.00 -15.37 -11.51
C ALA B 317 -55.94 -16.30 -10.73
N GLU B 318 -57.21 -16.34 -11.15
CA GLU B 318 -58.20 -17.21 -10.49
C GLU B 318 -57.86 -18.69 -10.66
N GLN B 319 -57.36 -19.07 -11.83
CA GLN B 319 -56.94 -20.46 -12.08
C GLN B 319 -55.63 -20.78 -11.37
N LEU B 320 -54.68 -19.86 -11.42
CA LEU B 320 -53.38 -20.07 -10.76
C LEU B 320 -53.52 -20.12 -9.24
N GLY B 321 -54.46 -19.34 -8.72
CA GLY B 321 -54.76 -19.38 -7.29
C GLY B 321 -55.39 -20.69 -6.87
N LYS B 322 -56.37 -21.14 -7.64
CA LYS B 322 -57.07 -22.43 -7.43
C LYS B 322 -56.14 -23.65 -7.55
N ASN B 323 -55.16 -23.56 -8.45
CA ASN B 323 -54.14 -24.57 -8.64
C ASN B 323 -53.42 -24.91 -7.33
N VAL B 324 -53.79 -26.04 -6.72
CA VAL B 324 -53.26 -26.42 -5.40
C VAL B 324 -51.79 -26.89 -5.49
N LYS B 325 -51.45 -27.55 -6.58
CA LYS B 325 -50.05 -27.94 -6.85
C LYS B 325 -49.10 -26.76 -6.61
N LEU B 326 -49.43 -25.63 -7.26
CA LEU B 326 -48.62 -24.39 -7.22
C LEU B 326 -48.58 -23.78 -5.80
N VAL B 327 -49.75 -23.39 -5.30
CA VAL B 327 -49.89 -22.69 -4.02
C VAL B 327 -49.15 -23.42 -2.89
N GLU B 328 -49.19 -24.75 -2.92
CA GLU B 328 -48.48 -25.57 -1.93
C GLU B 328 -46.96 -25.44 -2.06
N ARG B 329 -46.46 -25.38 -3.29
CA ARG B 329 -45.04 -25.10 -3.55
C ARG B 329 -44.62 -23.72 -3.05
N LEU B 330 -45.51 -22.73 -3.19
CA LEU B 330 -45.23 -21.35 -2.75
C LEU B 330 -45.07 -21.26 -1.22
N VAL B 331 -46.01 -21.86 -0.50
CA VAL B 331 -45.93 -21.91 0.96
C VAL B 331 -44.69 -22.71 1.40
N GLU B 332 -44.28 -23.67 0.58
CA GLU B 332 -43.04 -24.42 0.81
C GLU B 332 -41.82 -23.53 0.66
N TRP B 333 -41.81 -22.70 -0.39
CA TRP B 333 -40.69 -21.78 -0.65
C TRP B 333 -40.61 -20.62 0.33
N CYS B 334 -41.77 -20.08 0.71
CA CYS B 334 -41.83 -19.05 1.75
C CYS B 334 -41.15 -19.49 3.05
N GLU B 335 -41.29 -20.77 3.39
CA GLU B 335 -40.83 -21.30 4.69
C GLU B 335 -39.37 -21.79 4.66
N ALA B 336 -38.76 -21.83 3.48
CA ALA B 336 -37.31 -22.06 3.35
C ALA B 336 -36.56 -20.80 3.80
N LYS B 337 -35.71 -20.94 4.81
CA LYS B 337 -34.97 -19.81 5.40
C LYS B 337 -34.11 -19.12 4.34
N ASP B 338 -33.29 -19.90 3.64
CA ASP B 338 -32.62 -19.44 2.42
C ASP B 338 -33.69 -19.45 1.30
N HIS B 339 -33.48 -18.76 0.17
CA HIS B 339 -32.17 -18.20 -0.25
C HIS B 339 -31.68 -16.82 0.22
N ALA B 340 -32.50 -15.77 0.32
CA ALA B 340 -33.96 -15.80 0.20
C ALA B 340 -34.41 -14.93 -0.97
N GLY B 341 -33.72 -15.06 -2.10
CA GLY B 341 -34.09 -14.35 -3.32
C GLY B 341 -35.41 -14.89 -3.83
N VAL B 342 -35.49 -16.22 -3.84
CA VAL B 342 -36.68 -16.95 -4.29
C VAL B 342 -37.82 -16.91 -3.28
N MET B 343 -37.47 -16.81 -1.99
CA MET B 343 -38.46 -16.67 -0.93
C MET B 343 -39.30 -15.42 -1.12
N GLY B 344 -38.63 -14.32 -1.45
CA GLY B 344 -39.29 -13.05 -1.65
C GLY B 344 -40.28 -13.08 -2.80
N GLU B 345 -39.76 -13.43 -3.98
CA GLU B 345 -40.57 -13.49 -5.21
C GLU B 345 -41.80 -14.39 -5.04
N SER B 346 -41.61 -15.48 -4.30
CA SER B 346 -42.69 -16.41 -3.96
C SER B 346 -43.73 -15.74 -3.09
N ASN B 347 -43.26 -15.12 -2.02
CA ASN B 347 -44.13 -14.48 -1.05
C ASN B 347 -45.03 -13.41 -1.70
N ARG B 348 -44.45 -12.67 -2.66
CA ARG B 348 -45.19 -11.63 -3.41
C ARG B 348 -46.26 -12.19 -4.33
N LEU B 349 -45.98 -13.36 -4.91
CA LEU B 349 -46.95 -14.03 -5.77
C LEU B 349 -48.19 -14.48 -5.00
N LEU B 350 -47.98 -15.00 -3.78
CA LEU B 350 -49.10 -15.34 -2.89
C LEU B 350 -50.06 -14.19 -2.71
N SER B 351 -49.50 -13.03 -2.43
CA SER B 351 -50.24 -11.78 -2.36
C SER B 351 -50.92 -11.51 -3.70
N ALA B 352 -50.12 -11.56 -4.76
CA ALA B 352 -50.57 -11.25 -6.13
C ALA B 352 -51.70 -12.13 -6.66
N LEU B 353 -51.73 -13.39 -6.24
CA LEU B 353 -52.82 -14.31 -6.60
C LEU B 353 -54.15 -13.79 -6.04
N ILE B 354 -54.14 -13.50 -4.74
CA ILE B 354 -55.31 -12.94 -4.05
C ILE B 354 -55.70 -11.60 -4.67
N ARG B 355 -54.75 -10.68 -4.74
CA ARG B 355 -55.03 -9.29 -5.09
C ARG B 355 -55.67 -9.08 -6.46
N HIS B 356 -55.21 -9.84 -7.46
CA HIS B 356 -55.67 -9.65 -8.84
C HIS B 356 -56.94 -10.43 -9.15
N SER B 357 -57.04 -11.64 -8.64
CA SER B 357 -58.23 -12.48 -8.85
C SER B 357 -59.40 -12.03 -8.00
N LYS B 358 -59.11 -11.59 -6.77
CA LYS B 358 -60.13 -11.20 -5.79
C LYS B 358 -61.16 -12.31 -5.59
N SER B 359 -60.70 -13.56 -5.70
CA SER B 359 -61.56 -14.74 -5.66
C SER B 359 -61.62 -15.32 -4.25
N LYS B 360 -62.83 -15.69 -3.84
CA LYS B 360 -63.05 -16.34 -2.55
C LYS B 360 -62.39 -17.71 -2.52
N ASP B 361 -62.41 -18.37 -3.68
CA ASP B 361 -61.81 -19.70 -3.83
C ASP B 361 -60.31 -19.66 -3.65
N VAL B 362 -59.64 -18.74 -4.35
CA VAL B 362 -58.18 -18.67 -4.29
C VAL B 362 -57.71 -18.33 -2.87
N ILE B 363 -58.52 -17.55 -2.15
CA ILE B 363 -58.25 -17.26 -0.74
C ILE B 363 -58.35 -18.55 0.08
N LYS B 364 -59.44 -19.28 -0.09
CA LYS B 364 -59.63 -20.55 0.64
C LYS B 364 -58.52 -21.58 0.33
N THR B 365 -58.00 -21.54 -0.90
CA THR B 365 -56.86 -22.39 -1.27
C THR B 365 -55.63 -22.04 -0.44
N ILE B 366 -55.34 -20.75 -0.36
CA ILE B 366 -54.13 -20.24 0.30
C ILE B 366 -54.21 -20.39 1.83
N VAL B 367 -55.38 -20.11 2.41
CA VAL B 367 -55.53 -20.24 3.86
C VAL B 367 -55.34 -21.70 4.28
N GLN B 368 -55.82 -22.60 3.44
CA GLN B 368 -55.68 -24.05 3.67
C GLN B 368 -54.25 -24.56 3.51
N SER B 369 -53.54 -24.01 2.51
CA SER B 369 -52.12 -24.35 2.31
C SER B 369 -51.24 -23.78 3.41
N GLY B 370 -51.79 -22.85 4.18
CA GLY B 370 -51.14 -22.28 5.35
C GLY B 370 -50.41 -20.98 5.04
N GLY B 371 -50.93 -20.25 4.05
CA GLY B 371 -50.27 -19.08 3.52
C GLY B 371 -50.52 -17.76 4.25
N ILE B 372 -51.45 -17.76 5.19
CA ILE B 372 -51.77 -16.53 5.92
C ILE B 372 -50.56 -16.06 6.72
N LYS B 373 -49.97 -16.96 7.51
CA LYS B 373 -48.81 -16.62 8.36
C LYS B 373 -47.63 -15.98 7.61
N HIS B 374 -47.51 -16.25 6.31
CA HIS B 374 -46.48 -15.65 5.46
C HIS B 374 -46.84 -14.26 4.98
N LEU B 375 -48.06 -14.10 4.48
CA LEU B 375 -48.60 -12.78 4.11
C LEU B 375 -48.56 -11.81 5.29
N VAL B 376 -48.78 -12.32 6.49
CA VAL B 376 -48.68 -11.50 7.71
C VAL B 376 -47.24 -11.04 7.96
N THR B 377 -46.28 -11.97 7.94
CA THR B 377 -44.88 -11.61 8.15
C THR B 377 -44.30 -10.76 7.00
N MET B 378 -44.91 -10.83 5.83
CA MET B 378 -44.55 -9.95 4.70
C MET B 378 -45.02 -8.52 4.93
N ALA B 379 -46.06 -8.34 5.75
CA ALA B 379 -46.52 -7.00 6.15
C ALA B 379 -45.50 -6.24 7.03
N THR B 380 -44.54 -6.98 7.58
CA THR B 380 -43.42 -6.39 8.33
C THR B 380 -42.10 -6.43 7.53
N SER B 381 -42.20 -6.27 6.21
CA SER B 381 -41.02 -6.31 5.33
C SER B 381 -40.36 -4.94 5.23
N GLU B 382 -39.04 -4.93 5.05
CA GLU B 382 -38.29 -3.67 4.96
C GLU B 382 -38.60 -2.87 3.69
N HIS B 383 -39.02 -3.56 2.63
CA HIS B 383 -39.46 -2.91 1.39
C HIS B 383 -40.92 -2.50 1.53
N VAL B 384 -41.21 -1.24 1.26
CA VAL B 384 -42.54 -0.69 1.51
C VAL B 384 -43.57 -1.15 0.46
N ILE B 385 -43.11 -1.51 -0.73
CA ILE B 385 -44.04 -1.97 -1.78
C ILE B 385 -44.65 -3.28 -1.31
N MET B 386 -43.78 -4.20 -0.89
CA MET B 386 -44.21 -5.50 -0.36
C MET B 386 -45.10 -5.34 0.87
N GLN B 387 -44.77 -4.38 1.73
CA GLN B 387 -45.56 -4.15 2.95
C GLN B 387 -47.05 -4.16 2.65
N ASN B 388 -47.50 -3.17 1.88
CA ASN B 388 -48.94 -3.01 1.67
C ASN B 388 -49.54 -4.03 0.68
N GLU B 389 -48.70 -4.66 -0.15
CA GLU B 389 -49.12 -5.83 -0.93
C GLU B 389 -49.65 -6.93 0.00
N ALA B 390 -48.94 -7.15 1.10
CA ALA B 390 -49.41 -8.04 2.16
C ALA B 390 -50.71 -7.51 2.79
N LEU B 391 -50.70 -6.22 3.16
CA LEU B 391 -51.85 -5.58 3.81
C LEU B 391 -53.11 -5.56 2.93
N VAL B 392 -52.92 -5.34 1.64
CA VAL B 392 -54.03 -5.32 0.67
C VAL B 392 -54.57 -6.75 0.44
N ALA B 393 -53.66 -7.70 0.28
CA ALA B 393 -54.05 -9.12 0.20
C ALA B 393 -54.73 -9.60 1.49
N LEU B 394 -54.32 -9.02 2.62
CA LEU B 394 -54.98 -9.25 3.92
C LEU B 394 -56.31 -8.51 4.03
N ALA B 395 -56.38 -7.30 3.45
CA ALA B 395 -57.65 -6.58 3.35
C ALA B 395 -58.68 -7.40 2.57
N LEU B 396 -58.28 -7.93 1.42
CA LEU B 396 -59.14 -8.83 0.63
C LEU B 396 -59.55 -10.08 1.44
N ILE B 397 -58.58 -10.75 2.04
CA ILE B 397 -58.84 -11.92 2.90
C ILE B 397 -59.94 -11.64 3.94
N ALA B 398 -59.91 -10.46 4.53
CA ALA B 398 -60.85 -10.09 5.60
C ALA B 398 -62.23 -9.70 5.07
N ALA B 399 -62.25 -8.92 3.99
CA ALA B 399 -63.51 -8.48 3.38
C ALA B 399 -64.32 -9.65 2.84
N LEU B 400 -63.63 -10.58 2.18
CA LEU B 400 -64.30 -11.68 1.47
C LEU B 400 -64.56 -12.90 2.35
N GLU B 401 -63.50 -13.42 2.98
CA GLU B 401 -63.53 -14.74 3.63
C GLU B 401 -62.92 -14.72 5.04
N LEU B 402 -63.43 -13.82 5.88
CA LEU B 402 -62.90 -13.62 7.24
C LEU B 402 -63.11 -14.83 8.17
N GLY B 403 -64.19 -15.58 7.94
CA GLY B 403 -64.50 -16.75 8.77
C GLY B 403 -63.44 -17.83 8.64
N THR B 404 -63.23 -18.28 7.42
CA THR B 404 -62.24 -19.32 7.10
C THR B 404 -60.81 -18.95 7.48
N ALA B 405 -60.52 -17.65 7.56
CA ALA B 405 -59.19 -17.14 7.87
C ALA B 405 -58.93 -16.84 9.37
N GLU B 406 -59.96 -16.41 10.09
CA GLU B 406 -59.76 -15.80 11.43
C GLU B 406 -58.94 -16.64 12.42
N LYS B 407 -59.06 -17.96 12.35
CA LYS B 407 -58.33 -18.84 13.27
C LYS B 407 -56.81 -18.78 13.03
N ASP B 408 -56.40 -18.93 11.77
CA ASP B 408 -54.98 -18.81 11.38
C ASP B 408 -54.42 -17.39 11.60
N LEU B 409 -55.31 -16.39 11.55
CA LEU B 409 -54.92 -14.98 11.71
C LEU B 409 -54.48 -14.65 13.13
N GLU B 410 -55.20 -15.17 14.13
CA GLU B 410 -54.77 -15.03 15.53
C GLU B 410 -53.43 -15.73 15.75
N SER B 411 -53.29 -16.93 15.18
CA SER B 411 -52.03 -17.71 15.24
C SER B 411 -50.84 -16.86 14.80
N ALA B 412 -51.03 -16.14 13.69
CA ALA B 412 -49.97 -15.32 13.09
C ALA B 412 -49.61 -14.05 13.87
N LYS B 413 -50.47 -13.65 14.79
CA LYS B 413 -50.27 -12.44 15.62
C LYS B 413 -50.44 -11.16 14.78
N LEU B 414 -51.44 -11.15 13.90
CA LEU B 414 -51.64 -10.03 12.96
C LEU B 414 -52.09 -8.77 13.68
N VAL B 415 -53.05 -8.92 14.58
CA VAL B 415 -53.55 -7.82 15.43
C VAL B 415 -52.40 -7.09 16.14
N GLN B 416 -51.49 -7.87 16.72
CA GLN B 416 -50.33 -7.33 17.45
C GLN B 416 -49.39 -6.54 16.52
N ILE B 417 -49.19 -7.07 15.30
CA ILE B 417 -48.35 -6.41 14.29
C ILE B 417 -48.95 -5.08 13.83
N LEU B 418 -50.27 -5.02 13.63
CA LEU B 418 -50.91 -3.79 13.13
C LEU B 418 -50.79 -2.61 14.11
N HIS B 419 -50.90 -2.87 15.40
CA HIS B 419 -50.70 -1.83 16.43
C HIS B 419 -49.24 -1.31 16.40
N ARG B 420 -48.27 -2.21 16.39
CA ARG B 420 -46.84 -1.82 16.22
C ARG B 420 -46.57 -1.10 14.88
N LEU B 421 -47.29 -1.47 13.82
CA LEU B 421 -47.21 -0.76 12.52
C LEU B 421 -47.57 0.71 12.69
N LEU B 422 -48.44 1.00 13.66
CA LEU B 422 -48.58 2.38 14.18
C LEU B 422 -47.33 2.89 14.96
N ALA B 423 -46.20 2.86 14.27
CA ALA B 423 -44.92 3.41 14.73
C ALA B 423 -44.53 4.22 13.52
N ASP B 424 -43.46 4.99 13.58
CA ASP B 424 -43.25 5.97 12.51
C ASP B 424 -42.81 5.32 11.17
N GLU B 425 -43.77 4.68 10.51
CA GLU B 425 -43.64 4.21 9.13
C GLU B 425 -44.66 4.93 8.26
N ARG B 426 -45.25 5.98 8.83
CA ARG B 426 -46.36 6.70 8.20
C ARG B 426 -45.87 7.66 7.10
N SER B 427 -46.74 8.21 6.24
CA SER B 427 -48.16 7.87 6.15
C SER B 427 -48.65 8.04 4.71
N ALA B 428 -49.52 7.14 4.29
CA ALA B 428 -49.97 6.10 5.20
C ALA B 428 -48.72 5.36 5.79
N PRO B 429 -47.75 5.01 4.93
CA PRO B 429 -48.04 4.52 3.62
C PRO B 429 -48.70 3.17 3.82
N GLU B 430 -48.21 2.44 4.83
CA GLU B 430 -48.89 1.24 5.32
C GLU B 430 -50.17 1.63 6.03
N ILE B 431 -50.25 2.86 6.53
CA ILE B 431 -51.32 3.31 7.45
C ILE B 431 -52.73 3.11 6.84
N LYS B 432 -52.80 2.74 5.57
CA LYS B 432 -54.03 2.15 5.01
C LYS B 432 -54.39 0.87 5.80
N TYR B 433 -53.46 0.40 6.63
CA TYR B 433 -53.66 -0.71 7.56
C TYR B 433 -54.80 -0.41 8.54
N ASN B 434 -54.92 0.86 8.94
CA ASN B 434 -56.14 1.31 9.66
C ASN B 434 -57.48 0.89 8.98
N SER B 435 -57.41 0.42 7.74
CA SER B 435 -58.56 -0.24 7.06
C SER B 435 -58.68 -1.75 7.37
N MET B 436 -57.56 -2.49 7.30
CA MET B 436 -57.53 -3.93 7.66
C MET B 436 -57.86 -4.14 9.13
N VAL B 437 -57.59 -3.12 9.94
CA VAL B 437 -58.03 -3.10 11.34
C VAL B 437 -59.54 -2.87 11.41
N LEU B 438 -60.03 -1.84 10.73
CA LEU B 438 -61.47 -1.55 10.70
C LEU B 438 -62.28 -2.76 10.18
N ILE B 439 -61.76 -3.45 9.17
CA ILE B 439 -62.43 -4.63 8.58
C ILE B 439 -62.30 -5.91 9.42
N CYS B 440 -61.11 -6.17 9.97
CA CYS B 440 -60.87 -7.33 10.85
C CYS B 440 -61.64 -7.22 12.17
N ALA B 441 -62.01 -6.00 12.56
CA ALA B 441 -62.71 -5.71 13.83
C ALA B 441 -64.04 -6.43 13.99
N LEU B 442 -64.69 -6.74 12.87
CA LEU B 442 -65.99 -7.41 12.88
C LEU B 442 -65.88 -8.94 12.76
N MET B 443 -65.03 -9.52 13.60
CA MET B 443 -64.93 -10.98 13.77
C MET B 443 -64.81 -11.25 15.27
N GLY B 444 -65.73 -12.03 15.82
CA GLY B 444 -65.81 -12.22 17.29
C GLY B 444 -64.53 -12.81 17.91
N SER B 445 -64.09 -13.97 17.40
CA SER B 445 -62.85 -14.63 17.86
C SER B 445 -61.59 -13.79 17.59
N GLU B 446 -61.71 -12.86 16.64
CA GLU B 446 -60.70 -11.83 16.40
C GLU B 446 -60.81 -10.64 17.38
N CYS B 447 -61.91 -9.89 17.28
CA CYS B 447 -61.94 -8.49 17.73
C CYS B 447 -61.37 -8.14 19.12
N LEU B 448 -61.50 -9.03 20.10
CA LEU B 448 -61.16 -8.69 21.49
C LEU B 448 -59.65 -8.70 21.84
N HIS B 449 -58.79 -8.84 20.83
CA HIS B 449 -57.37 -8.54 20.94
C HIS B 449 -57.17 -7.11 20.43
N LYS B 450 -57.97 -6.73 19.42
CA LYS B 450 -58.05 -5.34 18.95
C LYS B 450 -58.67 -4.41 19.99
N GLU B 451 -59.54 -4.95 20.85
CA GLU B 451 -60.11 -4.17 21.96
C GLU B 451 -59.14 -4.04 23.16
N VAL B 452 -57.86 -4.28 22.92
CA VAL B 452 -56.83 -3.93 23.90
C VAL B 452 -55.45 -3.70 23.26
N GLN B 453 -55.03 -2.46 22.95
CA GLN B 453 -55.77 -1.19 23.14
C GLN B 453 -55.38 -0.14 22.10
N ASP B 454 -55.95 -0.29 20.91
CA ASP B 454 -55.61 0.55 19.76
C ASP B 454 -56.23 1.97 19.74
N LEU B 455 -57.25 2.22 20.58
CA LEU B 455 -57.99 3.50 20.57
C LEU B 455 -57.15 4.78 20.80
N ALA B 456 -56.08 4.63 21.60
CA ALA B 456 -55.18 5.76 21.90
C ALA B 456 -54.32 6.19 20.71
N PHE B 457 -53.89 5.22 19.92
CA PHE B 457 -53.10 5.49 18.69
C PHE B 457 -53.95 6.04 17.52
N LEU B 458 -55.23 5.64 17.45
CA LEU B 458 -56.11 6.03 16.33
C LEU B 458 -56.53 7.50 16.33
N ASP B 459 -56.88 7.99 17.52
CA ASP B 459 -57.32 9.39 17.67
C ASP B 459 -56.16 10.39 17.57
N VAL B 460 -54.94 9.92 17.86
CA VAL B 460 -53.73 10.73 17.67
C VAL B 460 -53.44 10.93 16.19
N VAL B 461 -53.46 9.83 15.44
CA VAL B 461 -53.23 9.83 13.98
C VAL B 461 -54.34 10.56 13.21
N SER B 462 -55.53 10.66 13.81
CA SER B 462 -56.65 11.41 13.23
C SER B 462 -56.35 12.91 13.01
N LYS B 463 -55.47 13.47 13.84
CA LYS B 463 -55.38 14.94 13.96
C LYS B 463 -54.04 15.71 13.74
N LEU B 464 -53.11 15.28 12.87
CA LEU B 464 -53.30 14.30 11.80
C LEU B 464 -51.96 14.18 11.07
N ARG B 465 -51.74 13.11 10.31
CA ARG B 465 -50.51 12.98 9.51
C ARG B 465 -50.47 14.01 8.38
N SER B 466 -49.27 14.32 7.91
CA SER B 466 -49.08 15.25 6.79
C SER B 466 -49.88 14.83 5.56
N HIS B 467 -50.07 13.52 5.37
CA HIS B 467 -50.94 12.99 4.30
C HIS B 467 -52.41 13.28 4.62
N GLU B 468 -53.10 13.89 3.65
CA GLU B 468 -54.54 14.14 3.73
C GLU B 468 -55.30 12.82 3.85
N ASN B 469 -54.85 11.83 3.07
CA ASN B 469 -55.47 10.50 3.04
C ASN B 469 -55.28 9.75 4.36
N LYS B 470 -54.11 9.92 4.97
CA LYS B 470 -53.83 9.29 6.28
C LYS B 470 -54.74 9.79 7.39
N SER B 471 -55.12 11.06 7.35
CA SER B 471 -55.99 11.63 8.38
C SER B 471 -57.41 11.05 8.34
N VAL B 472 -57.99 10.99 7.14
CA VAL B 472 -59.42 10.73 7.01
C VAL B 472 -59.86 9.33 7.45
N ALA B 473 -59.18 8.29 6.95
CA ALA B 473 -59.58 6.91 7.28
C ALA B 473 -59.36 6.66 8.77
N GLN B 474 -58.34 7.34 9.29
CA GLN B 474 -58.01 7.32 10.72
C GLN B 474 -59.07 8.03 11.57
N GLN B 475 -59.61 9.14 11.05
CA GLN B 475 -60.74 9.84 11.68
C GLN B 475 -62.04 9.03 11.56
N ALA B 476 -62.20 8.33 10.44
CA ALA B 476 -63.31 7.38 10.24
C ALA B 476 -63.14 6.12 11.10
N SER B 477 -61.90 5.67 11.26
CA SER B 477 -61.57 4.55 12.16
C SER B 477 -61.82 4.90 13.63
N LEU B 478 -61.67 6.17 13.99
CA LEU B 478 -62.03 6.66 15.33
C LEU B 478 -63.54 6.53 15.58
N THR B 479 -64.34 6.87 14.57
CA THR B 479 -65.81 6.78 14.66
C THR B 479 -66.34 5.33 14.64
N GLU B 480 -65.69 4.47 13.87
CA GLU B 480 -66.04 3.03 13.83
C GLU B 480 -65.65 2.29 15.12
N GLN B 481 -64.56 2.74 15.75
CA GLN B 481 -64.06 2.15 17.01
C GLN B 481 -64.79 2.62 18.29
N ARG B 482 -65.54 3.72 18.18
CA ARG B 482 -66.39 4.21 19.28
C ARG B 482 -67.84 3.71 19.21
N LEU B 483 -68.39 3.66 17.99
CA LEU B 483 -69.82 3.38 17.77
C LEU B 483 -70.17 1.89 17.55
N THR B 484 -69.96 1.39 16.34
CA THR B 484 -70.34 0.03 15.94
C THR B 484 -69.12 -0.73 15.45
N ASP C 16 -8.41 10.63 11.58
CA ASP C 16 -8.32 9.73 12.79
C ASP C 16 -7.45 10.29 13.93
N ALA C 17 -6.45 11.12 13.61
CA ALA C 17 -5.71 11.87 14.64
C ALA C 17 -6.65 12.73 15.48
N GLY C 18 -7.77 13.15 14.88
CA GLY C 18 -8.90 13.71 15.60
C GLY C 18 -9.43 12.77 16.69
N LEU C 19 -9.64 11.50 16.34
CA LEU C 19 -10.19 10.50 17.30
C LEU C 19 -9.21 10.17 18.44
N ILE C 20 -7.91 10.06 18.14
CA ILE C 20 -6.93 9.49 19.08
C ILE C 20 -6.49 10.48 20.16
N SER C 21 -6.17 11.69 19.74
CA SER C 21 -5.71 12.74 20.67
C SER C 21 -6.45 12.75 22.04
N PRO C 22 -7.80 12.71 22.03
CA PRO C 22 -8.58 12.68 23.27
C PRO C 22 -8.52 11.33 23.96
N LEU C 23 -8.56 10.25 23.17
CA LEU C 23 -8.44 8.92 23.74
C LEU C 23 -7.15 8.81 24.55
N VAL C 24 -6.06 9.31 23.97
CA VAL C 24 -4.77 9.26 24.65
C VAL C 24 -4.77 10.13 25.91
N GLN C 25 -5.31 11.33 25.81
CA GLN C 25 -5.38 12.22 26.99
C GLN C 25 -6.30 11.69 28.09
N LEU C 26 -7.19 10.76 27.72
CA LEU C 26 -7.96 10.00 28.71
C LEU C 26 -7.10 9.07 29.55
N LEU C 27 -6.05 8.51 28.95
CA LEU C 27 -5.14 7.61 29.66
C LEU C 27 -4.50 8.22 30.91
N ASN C 28 -4.52 9.55 31.01
CA ASN C 28 -4.03 10.22 32.21
C ASN C 28 -5.00 10.16 33.40
N SER C 29 -6.12 9.46 33.25
CA SER C 29 -7.12 9.40 34.30
C SER C 29 -6.71 8.48 35.44
N LYS C 30 -6.80 9.01 36.65
CA LYS C 30 -6.67 8.22 37.88
C LYS C 30 -7.85 7.28 38.13
N ASP C 31 -8.93 7.39 37.36
CA ASP C 31 -10.09 6.50 37.52
C ASP C 31 -9.91 5.17 36.78
N GLN C 32 -10.11 4.08 37.50
CA GLN C 32 -9.85 2.72 36.99
C GLN C 32 -10.81 2.34 35.86
N GLU C 33 -12.08 2.57 36.12
CA GLU C 33 -13.15 2.34 35.14
C GLU C 33 -12.95 3.15 33.85
N VAL C 34 -12.49 4.40 34.00
CA VAL C 34 -12.26 5.27 32.82
C VAL C 34 -11.26 4.62 31.87
N LEU C 35 -10.15 4.18 32.43
CA LEU C 35 -9.07 3.54 31.67
C LEU C 35 -9.59 2.31 30.95
N LEU C 36 -10.21 1.44 31.74
CA LEU C 36 -10.80 0.19 31.25
C LEU C 36 -11.62 0.39 29.97
N GLN C 37 -12.40 1.46 29.93
CA GLN C 37 -13.23 1.78 28.75
C GLN C 37 -12.44 2.48 27.66
N THR C 38 -11.70 3.54 28.01
CA THR C 38 -10.87 4.25 27.03
C THR C 38 -9.91 3.24 26.39
N GLY C 39 -9.48 2.28 27.20
CA GLY C 39 -8.73 1.10 26.74
C GLY C 39 -9.49 0.23 25.75
N ARG C 40 -10.67 -0.23 26.17
CA ARG C 40 -11.58 -0.99 25.31
C ARG C 40 -11.77 -0.28 23.96
N ALA C 41 -11.87 1.05 24.03
CA ALA C 41 -12.03 1.90 22.84
C ALA C 41 -10.77 1.91 22.00
N LEU C 42 -9.67 2.40 22.58
CA LEU C 42 -8.38 2.39 21.91
C LEU C 42 -8.10 1.05 21.25
N GLY C 43 -8.48 -0.01 21.97
CA GLY C 43 -8.42 -1.38 21.47
C GLY C 43 -8.80 -1.53 20.00
N ASN C 44 -10.09 -1.39 19.71
CA ASN C 44 -10.65 -1.66 18.37
C ASN C 44 -11.37 -0.46 17.79
N ILE C 45 -11.00 0.05 16.61
CA ILE C 45 -9.68 -0.05 15.95
C ILE C 45 -8.82 0.91 16.77
N CYS C 46 -7.53 0.63 17.06
CA CYS C 46 -6.51 0.01 16.17
C CYS C 46 -6.13 -1.49 16.29
N TYR C 47 -7.01 -2.34 15.78
CA TYR C 47 -6.73 -3.75 15.59
C TYR C 47 -7.42 -4.30 14.31
N ASP C 48 -6.73 -4.91 13.35
CA ASP C 48 -5.29 -4.97 13.26
C ASP C 48 -4.85 -3.90 12.29
N SER C 49 -4.39 -2.80 12.84
CA SER C 49 -4.01 -1.64 12.04
C SER C 49 -2.71 -1.06 12.57
N HIS C 50 -1.60 -1.59 12.08
CA HIS C 50 -0.26 -1.20 12.51
C HIS C 50 0.00 0.29 12.27
N SER C 51 -0.61 0.84 11.23
CA SER C 51 -0.51 2.28 10.91
C SER C 51 -0.87 3.15 12.12
N LEU C 52 -2.00 2.85 12.74
CA LEU C 52 -2.48 3.57 13.94
C LEU C 52 -1.62 3.25 15.18
N GLN C 53 -1.31 1.97 15.38
CA GLN C 53 -0.41 1.53 16.47
C GLN C 53 0.90 2.30 16.47
N ALA C 54 1.42 2.50 15.25
CA ALA C 54 2.68 3.22 15.05
C ALA C 54 2.57 4.66 15.52
N GLN C 55 1.44 5.29 15.19
CA GLN C 55 1.16 6.65 15.64
C GLN C 55 1.01 6.75 17.17
N LEU C 56 0.46 5.71 17.78
CA LEU C 56 0.38 5.62 19.26
C LEU C 56 1.75 5.63 19.95
N ILE C 57 2.76 5.10 19.27
CA ILE C 57 4.14 5.10 19.78
C ILE C 57 4.69 6.52 19.82
N ASN C 58 4.47 7.25 18.72
CA ASN C 58 4.86 8.68 18.60
C ASN C 58 4.22 9.58 19.65
N MET C 59 2.98 9.25 20.01
CA MET C 59 2.11 10.11 20.86
C MET C 59 2.69 10.77 22.13
N GLY C 60 3.57 10.14 22.92
CA GLY C 60 3.96 8.73 22.86
C GLY C 60 3.43 8.02 24.08
N VAL C 61 2.70 6.94 23.83
CA VAL C 61 1.89 6.28 24.85
C VAL C 61 2.67 5.28 25.70
N ILE C 62 3.74 4.73 25.12
CA ILE C 62 4.53 3.61 25.73
C ILE C 62 4.99 3.89 27.16
N PRO C 63 5.78 4.96 27.37
CA PRO C 63 6.15 5.31 28.73
C PRO C 63 4.94 5.61 29.64
N THR C 64 3.87 6.16 29.06
CA THR C 64 2.61 6.42 29.81
C THR C 64 1.96 5.12 30.27
N LEU C 65 1.98 4.12 29.39
CA LEU C 65 1.44 2.77 29.69
C LEU C 65 2.23 2.01 30.74
N VAL C 66 3.55 2.11 30.66
CA VAL C 66 4.41 1.46 31.65
C VAL C 66 4.11 2.00 33.04
N LYS C 67 3.88 3.31 33.15
CA LYS C 67 3.47 3.92 34.42
C LYS C 67 2.17 3.30 34.93
N LEU C 68 1.20 3.14 34.02
CA LEU C 68 -0.11 2.55 34.37
C LEU C 68 0.05 1.16 34.94
N LEU C 69 0.74 0.31 34.19
CA LEU C 69 0.99 -1.05 34.62
C LEU C 69 1.50 -1.05 36.05
N GLY C 70 2.41 -0.12 36.33
CA GLY C 70 2.99 0.03 37.67
C GLY C 70 1.98 0.38 38.75
N ILE C 71 1.10 1.34 38.45
CA ILE C 71 0.11 1.83 39.42
C ILE C 71 -1.05 0.84 39.60
N HIS C 72 -1.47 0.19 38.50
CA HIS C 72 -2.62 -0.71 38.52
C HIS C 72 -2.22 -2.18 38.31
N CYS C 73 -1.13 -2.61 38.96
CA CYS C 73 -0.65 -4.00 38.82
C CYS C 73 -1.45 -4.98 39.68
N GLN C 74 -1.86 -4.54 40.87
CA GLN C 74 -2.74 -5.34 41.74
C GLN C 74 -4.18 -5.47 41.21
N ASN C 75 -4.50 -4.71 40.16
CA ASN C 75 -5.70 -4.96 39.34
C ASN C 75 -5.43 -6.05 38.32
N ALA C 76 -6.48 -6.82 37.99
CA ALA C 76 -6.39 -7.93 37.05
C ALA C 76 -6.81 -7.57 35.62
N ALA C 77 -7.86 -6.77 35.51
CA ALA C 77 -8.55 -6.51 34.24
C ALA C 77 -7.75 -5.71 33.20
N LEU C 78 -7.12 -4.63 33.65
CA LEU C 78 -6.37 -3.75 32.73
C LEU C 78 -4.94 -4.26 32.57
N THR C 79 -4.35 -4.72 33.67
CA THR C 79 -3.04 -5.37 33.67
C THR C 79 -2.96 -6.40 32.55
N GLU C 80 -4.01 -7.19 32.36
CA GLU C 80 -4.10 -8.10 31.21
C GLU C 80 -4.04 -7.29 29.92
N MET C 81 -4.95 -6.33 29.80
CA MET C 81 -5.11 -5.50 28.60
C MET C 81 -3.84 -4.69 28.26
N CYS C 82 -3.13 -4.28 29.31
CA CYS C 82 -1.88 -3.56 29.20
C CYS C 82 -0.81 -4.41 28.51
N LEU C 83 -0.66 -5.65 28.98
CA LEU C 83 0.28 -6.64 28.42
C LEU C 83 0.03 -6.93 26.95
N VAL C 84 -1.24 -6.97 26.56
CA VAL C 84 -1.58 -7.30 25.17
C VAL C 84 -1.15 -6.18 24.26
N ALA C 85 -1.33 -4.96 24.76
CA ALA C 85 -0.84 -3.76 24.08
C ALA C 85 0.65 -3.85 23.81
N PHE C 86 1.41 -4.08 24.88
CA PHE C 86 2.87 -4.19 24.76
C PHE C 86 3.27 -5.27 23.75
N GLY C 87 2.66 -6.45 23.86
CA GLY C 87 2.91 -7.56 22.94
C GLY C 87 2.69 -7.18 21.49
N ASN C 88 1.70 -6.33 21.26
CA ASN C 88 1.38 -5.84 19.92
C ASN C 88 2.34 -4.75 19.46
N LEU C 89 2.51 -3.77 20.33
CA LEU C 89 3.41 -2.64 20.06
C LEU C 89 4.86 -3.10 19.83
N ALA C 90 5.33 -4.01 20.66
CA ALA C 90 6.70 -4.55 20.54
C ALA C 90 7.02 -5.10 19.14
N GLU C 91 5.99 -5.51 18.41
CA GLU C 91 6.14 -5.99 17.03
C GLU C 91 6.61 -4.88 16.08
N LEU C 92 6.44 -3.62 16.47
CA LEU C 92 6.94 -2.48 15.69
C LEU C 92 8.39 -2.14 16.06
N GLU C 93 9.13 -1.57 15.11
CA GLU C 93 10.57 -1.35 15.30
C GLU C 93 10.84 -0.22 16.30
N SER C 94 10.16 0.91 16.10
CA SER C 94 10.27 2.08 16.98
C SER C 94 10.13 1.78 18.48
N SER C 95 9.38 0.73 18.80
CA SER C 95 8.95 0.44 20.19
C SER C 95 10.07 0.13 21.18
N LYS C 96 11.04 -0.68 20.76
CA LYS C 96 12.03 -1.26 21.67
C LYS C 96 12.93 -0.20 22.33
N GLU C 97 13.47 0.71 21.52
CA GLU C 97 14.26 1.85 22.03
C GLU C 97 13.48 2.65 23.06
N GLN C 98 12.21 2.89 22.74
CA GLN C 98 11.26 3.55 23.64
C GLN C 98 11.03 2.72 24.90
N PHE C 99 10.76 1.42 24.73
CA PHE C 99 10.61 0.51 25.88
C PHE C 99 11.83 0.54 26.79
N ALA C 100 13.03 0.59 26.22
CA ALA C 100 14.25 0.57 27.03
C ALA C 100 14.42 1.79 27.94
N SER C 101 13.83 2.92 27.57
CA SER C 101 13.78 4.08 28.48
C SER C 101 12.96 3.74 29.72
N THR C 102 11.98 2.89 29.50
CA THR C 102 10.95 2.56 30.47
C THR C 102 11.51 1.76 31.63
N ASN C 103 10.74 1.72 32.70
CA ASN C 103 11.02 0.83 33.79
C ASN C 103 10.39 -0.57 33.59
N ILE C 104 10.09 -0.92 32.34
CA ILE C 104 9.25 -2.08 32.04
C ILE C 104 9.89 -3.42 32.38
N ALA C 105 11.21 -3.47 32.30
CA ALA C 105 11.97 -4.65 32.71
C ALA C 105 11.68 -5.00 34.16
N GLU C 106 11.86 -4.02 35.04
CA GLU C 106 11.56 -4.17 36.47
C GLU C 106 10.09 -4.52 36.73
N GLU C 107 9.20 -3.90 35.97
CA GLU C 107 7.75 -4.01 36.21
C GLU C 107 7.16 -5.35 35.77
N LEU C 108 7.74 -5.94 34.72
CA LEU C 108 7.32 -7.26 34.23
C LEU C 108 7.81 -8.38 35.14
N VAL C 109 9.01 -8.22 35.68
CA VAL C 109 9.57 -9.20 36.61
C VAL C 109 8.79 -9.14 37.93
N LYS C 110 8.61 -7.92 38.44
CA LYS C 110 7.84 -7.67 39.66
C LYS C 110 6.42 -8.26 39.58
N LEU C 111 5.93 -8.38 38.34
CA LEU C 111 4.65 -9.01 38.04
C LEU C 111 4.76 -10.53 37.93
N PHE C 112 5.78 -11.00 37.21
CA PHE C 112 6.00 -12.44 37.01
C PHE C 112 6.12 -13.20 38.34
N LYS C 113 6.71 -12.55 39.35
CA LYS C 113 6.79 -13.14 40.70
C LYS C 113 5.41 -13.29 41.32
N LYS C 114 4.66 -12.18 41.34
CA LYS C 114 3.35 -12.11 41.99
C LYS C 114 2.40 -13.17 41.43
N GLN C 115 2.31 -13.21 40.11
CA GLN C 115 1.40 -14.11 39.45
C GLN C 115 1.92 -15.53 39.51
N ILE C 116 0.98 -16.47 39.52
CA ILE C 116 1.31 -17.90 39.54
C ILE C 116 0.60 -18.77 38.50
N GLU C 117 -0.62 -18.40 38.10
CA GLU C 117 -1.45 -19.27 37.27
C GLU C 117 -0.78 -19.43 35.92
N HIS C 118 -0.88 -20.62 35.35
CA HIS C 118 -0.17 -20.89 34.09
C HIS C 118 -0.55 -19.92 32.97
N ASP C 119 -1.84 -19.63 32.85
CA ASP C 119 -2.33 -18.69 31.84
C ASP C 119 -1.71 -17.30 31.99
N LYS C 120 -1.65 -16.81 33.22
CA LYS C 120 -1.18 -15.44 33.50
C LYS C 120 0.32 -15.25 33.24
N ARG C 121 1.09 -16.31 33.39
CA ARG C 121 2.53 -16.27 33.08
C ARG C 121 2.79 -16.24 31.59
N GLU C 122 2.21 -17.21 30.88
CA GLU C 122 2.38 -17.31 29.41
C GLU C 122 2.12 -15.99 28.68
N MET C 123 1.26 -15.16 29.26
CA MET C 123 0.99 -13.81 28.73
C MET C 123 2.19 -12.90 28.97
N ILE C 124 2.74 -12.94 30.18
CA ILE C 124 3.93 -12.15 30.53
C ILE C 124 5.14 -12.65 29.74
N PHE C 125 5.25 -13.96 29.55
CA PHE C 125 6.30 -14.52 28.69
C PHE C 125 6.24 -13.95 27.26
N GLU C 126 5.04 -13.85 26.70
CA GLU C 126 4.89 -13.36 25.31
C GLU C 126 5.16 -11.87 25.14
N VAL C 127 5.32 -11.16 26.26
CA VAL C 127 5.86 -9.80 26.26
C VAL C 127 7.39 -9.79 26.36
N LEU C 128 7.94 -10.58 27.30
CA LEU C 128 9.40 -10.68 27.53
C LEU C 128 10.18 -11.08 26.28
N ALA C 129 9.69 -12.11 25.61
CA ALA C 129 10.38 -12.71 24.47
C ALA C 129 10.72 -11.74 23.34
N PRO C 130 9.77 -10.91 22.89
CA PRO C 130 10.12 -9.92 21.87
C PRO C 130 10.89 -8.72 22.43
N LEU C 131 10.53 -8.29 23.63
CA LEU C 131 11.28 -7.22 24.33
C LEU C 131 12.72 -7.64 24.62
N ALA C 132 12.94 -8.93 24.83
CA ALA C 132 14.29 -9.46 25.11
C ALA C 132 15.24 -9.31 23.93
N GLU C 133 14.72 -9.36 22.71
CA GLU C 133 15.56 -9.21 21.51
C GLU C 133 16.42 -7.94 21.52
N ASN C 134 15.92 -6.91 22.20
CA ASN C 134 16.70 -5.68 22.46
C ASN C 134 17.81 -5.93 23.48
N ASP C 135 19.06 -5.93 23.01
CA ASP C 135 20.23 -6.32 23.85
C ASP C 135 20.29 -5.54 25.15
N ALA C 136 19.85 -4.28 25.12
CA ALA C 136 19.84 -3.45 26.32
C ALA C 136 18.77 -3.88 27.33
N ILE C 137 17.61 -4.32 26.83
CA ILE C 137 16.53 -4.85 27.71
C ILE C 137 17.06 -6.07 28.47
N LYS C 138 17.77 -6.95 27.76
CA LYS C 138 18.36 -8.15 28.34
C LYS C 138 19.03 -7.83 29.65
N LEU C 139 20.01 -6.92 29.59
CA LEU C 139 20.70 -6.50 30.81
C LEU C 139 19.72 -6.05 31.91
N GLN C 140 18.76 -5.21 31.54
CA GLN C 140 17.78 -4.68 32.49
C GLN C 140 17.00 -5.79 33.18
N LEU C 141 16.60 -6.79 32.39
CA LEU C 141 15.88 -7.96 32.92
C LEU C 141 16.73 -8.77 33.90
N VAL C 142 18.02 -8.96 33.59
CA VAL C 142 18.94 -9.72 34.48
C VAL C 142 19.16 -8.93 35.77
N GLU C 143 19.34 -7.61 35.63
CA GLU C 143 19.47 -6.70 36.78
C GLU C 143 18.21 -6.71 37.68
N ALA C 144 17.05 -6.81 37.06
CA ALA C 144 15.77 -6.89 37.79
C ALA C 144 15.58 -8.23 38.51
N GLY C 145 16.20 -9.28 37.97
CA GLY C 145 16.20 -10.61 38.58
C GLY C 145 15.27 -11.61 37.90
N LEU C 146 15.21 -11.55 36.57
CA LEU C 146 14.39 -12.46 35.81
C LEU C 146 15.04 -13.84 35.83
N VAL C 147 16.36 -13.82 35.60
CA VAL C 147 17.21 -15.01 35.64
C VAL C 147 16.96 -15.90 36.86
N GLU C 148 16.71 -15.28 38.00
CA GLU C 148 16.44 -16.01 39.24
C GLU C 148 15.12 -16.79 39.11
N CYS C 149 14.06 -16.08 38.75
CA CYS C 149 12.73 -16.67 38.57
C CYS C 149 12.78 -17.80 37.56
N LEU C 150 13.31 -17.51 36.38
CA LEU C 150 13.46 -18.50 35.30
C LEU C 150 14.04 -19.83 35.77
N LEU C 151 15.10 -19.76 36.57
CA LEU C 151 15.76 -20.97 37.05
C LEU C 151 14.88 -21.76 38.01
N GLU C 152 14.16 -21.07 38.90
CA GLU C 152 13.22 -21.73 39.81
C GLU C 152 12.05 -22.40 39.07
N ILE C 153 11.64 -21.81 37.95
CA ILE C 153 10.59 -22.42 37.10
C ILE C 153 11.12 -23.74 36.51
N VAL C 154 12.39 -23.75 36.12
CA VAL C 154 13.04 -24.97 35.59
C VAL C 154 13.11 -26.04 36.69
N GLN C 155 13.71 -25.67 37.81
CA GLN C 155 13.95 -26.56 38.95
C GLN C 155 12.70 -27.30 39.45
N GLN C 156 11.63 -26.54 39.70
CA GLN C 156 10.34 -27.15 40.12
C GLN C 156 9.87 -28.23 39.17
N LYS C 157 9.90 -27.92 37.88
CA LYS C 157 9.18 -28.68 36.86
C LYS C 157 10.09 -29.58 36.00
N VAL C 158 11.21 -30.02 36.55
CA VAL C 158 12.20 -30.81 35.81
C VAL C 158 11.66 -32.20 35.50
N ASP C 159 11.14 -32.86 36.53
CA ASP C 159 10.63 -34.23 36.37
C ASP C 159 9.10 -34.28 36.31
N SER C 160 8.45 -33.12 36.43
CA SER C 160 7.00 -33.03 36.25
C SER C 160 6.65 -33.24 34.78
N ASP C 161 5.59 -34.01 34.53
CA ASP C 161 5.15 -34.33 33.17
C ASP C 161 3.74 -33.81 32.85
N LYS C 162 3.39 -32.67 33.44
CA LYS C 162 2.14 -31.98 33.08
C LYS C 162 2.45 -31.24 31.78
N GLU C 163 1.60 -31.38 30.76
CA GLU C 163 1.85 -30.73 29.46
C GLU C 163 2.04 -29.21 29.56
N ASP C 164 1.35 -28.60 30.51
CA ASP C 164 1.57 -27.18 30.87
C ASP C 164 2.98 -26.97 31.42
N ASP C 165 3.38 -27.83 32.34
CA ASP C 165 4.68 -27.71 33.02
C ASP C 165 5.90 -27.92 32.10
N ILE C 166 5.80 -28.83 31.14
CA ILE C 166 6.95 -29.03 30.22
C ILE C 166 7.14 -27.85 29.28
N THR C 167 6.05 -27.16 28.93
CA THR C 167 6.13 -25.98 28.07
C THR C 167 6.53 -24.73 28.88
N GLU C 168 6.13 -24.66 30.15
CA GLU C 168 6.64 -23.60 31.05
C GLU C 168 8.16 -23.77 31.29
N LEU C 169 8.62 -25.02 31.25
CA LEU C 169 10.05 -25.34 31.34
C LEU C 169 10.80 -24.89 30.11
N LYS C 170 10.28 -25.29 28.95
CA LYS C 170 10.87 -24.93 27.66
C LYS C 170 11.00 -23.43 27.49
N THR C 171 9.95 -22.70 27.88
CA THR C 171 9.96 -21.24 27.79
C THR C 171 11.11 -20.67 28.62
N GLY C 172 11.11 -20.98 29.92
CA GLY C 172 12.12 -20.47 30.85
C GLY C 172 13.55 -20.84 30.46
N SER C 173 13.73 -22.09 30.05
CA SER C 173 15.05 -22.57 29.62
C SER C 173 15.51 -21.88 28.34
N ASP C 174 14.68 -21.87 27.30
CA ASP C 174 15.05 -21.24 26.02
C ASP C 174 15.20 -19.72 26.14
N LEU C 175 14.45 -19.11 27.06
CA LEU C 175 14.56 -17.67 27.32
C LEU C 175 15.90 -17.31 27.99
N MET C 176 16.34 -18.20 28.89
CA MET C 176 17.67 -18.08 29.52
C MET C 176 18.75 -18.05 28.45
N VAL C 177 18.60 -18.92 27.45
CA VAL C 177 19.50 -18.98 26.31
C VAL C 177 19.47 -17.66 25.57
N LEU C 178 18.26 -17.19 25.28
CA LEU C 178 18.08 -15.92 24.56
C LEU C 178 18.81 -14.78 25.27
N LEU C 179 18.54 -14.63 26.56
CA LEU C 179 19.24 -13.63 27.40
C LEU C 179 20.78 -13.66 27.29
N LEU C 180 21.35 -14.84 27.05
CA LEU C 180 22.81 -15.01 26.90
C LEU C 180 23.36 -14.60 25.52
N LEU C 181 22.50 -14.08 24.64
CA LEU C 181 22.94 -13.53 23.36
C LEU C 181 23.37 -12.05 23.47
N GLY C 182 22.87 -11.37 24.48
CA GLY C 182 23.30 -10.02 24.79
C GLY C 182 24.68 -10.10 25.43
N ASP C 183 25.64 -9.38 24.85
CA ASP C 183 27.03 -9.48 25.30
C ASP C 183 27.20 -8.97 26.72
N GLU C 184 26.62 -7.83 27.02
CA GLU C 184 26.70 -7.27 28.37
C GLU C 184 26.02 -8.16 29.41
N SER C 185 24.79 -8.60 29.08
CA SER C 185 24.00 -9.43 29.98
C SER C 185 24.65 -10.79 30.26
N MET C 186 25.13 -11.45 29.19
CA MET C 186 25.84 -12.74 29.30
C MET C 186 27.05 -12.62 30.22
N GLN C 187 27.92 -11.66 29.91
CA GLN C 187 29.15 -11.42 30.67
C GLN C 187 28.87 -11.14 32.14
N LYS C 188 27.71 -10.59 32.45
CA LYS C 188 27.28 -10.42 33.83
C LYS C 188 26.95 -11.76 34.52
N LEU C 189 26.39 -12.70 33.77
CA LEU C 189 25.90 -13.99 34.33
C LEU C 189 27.03 -15.03 34.48
N PHE C 190 27.89 -15.09 33.47
CA PHE C 190 29.19 -15.79 33.52
C PHE C 190 30.03 -14.96 34.48
N GLU C 191 30.14 -15.40 35.73
CA GLU C 191 30.37 -14.44 36.82
C GLU C 191 31.78 -14.08 37.37
N GLY C 192 32.92 -14.50 36.81
CA GLY C 192 33.07 -15.34 35.62
C GLY C 192 32.94 -16.81 35.93
N GLY C 193 32.40 -17.55 34.97
CA GLY C 193 32.24 -19.00 35.05
C GLY C 193 33.46 -19.73 35.57
N LYS C 194 33.35 -20.40 36.72
CA LYS C 194 32.07 -20.69 37.40
C LYS C 194 31.61 -19.58 38.39
N GLY C 195 30.41 -19.07 38.14
CA GLY C 195 29.69 -18.17 39.05
C GLY C 195 28.51 -18.89 39.68
N SER C 196 27.48 -18.15 40.05
CA SER C 196 26.32 -18.74 40.75
C SER C 196 25.21 -19.19 39.81
N VAL C 197 25.09 -18.52 38.67
CA VAL C 197 24.11 -18.90 37.64
C VAL C 197 24.71 -19.94 36.72
N PHE C 198 25.86 -19.59 36.14
CA PHE C 198 26.56 -20.44 35.16
C PHE C 198 26.70 -21.86 35.65
N GLN C 199 26.97 -22.02 36.95
CA GLN C 199 26.98 -23.32 37.57
C GLN C 199 25.65 -24.03 37.39
N ARG C 200 24.59 -23.35 37.82
CA ARG C 200 23.23 -23.91 37.78
C ARG C 200 22.78 -24.24 36.34
N VAL C 201 23.31 -23.50 35.35
CA VAL C 201 23.02 -23.78 33.92
C VAL C 201 23.86 -24.95 33.40
N LEU C 202 25.09 -25.07 33.89
CA LEU C 202 25.96 -26.21 33.58
C LEU C 202 25.31 -27.53 33.91
N SER C 203 24.75 -27.61 35.12
CA SER C 203 24.09 -28.81 35.63
C SER C 203 22.97 -29.35 34.74
N TRP C 204 22.47 -28.51 33.81
CA TRP C 204 21.50 -28.96 32.81
C TRP C 204 22.08 -30.00 31.82
N ILE C 205 23.41 -30.01 31.64
CA ILE C 205 24.04 -30.89 30.64
C ILE C 205 24.22 -32.33 31.14
N PRO C 206 24.57 -32.51 32.43
CA PRO C 206 24.44 -33.83 33.04
C PRO C 206 23.00 -34.34 33.14
N SER C 207 22.05 -33.43 33.25
CA SER C 207 20.63 -33.80 33.41
C SER C 207 20.08 -34.61 32.24
N ASN C 208 19.06 -35.39 32.55
CA ASN C 208 18.43 -36.30 31.58
C ASN C 208 17.12 -35.74 31.03
N ASN C 209 16.95 -34.43 31.15
CA ASN C 209 15.80 -33.70 30.58
C ASN C 209 16.20 -33.14 29.21
N HIS C 210 15.78 -33.83 28.16
CA HIS C 210 16.22 -33.50 26.81
C HIS C 210 16.24 -32.00 26.49
N GLN C 211 15.26 -31.26 26.99
CA GLN C 211 15.23 -29.80 26.79
C GLN C 211 16.42 -29.16 27.49
N LEU C 212 16.55 -29.42 28.78
CA LEU C 212 17.67 -28.87 29.57
C LEU C 212 19.04 -29.16 28.97
N GLN C 213 19.20 -30.36 28.43
CA GLN C 213 20.42 -30.70 27.70
C GLN C 213 20.61 -29.69 26.60
N LEU C 214 19.56 -29.50 25.80
CA LEU C 214 19.60 -28.57 24.68
C LEU C 214 19.93 -27.15 25.12
N ALA C 215 19.15 -26.63 26.07
CA ALA C 215 19.38 -25.29 26.62
C ALA C 215 20.81 -25.11 27.11
N GLY C 216 21.24 -26.05 27.95
CA GLY C 216 22.57 -26.02 28.54
C GLY C 216 23.68 -25.91 27.51
N ALA C 217 23.66 -26.81 26.54
CA ALA C 217 24.65 -26.79 25.45
C ALA C 217 24.66 -25.43 24.74
N LEU C 218 23.46 -24.95 24.43
CA LEU C 218 23.31 -23.66 23.73
C LEU C 218 23.78 -22.49 24.61
N ALA C 219 23.33 -22.47 25.85
CA ALA C 219 23.79 -21.49 26.85
C ALA C 219 25.32 -21.45 26.88
N ILE C 220 25.92 -22.63 27.06
CA ILE C 220 27.39 -22.76 27.10
C ILE C 220 28.00 -22.10 25.86
N ALA C 221 27.59 -22.56 24.70
CA ALA C 221 28.10 -22.01 23.45
C ALA C 221 27.99 -20.50 23.39
N ASN C 222 26.89 -19.95 23.93
CA ASN C 222 26.67 -18.50 23.97
C ASN C 222 27.57 -17.80 25.00
N PHE C 223 27.82 -18.46 26.12
CA PHE C 223 28.84 -18.01 27.07
C PHE C 223 30.20 -17.99 26.36
N ALA C 224 30.48 -19.07 25.66
CA ALA C 224 31.72 -19.26 24.90
C ALA C 224 31.74 -18.40 23.63
N ARG C 225 31.84 -17.08 23.81
CA ARG C 225 31.87 -16.15 22.66
C ARG C 225 32.98 -15.08 22.72
N ASN C 226 33.98 -15.30 23.56
CA ASN C 226 35.22 -14.51 23.57
C ASN C 226 36.36 -15.37 24.09
N ASP C 227 37.57 -15.07 23.64
CA ASP C 227 38.74 -15.90 23.96
C ASP C 227 38.77 -16.25 25.44
N ALA C 228 38.75 -15.21 26.27
CA ALA C 228 38.96 -15.35 27.73
C ALA C 228 37.97 -16.27 28.42
N ASN C 229 36.70 -16.16 28.05
CA ASN C 229 35.66 -17.03 28.58
C ASN C 229 35.91 -18.49 28.19
N CYS C 230 36.18 -18.72 26.91
CA CYS C 230 36.41 -20.08 26.39
C CYS C 230 37.60 -20.78 27.05
N ILE C 231 38.64 -20.01 27.35
CA ILE C 231 39.81 -20.54 28.06
C ILE C 231 39.37 -21.02 29.44
N HIS C 232 38.84 -20.08 30.21
CA HIS C 232 38.41 -20.30 31.60
C HIS C 232 37.35 -21.40 31.75
N MET C 233 36.73 -21.81 30.64
CA MET C 233 35.78 -22.94 30.64
C MET C 233 36.48 -24.26 30.35
N VAL C 234 37.35 -24.27 29.34
CA VAL C 234 38.07 -25.50 28.98
C VAL C 234 38.85 -26.00 30.19
N ASP C 235 39.47 -25.07 30.92
CA ASP C 235 40.27 -25.38 32.13
C ASP C 235 39.45 -25.90 33.31
N ASN C 236 38.16 -25.57 33.36
CA ASN C 236 37.26 -26.07 34.39
C ASN C 236 36.35 -27.25 33.98
N GLY C 237 36.77 -27.97 32.94
CA GLY C 237 36.15 -29.25 32.56
C GLY C 237 34.77 -29.18 31.93
N ILE C 238 34.55 -28.15 31.12
CA ILE C 238 33.31 -28.02 30.33
C ILE C 238 33.41 -28.95 29.12
N VAL C 239 34.62 -29.08 28.58
CA VAL C 239 34.86 -29.88 27.36
C VAL C 239 34.53 -31.34 27.63
N GLU C 240 34.84 -31.78 28.84
CA GLU C 240 34.63 -33.17 29.26
C GLU C 240 33.12 -33.45 29.39
N LYS C 241 32.40 -32.52 30.02
CA LYS C 241 30.93 -32.63 30.20
C LYS C 241 30.15 -32.65 28.88
N LEU C 242 30.61 -31.88 27.91
CA LEU C 242 29.96 -31.85 26.58
C LEU C 242 30.12 -33.19 25.82
N MET C 243 31.28 -33.82 25.97
CA MET C 243 31.53 -35.12 25.33
C MET C 243 30.65 -36.22 25.91
N ASP C 244 30.38 -36.15 27.22
CA ASP C 244 29.44 -37.07 27.89
C ASP C 244 28.04 -36.96 27.29
N LEU C 245 27.64 -35.74 26.98
CA LEU C 245 26.35 -35.47 26.33
C LEU C 245 26.33 -36.03 24.92
N LEU C 246 27.38 -35.81 24.16
CA LEU C 246 27.49 -36.36 22.80
C LEU C 246 27.46 -37.89 22.83
N ASP C 247 28.26 -38.48 23.71
CA ASP C 247 28.33 -39.95 23.87
C ASP C 247 26.97 -40.56 24.23
N ARG C 248 26.13 -39.79 24.91
CA ARG C 248 24.75 -40.22 25.17
C ARG C 248 23.88 -40.26 23.92
N HIS C 249 24.08 -39.32 23.01
CA HIS C 249 23.22 -39.21 21.81
C HIS C 249 23.84 -39.71 20.51
N VAL C 250 24.63 -40.78 20.58
CA VAL C 250 25.36 -41.25 19.40
C VAL C 250 24.48 -42.02 18.43
N GLU C 251 23.71 -42.96 18.97
CA GLU C 251 22.67 -43.63 18.19
C GLU C 251 21.33 -43.01 18.62
N ASP C 252 20.58 -42.56 17.62
CA ASP C 252 19.84 -41.30 17.72
C ASP C 252 19.01 -41.11 18.98
N GLY C 253 19.26 -39.97 19.61
CA GLY C 253 18.43 -39.41 20.65
C GLY C 253 17.86 -38.17 20.01
N ASN C 254 18.55 -37.05 20.20
CA ASN C 254 18.21 -35.85 19.49
C ASN C 254 19.31 -35.30 18.61
N VAL C 255 18.96 -34.99 17.36
CA VAL C 255 19.85 -34.26 16.44
C VAL C 255 20.05 -32.81 16.90
N THR C 256 18.93 -32.16 17.23
CA THR C 256 18.92 -30.84 17.87
C THR C 256 20.01 -30.68 18.97
N VAL C 257 20.21 -31.71 19.81
CA VAL C 257 21.17 -31.67 20.94
C VAL C 257 22.61 -31.94 20.48
N GLN C 258 22.76 -32.91 19.58
CA GLN C 258 24.06 -33.17 18.94
C GLN C 258 24.64 -31.83 18.49
N HIS C 259 23.85 -31.15 17.66
CA HIS C 259 24.18 -29.82 17.15
C HIS C 259 24.61 -28.82 18.23
N ALA C 260 23.75 -28.63 19.21
CA ALA C 260 23.99 -27.64 20.27
C ALA C 260 25.31 -27.87 20.99
N ALA C 261 25.59 -29.14 21.27
CA ALA C 261 26.82 -29.55 21.96
C ALA C 261 28.06 -29.35 21.09
N LEU C 262 28.00 -29.86 19.87
CA LEU C 262 29.02 -29.61 18.84
C LEU C 262 29.30 -28.13 18.65
N SER C 263 28.22 -27.38 18.49
CA SER C 263 28.28 -25.92 18.30
C SER C 263 29.06 -25.19 19.42
N ALA C 264 28.93 -25.69 20.65
CA ALA C 264 29.70 -25.17 21.79
C ALA C 264 31.18 -25.52 21.66
N LEU C 265 31.47 -26.77 21.34
CA LEU C 265 32.86 -27.23 21.20
C LEU C 265 33.58 -26.37 20.17
N ARG C 266 32.98 -26.27 18.98
CA ARG C 266 33.44 -25.38 17.91
C ARG C 266 33.92 -24.02 18.46
N ASN C 267 33.08 -23.37 19.26
CA ASN C 267 33.46 -22.10 19.91
C ASN C 267 34.60 -22.22 20.91
N LEU C 268 34.55 -23.24 21.76
CA LEU C 268 35.58 -23.43 22.78
C LEU C 268 36.97 -23.70 22.18
N ALA C 269 36.98 -24.17 20.93
CA ALA C 269 38.21 -24.48 20.18
C ALA C 269 38.68 -23.33 19.28
N ILE C 270 38.11 -22.15 19.45
CA ILE C 270 38.57 -20.96 18.70
C ILE C 270 40.00 -20.54 19.10
N PRO C 271 40.22 -20.24 20.39
CA PRO C 271 41.49 -19.67 20.75
C PRO C 271 42.58 -20.72 20.68
N VAL C 272 43.80 -20.27 20.34
CA VAL C 272 44.93 -21.17 20.06
C VAL C 272 45.30 -22.03 21.28
N ILE C 273 45.21 -21.42 22.46
CA ILE C 273 45.53 -22.05 23.73
C ILE C 273 44.70 -23.33 23.95
N ASN C 274 43.40 -23.25 23.74
CA ASN C 274 42.49 -24.40 23.95
C ASN C 274 42.61 -25.52 22.90
N LYS C 275 43.14 -25.19 21.73
CA LYS C 275 43.21 -26.16 20.62
C LYS C 275 43.96 -27.42 21.06
N ALA C 276 45.12 -27.20 21.64
CA ALA C 276 45.93 -28.26 22.24
C ALA C 276 45.11 -29.01 23.30
N LYS C 277 44.70 -28.28 24.33
CA LYS C 277 44.06 -28.83 25.52
C LYS C 277 42.87 -29.73 25.20
N MET C 278 42.14 -29.41 24.12
CA MET C 278 40.95 -30.17 23.74
C MET C 278 41.30 -31.47 23.00
N LEU C 279 42.40 -31.46 22.24
CA LEU C 279 42.86 -32.68 21.56
C LEU C 279 43.28 -33.74 22.56
N SER C 280 44.01 -33.31 23.59
CA SER C 280 44.44 -34.19 24.70
C SER C 280 43.26 -34.86 25.42
N ALA C 281 42.19 -34.10 25.62
CA ALA C 281 40.96 -34.62 26.21
C ALA C 281 40.20 -35.56 25.25
N GLY C 282 40.49 -35.44 23.96
CA GLY C 282 40.02 -36.37 22.93
C GLY C 282 38.73 -36.00 22.24
N VAL C 283 38.56 -34.70 22.00
CA VAL C 283 37.35 -34.17 21.36
C VAL C 283 37.28 -34.69 19.93
N THR C 284 38.42 -34.65 19.25
CA THR C 284 38.54 -35.12 17.88
C THR C 284 37.94 -36.54 17.71
N GLU C 285 38.14 -37.41 18.70
CA GLU C 285 37.54 -38.77 18.67
C GLU C 285 36.02 -38.73 18.79
N ALA C 286 35.55 -38.18 19.91
CA ALA C 286 34.11 -38.10 20.23
C ALA C 286 33.28 -37.42 19.15
N VAL C 287 33.87 -36.39 18.54
CA VAL C 287 33.23 -35.62 17.46
C VAL C 287 33.07 -36.48 16.20
N LEU C 288 34.09 -37.27 15.86
CA LEU C 288 34.05 -38.11 14.65
C LEU C 288 32.98 -39.20 14.63
N LYS C 289 32.45 -39.55 15.81
CA LYS C 289 31.33 -40.50 15.92
C LYS C 289 30.08 -40.07 15.13
N PHE C 290 29.96 -38.78 14.87
CA PHE C 290 28.87 -38.25 14.06
C PHE C 290 29.26 -37.99 12.59
N LEU C 291 30.28 -38.69 12.10
CA LEU C 291 30.60 -38.65 10.67
C LEU C 291 29.46 -39.23 9.86
N LYS C 292 28.89 -40.32 10.37
CA LYS C 292 27.75 -40.99 9.69
C LYS C 292 26.52 -40.10 9.58
N SER C 293 26.36 -39.14 10.50
CA SER C 293 25.12 -38.35 10.58
C SER C 293 24.77 -37.75 9.22
N GLU C 294 23.49 -37.81 8.88
CA GLU C 294 22.99 -37.28 7.61
C GLU C 294 22.25 -35.95 7.80
N MET C 295 22.49 -35.32 8.95
CA MET C 295 21.87 -34.02 9.29
C MET C 295 22.85 -32.86 9.06
N PRO C 296 22.60 -32.05 8.02
CA PRO C 296 23.59 -31.05 7.62
C PRO C 296 24.11 -30.15 8.76
N PRO C 297 23.22 -29.63 9.63
CA PRO C 297 23.67 -28.81 10.76
C PRO C 297 24.61 -29.51 11.71
N VAL C 298 24.43 -30.82 11.87
CA VAL C 298 25.33 -31.64 12.68
C VAL C 298 26.62 -31.86 11.90
N GLN C 299 26.49 -32.14 10.60
CA GLN C 299 27.65 -32.26 9.71
C GLN C 299 28.49 -30.97 9.73
N PHE C 300 27.81 -29.84 9.78
CA PHE C 300 28.46 -28.53 9.72
C PHE C 300 29.35 -28.26 10.92
N LYS C 301 28.75 -28.37 12.10
CA LYS C 301 29.46 -28.09 13.35
C LYS C 301 30.47 -29.19 13.72
N LEU C 302 30.30 -30.38 13.15
CA LEU C 302 31.36 -31.41 13.16
C LEU C 302 32.59 -30.86 12.42
N LEU C 303 32.42 -30.60 11.13
CA LEU C 303 33.49 -30.04 10.27
C LEU C 303 34.09 -28.73 10.77
N GLY C 304 33.26 -27.94 11.45
CA GLY C 304 33.74 -26.71 12.10
C GLY C 304 34.74 -27.04 13.18
N THR C 305 34.32 -27.89 14.11
CA THR C 305 35.13 -28.23 15.28
C THR C 305 36.44 -28.91 14.88
N LEU C 306 36.41 -29.76 13.86
CA LEU C 306 37.65 -30.36 13.33
C LEU C 306 38.61 -29.27 12.86
N ARG C 307 38.13 -28.35 12.02
CA ARG C 307 38.99 -27.33 11.40
C ARG C 307 39.62 -26.40 12.43
N MET C 308 38.90 -26.14 13.51
CA MET C 308 39.42 -25.32 14.62
C MET C 308 40.43 -26.07 15.47
N LEU C 309 40.20 -27.36 15.68
CA LEU C 309 41.12 -28.18 16.50
C LEU C 309 42.49 -28.36 15.84
N ILE C 310 42.55 -28.39 14.52
CA ILE C 310 43.79 -28.71 13.84
C ILE C 310 44.56 -27.48 13.36
N ASP C 311 44.10 -26.29 13.74
CA ASP C 311 44.55 -25.07 13.07
C ASP C 311 46.07 -24.88 13.04
N ALA C 312 46.69 -24.89 14.21
CA ALA C 312 48.14 -24.72 14.29
C ALA C 312 48.81 -26.04 14.70
N GLN C 313 47.98 -27.01 15.05
CA GLN C 313 48.43 -28.30 15.53
C GLN C 313 48.72 -29.18 14.32
N ALA C 314 49.98 -29.52 14.12
CA ALA C 314 50.38 -30.28 12.95
C ALA C 314 50.15 -31.77 13.15
N GLU C 315 50.60 -32.29 14.29
CA GLU C 315 50.55 -33.74 14.52
C GLU C 315 49.10 -34.27 14.56
N ALA C 316 48.21 -33.44 15.11
CA ALA C 316 46.77 -33.74 15.12
C ALA C 316 46.23 -33.84 13.69
N ALA C 317 46.65 -32.92 12.83
CA ALA C 317 46.26 -32.90 11.43
C ALA C 317 46.81 -34.10 10.63
N GLU C 318 47.98 -34.57 11.03
CA GLU C 318 48.61 -35.72 10.37
C GLU C 318 47.78 -37.00 10.56
N GLN C 319 47.20 -37.17 11.74
CA GLN C 319 46.36 -38.35 12.03
C GLN C 319 44.99 -38.21 11.36
N LEU C 320 44.41 -37.00 11.40
CA LEU C 320 43.12 -36.76 10.76
C LEU C 320 43.20 -36.87 9.24
N GLY C 321 44.33 -36.46 8.67
CA GLY C 321 44.56 -36.60 7.24
C GLY C 321 44.69 -38.05 6.83
N LYS C 322 45.48 -38.81 7.60
CA LYS C 322 45.68 -40.25 7.39
C LYS C 322 44.39 -41.08 7.54
N ASN C 323 43.53 -40.65 8.46
CA ASN C 323 42.23 -41.26 8.68
C ASN C 323 41.41 -41.34 7.38
N VAL C 324 41.36 -42.53 6.78
CA VAL C 324 40.70 -42.71 5.46
C VAL C 324 39.18 -42.65 5.57
N LYS C 325 38.66 -43.16 6.69
CA LYS C 325 37.23 -43.04 7.00
C LYS C 325 36.73 -41.59 6.76
N LEU C 326 37.43 -40.65 7.39
CA LEU C 326 37.11 -39.20 7.35
C LEU C 326 37.24 -38.63 5.93
N VAL C 327 38.45 -38.67 5.39
CA VAL C 327 38.78 -38.06 4.09
C VAL C 327 37.81 -38.50 3.00
N GLU C 328 37.40 -39.77 3.04
CA GLU C 328 36.43 -40.30 2.08
C GLU C 328 35.05 -39.65 2.23
N ARG C 329 34.64 -39.42 3.47
CA ARG C 329 33.41 -38.67 3.76
C ARG C 329 33.49 -37.24 3.24
N LEU C 330 34.66 -36.61 3.34
CA LEU C 330 34.85 -35.23 2.90
C LEU C 330 34.70 -35.10 1.39
N VAL C 331 35.36 -35.98 0.65
CA VAL C 331 35.24 -36.00 -0.82
C VAL C 331 33.80 -36.34 -1.23
N GLU C 332 33.10 -37.10 -0.38
CA GLU C 332 31.68 -37.37 -0.58
C GLU C 332 30.84 -36.10 -0.42
N TRP C 333 31.14 -35.32 0.62
CA TRP C 333 30.40 -34.08 0.89
C TRP C 333 30.71 -32.95 -0.09
N CYS C 334 31.96 -32.84 -0.50
CA CYS C 334 32.35 -31.89 -1.57
C CYS C 334 31.52 -32.08 -2.83
N GLU C 335 31.22 -33.33 -3.18
CA GLU C 335 30.58 -33.67 -4.45
C GLU C 335 29.05 -33.61 -4.42
N ALA C 336 28.48 -33.46 -3.22
CA ALA C 336 27.04 -33.18 -3.06
C ALA C 336 26.75 -31.74 -3.50
N LYS C 337 25.88 -31.59 -4.51
CA LYS C 337 25.56 -30.28 -5.09
C LYS C 337 24.99 -29.34 -4.02
N ASP C 338 23.98 -29.80 -3.31
CA ASP C 338 23.53 -29.16 -2.08
C ASP C 338 24.56 -29.52 -0.98
N HIS C 339 24.62 -28.82 0.15
CA HIS C 339 23.60 -27.87 0.60
C HIS C 339 23.57 -26.40 0.12
N ALA C 340 24.70 -25.69 0.01
CA ALA C 340 26.06 -26.19 0.09
C ALA C 340 26.81 -25.51 1.24
N GLY C 341 26.12 -25.40 2.38
CA GLY C 341 26.77 -24.85 3.58
C GLY C 341 27.84 -25.81 4.08
N VAL C 342 27.47 -27.08 4.12
CA VAL C 342 28.35 -28.15 4.55
C VAL C 342 29.42 -28.50 3.51
N MET C 343 29.10 -28.29 2.23
CA MET C 343 30.05 -28.51 1.13
C MET C 343 31.26 -27.62 1.31
N GLY C 344 31.01 -26.35 1.63
CA GLY C 344 32.08 -25.36 1.80
C GLY C 344 33.01 -25.73 2.93
N GLU C 345 32.44 -25.88 4.12
CA GLU C 345 33.20 -26.22 5.33
C GLU C 345 34.05 -27.48 5.15
N SER C 346 33.48 -28.46 4.45
CA SER C 346 34.17 -29.71 4.10
C SER C 346 35.36 -29.43 3.19
N ASN C 347 35.10 -28.69 2.13
CA ASN C 347 36.12 -28.39 1.13
C ASN C 347 37.34 -27.69 1.76
N ARG C 348 37.08 -26.80 2.72
CA ARG C 348 38.14 -26.07 3.44
C ARG C 348 38.98 -26.96 4.35
N LEU C 349 38.33 -27.95 4.95
CA LEU C 349 39.02 -28.91 5.80
C LEU C 349 40.01 -29.77 5.01
N LEU C 350 39.62 -30.20 3.81
CA LEU C 350 40.54 -30.90 2.90
C LEU C 350 41.83 -30.15 2.68
N SER C 351 41.70 -28.86 2.39
CA SER C 351 42.83 -27.94 2.30
C SER C 351 43.58 -27.90 3.63
N ALA C 352 42.84 -27.67 4.70
CA ALA C 352 43.40 -27.54 6.06
C ALA C 352 44.16 -28.76 6.59
N LEU C 353 43.75 -29.96 6.17
CA LEU C 353 44.47 -31.19 6.53
C LEU C 353 45.87 -31.17 5.94
N ILE C 354 45.94 -30.87 4.64
CA ILE C 354 47.21 -30.77 3.93
C ILE C 354 48.05 -29.65 4.53
N ARG C 355 47.47 -28.46 4.60
CA ARG C 355 48.22 -27.24 4.93
C ARG C 355 48.92 -27.26 6.29
N HIS C 356 48.25 -27.81 7.28
CA HIS C 356 48.78 -27.78 8.64
C HIS C 356 49.72 -28.95 8.94
N SER C 357 49.38 -30.13 8.43
CA SER C 357 50.21 -31.32 8.65
C SER C 357 51.45 -31.31 7.77
N LYS C 358 51.29 -30.82 6.54
CA LYS C 358 52.37 -30.81 5.55
C LYS C 358 52.94 -32.20 5.34
N SER C 359 52.08 -33.21 5.48
CA SER C 359 52.50 -34.61 5.44
C SER C 359 52.32 -35.20 4.05
N LYS C 360 53.33 -35.97 3.61
CA LYS C 360 53.28 -36.65 2.32
C LYS C 360 52.20 -37.72 2.32
N ASP C 361 52.01 -38.34 3.48
CA ASP C 361 50.99 -39.37 3.66
C ASP C 361 49.59 -38.80 3.51
N VAL C 362 49.29 -37.71 4.21
CA VAL C 362 47.94 -37.13 4.18
C VAL C 362 47.59 -36.67 2.77
N ILE C 363 48.60 -36.22 2.02
CA ILE C 363 48.42 -35.86 0.60
C ILE C 363 48.05 -37.11 -0.20
N LYS C 364 48.83 -38.17 -0.05
CA LYS C 364 48.54 -39.43 -0.77
C LYS C 364 47.16 -40.02 -0.43
N THR C 365 46.71 -39.80 0.81
CA THR C 365 45.37 -40.21 1.22
C THR C 365 44.32 -39.44 0.40
N ILE C 366 44.49 -38.13 0.31
CA ILE C 366 43.53 -37.23 -0.33
C ILE C 366 43.51 -37.40 -1.86
N VAL C 367 44.69 -37.55 -2.47
CA VAL C 367 44.75 -37.72 -3.93
C VAL C 367 44.07 -39.02 -4.33
N GLN C 368 44.22 -40.05 -3.49
CA GLN C 368 43.59 -41.36 -3.70
C GLN C 368 42.08 -41.33 -3.50
N SER C 369 41.62 -40.58 -2.50
CA SER C 369 40.18 -40.41 -2.25
C SER C 369 39.51 -39.57 -3.35
N GLY C 370 40.35 -38.88 -4.14
CA GLY C 370 39.89 -38.13 -5.31
C GLY C 370 39.68 -36.66 -5.00
N GLY C 371 40.44 -36.16 -4.03
CA GLY C 371 40.22 -34.82 -3.49
C GLY C 371 40.88 -33.67 -4.25
N ILE C 372 41.73 -33.99 -5.23
CA ILE C 372 42.44 -32.95 -5.96
C ILE C 372 41.47 -32.09 -6.73
N LYS C 373 40.59 -32.75 -7.49
CA LYS C 373 39.61 -32.02 -8.33
C LYS C 373 38.74 -31.00 -7.55
N HIS C 374 38.56 -31.23 -6.24
CA HIS C 374 37.80 -30.31 -5.38
C HIS C 374 38.61 -29.12 -4.92
N LEU C 375 39.82 -29.39 -4.44
CA LEU C 375 40.80 -28.34 -4.11
C LEU C 375 41.09 -27.41 -5.29
N VAL C 376 41.09 -27.97 -6.50
CA VAL C 376 41.26 -27.16 -7.72
C VAL C 376 40.06 -26.24 -7.98
N THR C 377 38.85 -26.78 -7.93
CA THR C 377 37.63 -25.95 -8.10
C THR C 377 37.39 -24.96 -6.94
N MET C 378 37.96 -25.25 -5.78
CA MET C 378 37.96 -24.29 -4.65
C MET C 378 38.89 -23.10 -4.90
N ALA C 379 39.91 -23.30 -5.73
CA ALA C 379 40.79 -22.19 -6.15
C ALA C 379 40.08 -21.14 -7.01
N THR C 380 38.91 -21.49 -7.54
CA THR C 380 38.07 -20.55 -8.29
C THR C 380 36.83 -20.11 -7.48
N SER C 381 36.98 -20.00 -6.17
CA SER C 381 35.89 -19.64 -5.26
C SER C 381 35.74 -18.13 -5.18
N GLU C 382 34.51 -17.66 -4.98
CA GLU C 382 34.23 -16.21 -4.87
C GLU C 382 34.82 -15.57 -3.60
N HIS C 383 35.00 -16.38 -2.55
CA HIS C 383 35.66 -15.91 -1.32
C HIS C 383 37.16 -16.03 -1.48
N VAL C 384 37.88 -14.93 -1.23
CA VAL C 384 39.31 -14.89 -1.50
C VAL C 384 40.14 -15.66 -0.47
N ILE C 385 39.60 -15.85 0.73
CA ILE C 385 40.34 -16.59 1.76
C ILE C 385 40.46 -18.04 1.30
N MET C 386 39.32 -18.61 0.91
CA MET C 386 39.27 -19.97 0.38
C MET C 386 40.14 -20.13 -0.87
N GLN C 387 40.15 -19.12 -1.72
CA GLN C 387 40.94 -19.19 -2.96
C GLN C 387 42.33 -19.70 -2.66
N ASN C 388 43.11 -18.94 -1.91
CA ASN C 388 44.53 -19.28 -1.74
C ASN C 388 44.75 -20.45 -0.76
N GLU C 389 43.76 -20.73 0.08
CA GLU C 389 43.78 -21.99 0.87
C GLU C 389 43.89 -23.20 -0.06
N ALA C 390 43.13 -23.16 -1.15
CA ALA C 390 43.24 -24.16 -2.21
C ALA C 390 44.62 -24.10 -2.87
N LEU C 391 45.04 -22.89 -3.24
CA LEU C 391 46.33 -22.69 -3.91
C LEU C 391 47.53 -23.11 -3.06
N VAL C 392 47.45 -22.84 -1.76
CA VAL C 392 48.53 -23.21 -0.82
C VAL C 392 48.56 -24.72 -0.58
N ALA C 393 47.38 -25.31 -0.40
CA ALA C 393 47.25 -26.78 -0.32
C ALA C 393 47.71 -27.47 -1.62
N LEU C 394 47.49 -26.79 -2.75
CA LEU C 394 48.01 -27.23 -4.04
C LEU C 394 49.52 -26.99 -4.19
N ALA C 395 50.01 -25.89 -3.63
CA ALA C 395 51.44 -25.64 -3.56
C ALA C 395 52.14 -26.78 -2.80
N LEU C 396 51.61 -27.14 -1.63
CA LEU C 396 52.13 -28.27 -0.85
C LEU C 396 52.07 -29.59 -1.65
N ILE C 397 50.91 -29.88 -2.24
CA ILE C 397 50.74 -31.08 -3.09
C ILE C 397 51.85 -31.20 -4.13
N ALA C 398 52.21 -30.08 -4.74
CA ALA C 398 53.20 -30.08 -5.82
C ALA C 398 54.63 -30.19 -5.32
N ALA C 399 54.93 -29.47 -4.25
CA ALA C 399 56.28 -29.47 -3.69
C ALA C 399 56.65 -30.86 -3.16
N LEU C 400 55.70 -31.48 -2.48
CA LEU C 400 55.97 -32.74 -1.78
C LEU C 400 55.77 -33.97 -2.65
N GLU C 401 54.59 -34.09 -3.26
CA GLU C 401 54.16 -35.34 -3.89
C GLU C 401 53.55 -35.12 -5.27
N LEU C 402 54.32 -34.45 -6.14
CA LEU C 402 53.86 -34.09 -7.50
C LEU C 402 53.63 -35.29 -8.43
N GLY C 403 54.39 -36.36 -8.23
CA GLY C 403 54.25 -37.57 -9.05
C GLY C 403 52.88 -38.23 -8.89
N THR C 404 52.55 -38.55 -7.65
CA THR C 404 51.27 -39.20 -7.31
C THR C 404 50.04 -38.35 -7.66
N ALA C 405 50.23 -37.03 -7.74
CA ALA C 405 49.14 -36.09 -8.03
C ALA C 405 48.97 -35.73 -9.51
N GLU C 406 50.06 -35.68 -10.27
CA GLU C 406 50.06 -35.04 -11.61
C GLU C 406 48.98 -35.54 -12.57
N LYS C 407 48.65 -36.82 -12.50
CA LYS C 407 47.64 -37.39 -13.39
C LYS C 407 46.24 -36.82 -13.12
N ASP C 408 45.83 -36.81 -11.85
CA ASP C 408 44.55 -36.21 -11.42
C ASP C 408 44.53 -34.68 -11.64
N LEU C 409 45.70 -34.04 -11.62
CA LEU C 409 45.82 -32.59 -11.79
C LEU C 409 45.50 -32.12 -13.21
N GLU C 410 45.98 -32.86 -14.21
CA GLU C 410 45.60 -32.57 -15.60
C GLU C 410 44.09 -32.77 -15.79
N SER C 411 43.55 -33.83 -15.21
CA SER C 411 42.10 -34.12 -15.26
C SER C 411 41.30 -32.92 -14.79
N ALA C 412 41.74 -32.30 -13.71
CA ALA C 412 41.05 -31.18 -13.08
C ALA C 412 41.14 -29.86 -13.86
N LYS C 413 42.07 -29.78 -14.81
CA LYS C 413 42.29 -28.59 -15.64
C LYS C 413 42.90 -27.44 -14.81
N LEU C 414 43.86 -27.78 -13.95
CA LEU C 414 44.45 -26.80 -13.01
C LEU C 414 45.30 -25.77 -13.74
N VAL C 415 46.14 -26.25 -14.65
CA VAL C 415 46.96 -25.39 -15.50
C VAL C 415 46.11 -24.30 -16.21
N GLN C 416 44.99 -24.71 -16.78
CA GLN C 416 44.08 -23.79 -17.49
C GLN C 416 43.50 -22.74 -16.55
N ILE C 417 43.14 -23.15 -15.34
CA ILE C 417 42.60 -22.24 -14.33
C ILE C 417 43.65 -21.20 -13.89
N LEU C 418 44.89 -21.61 -13.71
CA LEU C 418 45.93 -20.70 -13.21
C LEU C 418 46.23 -19.54 -14.18
N HIS C 419 46.23 -19.84 -15.47
CA HIS C 419 46.40 -18.78 -16.48
C HIS C 419 45.26 -17.76 -16.41
N ARG C 420 44.02 -18.26 -16.40
CA ARG C 420 42.85 -17.36 -16.21
C ARG C 420 42.92 -16.57 -14.90
N LEU C 421 43.43 -17.21 -13.84
CA LEU C 421 43.61 -16.54 -12.54
C LEU C 421 44.60 -15.38 -12.58
N LEU C 422 45.70 -15.57 -13.33
CA LEU C 422 46.80 -14.61 -13.32
C LEU C 422 46.53 -13.40 -14.25
N ALA C 423 45.25 -13.13 -14.49
CA ALA C 423 44.78 -11.89 -15.16
C ALA C 423 43.78 -11.17 -14.23
N ASP C 424 44.01 -9.87 -13.98
CA ASP C 424 43.27 -9.08 -12.93
C ASP C 424 41.76 -9.16 -13.06
N GLU C 425 41.02 -9.25 -11.95
CA GLU C 425 41.57 -8.96 -10.61
C GLU C 425 42.18 -10.19 -9.98
N ARG C 426 43.47 -10.09 -9.68
CA ARG C 426 44.17 -11.06 -8.86
C ARG C 426 43.75 -10.71 -7.43
N SER C 427 44.53 -11.11 -6.43
CA SER C 427 44.30 -10.67 -5.04
C SER C 427 45.16 -9.48 -4.60
N ALA C 428 46.48 -9.51 -4.76
CA ALA C 428 47.23 -10.47 -5.57
C ALA C 428 47.74 -11.69 -4.79
N PRO C 429 47.30 -11.86 -3.53
CA PRO C 429 47.56 -13.08 -2.75
C PRO C 429 47.22 -14.37 -3.54
N GLU C 430 46.24 -14.27 -4.43
CA GLU C 430 45.90 -15.32 -5.39
C GLU C 430 47.00 -15.50 -6.45
N ILE C 431 47.68 -14.42 -6.82
CA ILE C 431 48.93 -14.49 -7.60
C ILE C 431 50.15 -15.16 -6.83
N LYS C 432 49.89 -15.70 -5.62
CA LYS C 432 50.60 -16.91 -5.05
C LYS C 432 50.38 -18.17 -5.92
N TYR C 433 49.52 -18.02 -6.92
CA TYR C 433 49.38 -18.91 -8.08
C TYR C 433 50.67 -18.99 -8.91
N ASN C 434 51.37 -17.86 -9.03
CA ASN C 434 52.65 -17.80 -9.75
C ASN C 434 53.76 -18.65 -9.11
N SER C 435 53.54 -19.09 -7.86
CA SER C 435 54.40 -20.09 -7.22
C SER C 435 53.98 -21.53 -7.53
N MET C 436 52.68 -21.82 -7.48
CA MET C 436 52.16 -23.15 -7.84
C MET C 436 52.39 -23.46 -9.33
N VAL C 437 52.49 -22.41 -10.14
CA VAL C 437 52.89 -22.53 -11.55
C VAL C 437 54.38 -22.83 -11.63
N LEU C 438 55.20 -22.04 -10.94
CA LEU C 438 56.65 -22.27 -10.92
C LEU C 438 56.98 -23.69 -10.44
N ILE C 439 56.25 -24.17 -9.42
CA ILE C 439 56.49 -25.50 -8.85
C ILE C 439 55.91 -26.65 -9.69
N CYS C 440 54.71 -26.48 -10.21
CA CYS C 440 54.08 -27.48 -11.08
C CYS C 440 54.85 -27.65 -12.42
N ALA C 441 55.62 -26.62 -12.79
CA ALA C 441 56.36 -26.58 -14.07
C ALA C 441 57.35 -27.73 -14.26
N LEU C 442 57.85 -28.26 -13.14
CA LEU C 442 58.82 -29.36 -13.16
C LEU C 442 58.17 -30.75 -13.07
N MET C 443 57.15 -30.99 -13.90
CA MET C 443 56.55 -32.30 -14.07
C MET C 443 56.31 -32.49 -15.57
N GLY C 444 56.88 -33.53 -16.15
CA GLY C 444 56.86 -33.72 -17.62
C GLY C 444 55.44 -33.82 -18.21
N SER C 445 54.63 -34.76 -17.69
CA SER C 445 53.23 -34.95 -18.12
C SER C 445 52.36 -33.72 -17.82
N GLU C 446 52.84 -32.91 -16.87
CA GLU C 446 52.25 -31.59 -16.60
C GLU C 446 52.74 -30.50 -17.57
N CYS C 447 54.02 -30.15 -17.48
CA CYS C 447 54.47 -28.83 -17.91
C CYS C 447 54.01 -28.32 -19.28
N LEU C 448 53.91 -29.20 -20.26
CA LEU C 448 53.75 -28.75 -21.65
C LEU C 448 52.34 -28.20 -21.98
N HIS C 449 51.49 -28.07 -20.97
CA HIS C 449 50.26 -27.30 -21.07
C HIS C 449 50.57 -25.90 -20.53
N LYS C 450 51.45 -25.85 -19.52
CA LYS C 450 52.01 -24.57 -19.02
C LYS C 450 52.90 -23.90 -20.06
N GLU C 451 53.53 -24.70 -20.93
CA GLU C 451 54.32 -24.15 -22.03
C GLU C 451 53.46 -23.68 -23.21
N VAL C 452 52.18 -23.48 -22.97
CA VAL C 452 51.34 -22.77 -23.92
C VAL C 452 50.11 -22.09 -23.27
N GLN C 453 50.14 -20.80 -22.93
CA GLN C 453 51.26 -19.86 -23.12
C GLN C 453 51.25 -18.75 -22.05
N ASP C 454 51.72 -19.11 -20.86
CA ASP C 454 51.69 -18.21 -19.70
C ASP C 454 52.78 -17.11 -19.68
N LEU C 455 53.83 -17.25 -20.51
CA LEU C 455 54.99 -16.33 -20.49
C LEU C 455 54.66 -14.84 -20.75
N ALA C 456 53.62 -14.58 -21.55
CA ALA C 456 53.20 -13.21 -21.87
C ALA C 456 52.53 -12.48 -20.68
N PHE C 457 51.76 -13.23 -19.89
CA PHE C 457 51.11 -12.70 -18.68
C PHE C 457 52.09 -12.50 -17.50
N LEU C 458 53.13 -13.33 -17.43
CA LEU C 458 54.08 -13.29 -16.30
C LEU C 458 55.01 -12.08 -16.32
N ASP C 459 55.54 -11.74 -17.50
CA ASP C 459 56.46 -10.61 -17.65
C ASP C 459 55.75 -9.26 -17.58
N VAL C 460 54.45 -9.24 -17.85
CA VAL C 460 53.61 -8.05 -17.64
C VAL C 460 53.46 -7.79 -16.14
N VAL C 461 53.09 -8.83 -15.40
CA VAL C 461 52.94 -8.77 -13.94
C VAL C 461 54.27 -8.52 -13.21
N SER C 462 55.40 -8.86 -13.86
CA SER C 462 56.74 -8.60 -13.33
C SER C 462 57.03 -7.12 -13.12
N LYS C 463 56.38 -6.26 -13.91
CA LYS C 463 56.78 -4.86 -14.04
C LYS C 463 55.64 -3.83 -13.97
N LEU C 464 54.85 -3.76 -12.90
CA LEU C 464 54.75 -4.73 -11.78
C LEU C 464 53.51 -4.34 -11.00
N ARG C 465 52.94 -5.27 -10.23
CA ARG C 465 51.77 -4.93 -9.39
C ARG C 465 52.18 -3.98 -8.26
N SER C 466 51.20 -3.25 -7.73
CA SER C 466 51.41 -2.34 -6.59
C SER C 466 52.04 -3.05 -5.39
N HIS C 467 51.72 -4.35 -5.22
CA HIS C 467 52.39 -5.18 -4.22
C HIS C 467 53.85 -5.46 -4.59
N GLU C 468 54.74 -5.16 -3.64
CA GLU C 468 56.16 -5.46 -3.77
C GLU C 468 56.38 -6.97 -3.92
N ASN C 469 55.61 -7.73 -3.14
CA ASN C 469 55.69 -9.21 -3.14
C ASN C 469 55.19 -9.80 -4.44
N LYS C 470 54.14 -9.20 -5.02
CA LYS C 470 53.60 -9.64 -6.32
C LYS C 470 54.63 -9.50 -7.45
N SER C 471 55.49 -8.48 -7.35
CA SER C 471 56.62 -8.36 -8.27
C SER C 471 57.63 -9.51 -8.10
N VAL C 472 57.89 -9.90 -6.85
CA VAL C 472 59.00 -10.79 -6.52
C VAL C 472 58.92 -12.18 -7.15
N ALA C 473 57.80 -12.90 -6.96
CA ALA C 473 57.68 -14.28 -7.46
C ALA C 473 57.37 -14.31 -8.96
N GLN C 474 56.88 -13.19 -9.47
CA GLN C 474 56.58 -12.98 -10.89
C GLN C 474 57.81 -12.70 -11.79
N GLN C 475 58.74 -11.88 -11.28
CA GLN C 475 60.03 -11.64 -11.97
C GLN C 475 60.94 -12.88 -11.92
N ALA C 476 60.88 -13.62 -10.81
CA ALA C 476 61.55 -14.92 -10.66
C ALA C 476 60.89 -16.01 -11.52
N SER C 477 59.56 -15.96 -11.62
CA SER C 477 58.80 -16.86 -12.50
C SER C 477 59.10 -16.60 -13.99
N LEU C 478 59.40 -15.34 -14.33
CA LEU C 478 59.86 -15.00 -15.70
C LEU C 478 61.20 -15.69 -16.02
N THR C 479 62.12 -15.70 -15.06
CA THR C 479 63.44 -16.32 -15.22
C THR C 479 63.39 -17.86 -15.22
N GLU C 480 62.49 -18.43 -14.42
CA GLU C 480 62.29 -19.89 -14.39
C GLU C 480 61.58 -20.41 -15.66
N GLN C 481 60.72 -19.58 -16.24
CA GLN C 481 59.98 -19.93 -17.47
C GLN C 481 60.78 -19.75 -18.77
N ARG C 482 61.88 -19.01 -18.72
CA ARG C 482 62.78 -18.84 -19.87
C ARG C 482 63.95 -19.83 -19.88
N LEU C 483 64.50 -20.12 -18.71
CA LEU C 483 65.73 -20.92 -18.56
C LEU C 483 65.50 -22.43 -18.39
N THR C 484 65.17 -22.84 -17.17
CA THR C 484 65.03 -24.26 -16.82
C THR C 484 63.64 -24.53 -16.28
N ASP D 16 15.65 -6.61 -13.28
CA ASP D 16 16.21 -5.44 -14.04
C ASP D 16 16.97 -5.83 -15.32
N ALA D 17 17.55 -7.03 -15.37
CA ALA D 17 18.11 -7.56 -16.62
C ALA D 17 17.04 -7.64 -17.72
N GLY D 18 15.78 -7.81 -17.32
CA GLY D 18 14.64 -7.60 -18.20
C GLY D 18 14.65 -6.22 -18.84
N LEU D 19 14.88 -5.19 -18.04
CA LEU D 19 14.88 -3.80 -18.52
C LEU D 19 16.01 -3.46 -19.46
N ILE D 20 17.21 -3.94 -19.14
CA ILE D 20 18.45 -3.47 -19.78
C ILE D 20 18.64 -4.11 -21.16
N SER D 21 18.45 -5.41 -21.23
CA SER D 21 18.63 -6.14 -22.50
C SER D 21 18.15 -5.37 -23.76
N PRO D 22 16.92 -4.81 -23.73
CA PRO D 22 16.39 -4.08 -24.87
C PRO D 22 17.02 -2.71 -24.99
N LEU D 23 17.25 -2.06 -23.85
CA LEU D 23 17.91 -0.75 -23.86
C LEU D 23 19.26 -0.86 -24.56
N VAL D 24 20.01 -1.92 -24.24
CA VAL D 24 21.30 -2.13 -24.85
C VAL D 24 21.19 -2.44 -26.34
N GLN D 25 20.25 -3.32 -26.70
CA GLN D 25 20.05 -3.63 -28.12
C GLN D 25 19.53 -2.43 -28.94
N LEU D 26 19.00 -1.42 -28.26
CA LEU D 26 18.70 -0.11 -28.88
C LEU D 26 19.95 0.66 -29.30
N LEU D 27 21.03 0.55 -28.53
CA LEU D 27 22.31 1.20 -28.85
C LEU D 27 22.86 0.85 -30.23
N ASN D 28 22.39 -0.24 -30.83
CA ASN D 28 22.77 -0.57 -32.19
C ASN D 28 22.08 0.29 -33.27
N SER D 29 21.26 1.25 -32.86
CA SER D 29 20.52 2.07 -33.83
C SER D 29 21.38 3.11 -34.53
N LYS D 30 21.29 3.10 -35.85
CA LYS D 30 21.86 4.16 -36.69
C LYS D 30 21.14 5.52 -36.55
N ASP D 31 19.99 5.56 -35.88
CA ASP D 31 19.25 6.81 -35.69
C ASP D 31 19.79 7.62 -34.50
N GLN D 32 20.09 8.90 -34.74
CA GLN D 32 20.75 9.78 -33.75
C GLN D 32 19.85 10.07 -32.56
N GLU D 33 18.62 10.43 -32.88
CA GLU D 33 17.56 10.69 -31.89
C GLU D 33 17.29 9.47 -31.00
N VAL D 34 17.30 8.28 -31.62
CA VAL D 34 17.01 7.03 -30.88
C VAL D 34 18.02 6.87 -29.74
N LEU D 35 19.28 7.03 -30.10
CA LEU D 35 20.39 6.87 -29.16
C LEU D 35 20.26 7.87 -28.01
N LEU D 36 20.11 9.13 -28.41
CA LEU D 36 19.96 10.25 -27.48
C LEU D 36 18.93 9.93 -26.37
N GLN D 37 17.82 9.31 -26.75
CA GLN D 37 16.75 8.95 -25.78
C GLN D 37 17.09 7.65 -25.03
N THR D 38 17.46 6.60 -25.76
CA THR D 38 17.83 5.32 -25.13
C THR D 38 18.99 5.56 -24.17
N GLY D 39 19.85 6.49 -24.56
CA GLY D 39 20.87 7.06 -23.67
C GLY D 39 20.32 7.74 -22.43
N ARG D 40 19.46 8.74 -22.64
CA ARG D 40 18.77 9.45 -21.54
C ARG D 40 18.13 8.44 -20.57
N ALA D 41 17.55 7.38 -21.14
CA ALA D 41 16.96 6.29 -20.36
C ALA D 41 18.02 5.50 -19.58
N LEU D 42 18.94 4.85 -20.30
CA LEU D 42 20.06 4.10 -19.69
C LEU D 42 20.66 4.91 -18.58
N GLY D 43 20.77 6.22 -18.82
CA GLY D 43 21.25 7.20 -17.84
C GLY D 43 20.75 6.96 -16.42
N ASN D 44 19.47 7.23 -16.20
CA ASN D 44 18.87 7.19 -14.86
C ASN D 44 17.69 6.22 -14.79
N ILE D 45 17.67 5.20 -13.90
CA ILE D 45 18.82 4.54 -13.26
C ILE D 45 19.39 3.70 -14.39
N CYS D 46 20.72 3.55 -14.55
CA CYS D 46 21.76 3.40 -13.48
C CYS D 46 22.65 4.62 -13.12
N TYR D 47 22.06 5.59 -12.44
CA TYR D 47 22.77 6.77 -11.94
C TYR D 47 23.11 6.41 -10.52
N ASP D 48 24.39 6.50 -10.16
CA ASP D 48 24.87 6.16 -8.82
C ASP D 48 24.38 4.76 -8.39
N SER D 49 24.37 3.83 -9.35
CA SER D 49 24.14 2.43 -9.07
C SER D 49 25.20 1.61 -9.79
N HIS D 50 26.35 1.47 -9.13
CA HIS D 50 27.50 0.76 -9.70
C HIS D 50 27.16 -0.70 -10.04
N SER D 51 26.25 -1.29 -9.28
CA SER D 51 25.78 -2.68 -9.52
C SER D 51 25.30 -2.86 -10.96
N LEU D 52 24.45 -1.94 -11.40
CA LEU D 52 23.91 -1.94 -12.77
C LEU D 52 24.99 -1.55 -13.81
N GLN D 53 25.78 -0.51 -13.52
CA GLN D 53 26.92 -0.11 -14.37
C GLN D 53 27.86 -1.28 -14.68
N ALA D 54 28.12 -2.07 -13.65
CA ALA D 54 28.98 -3.24 -13.74
C ALA D 54 28.41 -4.26 -14.73
N GLN D 55 27.10 -4.46 -14.65
CA GLN D 55 26.41 -5.37 -15.57
C GLN D 55 26.46 -4.86 -17.02
N LEU D 56 26.42 -3.55 -17.18
CA LEU D 56 26.58 -2.91 -18.51
C LEU D 56 27.93 -3.22 -19.16
N ILE D 57 28.96 -3.41 -18.34
CA ILE D 57 30.29 -3.76 -18.84
C ILE D 57 30.27 -5.16 -19.43
N ASN D 58 29.66 -6.09 -18.68
CA ASN D 58 29.48 -7.50 -19.12
C ASN D 58 28.71 -7.65 -20.43
N MET D 59 27.75 -6.75 -20.63
CA MET D 59 26.77 -6.84 -21.72
C MET D 59 27.24 -7.17 -23.16
N GLY D 60 28.37 -6.69 -23.65
CA GLY D 60 29.24 -5.67 -23.07
C GLY D 60 29.19 -4.42 -23.93
N VAL D 61 28.89 -3.31 -23.27
CA VAL D 61 28.51 -2.08 -23.96
C VAL D 61 29.71 -1.22 -24.36
N ILE D 62 30.82 -1.39 -23.63
CA ILE D 62 32.02 -0.53 -23.78
C ILE D 62 32.54 -0.44 -25.22
N PRO D 63 32.91 -1.57 -25.81
CA PRO D 63 33.32 -1.52 -27.21
C PRO D 63 32.24 -0.98 -28.15
N THR D 64 30.97 -1.23 -27.82
CA THR D 64 29.83 -0.70 -28.59
C THR D 64 29.77 0.81 -28.53
N LEU D 65 30.04 1.35 -27.33
CA LEU D 65 30.06 2.81 -27.09
C LEU D 65 31.21 3.52 -27.78
N VAL D 66 32.38 2.90 -27.77
CA VAL D 66 33.54 3.46 -28.43
C VAL D 66 33.26 3.61 -29.93
N LYS D 67 32.58 2.63 -30.52
CA LYS D 67 32.18 2.73 -31.92
C LYS D 67 31.29 3.93 -32.14
N LEU D 68 30.33 4.13 -31.24
CA LEU D 68 29.39 5.27 -31.31
C LEU D 68 30.11 6.61 -31.31
N LEU D 69 30.94 6.80 -30.29
CA LEU D 69 31.72 8.01 -30.18
C LEU D 69 32.39 8.30 -31.51
N GLY D 70 32.92 7.26 -32.14
CA GLY D 70 33.60 7.38 -33.43
C GLY D 70 32.72 7.86 -34.56
N ILE D 71 31.53 7.28 -34.65
CA ILE D 71 30.59 7.59 -35.72
C ILE D 71 29.91 8.94 -35.50
N HIS D 72 29.59 9.27 -34.25
CA HIS D 72 28.86 10.50 -33.91
C HIS D 72 29.72 11.52 -33.16
N CYS D 73 30.97 11.70 -33.58
CA CYS D 73 31.88 12.65 -32.90
C CYS D 73 31.60 14.10 -33.31
N GLN D 74 31.23 14.31 -34.58
CA GLN D 74 30.85 15.65 -35.07
C GLN D 74 29.47 16.10 -34.54
N ASN D 75 28.75 15.20 -33.87
CA ASN D 75 27.62 15.57 -33.01
C ASN D 75 28.12 16.02 -31.63
N ALA D 76 27.39 16.94 -31.02
CA ALA D 76 27.75 17.52 -29.73
C ALA D 76 27.04 16.86 -28.55
N ALA D 77 25.77 16.54 -28.76
CA ALA D 77 24.84 16.15 -27.68
C ALA D 77 25.14 14.80 -27.02
N LEU D 78 25.40 13.80 -27.85
CA LEU D 78 25.65 12.44 -27.36
C LEU D 78 27.13 12.27 -27.01
N THR D 79 27.99 12.84 -27.86
CA THR D 79 29.44 12.89 -27.61
C THR D 79 29.74 13.33 -26.18
N GLU D 80 29.01 14.33 -25.70
CA GLU D 80 29.08 14.72 -24.28
C GLU D 80 28.66 13.54 -23.41
N MET D 81 27.45 13.04 -23.68
CA MET D 81 26.84 11.96 -22.89
C MET D 81 27.66 10.67 -22.90
N CYS D 82 28.31 10.43 -24.03
CA CYS D 82 29.20 9.29 -24.21
C CYS D 82 30.40 9.36 -23.25
N LEU D 83 31.04 10.53 -23.21
CA LEU D 83 32.17 10.80 -22.31
C LEU D 83 31.84 10.61 -20.83
N VAL D 84 30.62 10.99 -20.45
CA VAL D 84 30.22 10.91 -19.03
C VAL D 84 30.10 9.46 -18.64
N ALA D 85 29.59 8.67 -19.57
CA ALA D 85 29.50 7.22 -19.41
C ALA D 85 30.88 6.61 -19.14
N PHE D 86 31.82 6.89 -20.04
CA PHE D 86 33.19 6.41 -19.89
C PHE D 86 33.82 6.81 -18.56
N GLY D 87 33.69 8.09 -18.20
CA GLY D 87 34.17 8.60 -16.91
C GLY D 87 33.62 7.85 -15.70
N ASN D 88 32.36 7.43 -15.79
CA ASN D 88 31.70 6.66 -14.74
C ASN D 88 32.14 5.20 -14.75
N LEU D 89 32.06 4.60 -15.93
CA LEU D 89 32.46 3.20 -16.13
C LEU D 89 33.92 2.95 -15.76
N ALA D 90 34.81 3.83 -16.19
CA ALA D 90 36.25 3.70 -15.89
C ALA D 90 36.56 3.57 -14.39
N GLU D 91 35.66 4.06 -13.55
CA GLU D 91 35.78 3.91 -12.09
C GLU D 91 35.68 2.45 -11.63
N LEU D 92 35.10 1.59 -12.47
CA LEU D 92 35.05 0.15 -12.19
C LEU D 92 36.30 -0.57 -12.68
N GLU D 93 36.65 -1.67 -12.03
CA GLU D 93 37.92 -2.36 -12.30
C GLU D 93 37.91 -3.07 -13.65
N SER D 94 36.86 -3.83 -13.90
CA SER D 94 36.66 -4.56 -15.18
C SER D 94 36.85 -3.71 -16.44
N SER D 95 36.58 -2.42 -16.33
CA SER D 95 36.48 -1.53 -17.49
C SER D 95 37.75 -1.34 -18.31
N LYS D 96 38.87 -1.18 -17.61
CA LYS D 96 40.12 -0.75 -18.26
C LYS D 96 40.66 -1.76 -19.30
N GLU D 97 40.73 -3.02 -18.90
CA GLU D 97 41.13 -4.11 -19.83
C GLU D 97 40.25 -4.10 -21.08
N GLN D 98 38.95 -3.93 -20.85
CA GLN D 98 37.95 -3.83 -21.92
C GLN D 98 38.21 -2.59 -22.76
N PHE D 99 38.42 -1.44 -22.10
CA PHE D 99 38.76 -0.20 -22.82
C PHE D 99 39.99 -0.36 -23.71
N ALA D 100 41.00 -1.08 -23.22
CA ALA D 100 42.24 -1.24 -23.98
C ALA D 100 42.09 -2.03 -25.29
N SER D 101 41.10 -2.92 -25.35
CA SER D 101 40.79 -3.67 -26.59
C SER D 101 40.38 -2.70 -27.70
N THR D 102 39.73 -1.63 -27.25
CA THR D 102 39.05 -0.65 -28.11
C THR D 102 40.00 0.22 -28.90
N ASN D 103 39.44 1.11 -29.72
CA ASN D 103 40.22 2.21 -30.30
C ASN D 103 40.07 3.58 -29.54
N ILE D 104 39.72 3.53 -28.24
CA ILE D 104 39.31 4.74 -27.50
C ILE D 104 40.43 5.77 -27.31
N ALA D 105 41.66 5.28 -27.23
CA ALA D 105 42.83 6.15 -27.15
C ALA D 105 42.89 7.08 -28.35
N GLU D 106 42.83 6.50 -29.55
CA GLU D 106 42.80 7.26 -30.81
C GLU D 106 41.62 8.22 -30.90
N GLU D 107 40.47 7.76 -30.42
CA GLU D 107 39.22 8.51 -30.58
C GLU D 107 39.09 9.71 -29.63
N LEU D 108 39.70 9.60 -28.45
CA LEU D 108 39.72 10.71 -27.47
C LEU D 108 40.71 11.78 -27.88
N VAL D 109 41.83 11.39 -28.47
CA VAL D 109 42.82 12.35 -28.95
C VAL D 109 42.27 13.09 -30.17
N LYS D 110 41.74 12.31 -31.12
CA LYS D 110 41.12 12.84 -32.33
C LYS D 110 40.02 13.86 -31.99
N LEU D 111 39.44 13.70 -30.81
CA LEU D 111 38.45 14.62 -30.26
C LEU D 111 39.08 15.82 -29.57
N PHE D 112 40.09 15.57 -28.74
CA PHE D 112 40.78 16.63 -27.99
C PHE D 112 41.36 17.72 -28.91
N LYS D 113 41.81 17.31 -30.10
CA LYS D 113 42.28 18.26 -31.12
C LYS D 113 41.15 19.15 -31.63
N LYS D 114 40.07 18.52 -32.07
CA LYS D 114 38.93 19.21 -32.67
C LYS D 114 38.38 20.29 -31.72
N GLN D 115 38.11 19.90 -30.47
CA GLN D 115 37.49 20.81 -29.50
C GLN D 115 38.52 21.79 -28.99
N ILE D 116 38.06 22.98 -28.62
CA ILE D 116 38.96 23.97 -27.98
C ILE D 116 38.44 24.64 -26.71
N GLU D 117 37.13 24.79 -26.60
CA GLU D 117 36.57 25.49 -25.46
C GLU D 117 37.02 24.80 -24.18
N HIS D 118 37.25 25.59 -23.13
CA HIS D 118 37.78 25.06 -21.86
C HIS D 118 36.91 23.99 -21.22
N ASP D 119 35.60 24.21 -21.23
CA ASP D 119 34.65 23.24 -20.68
C ASP D 119 34.74 21.88 -21.38
N LYS D 120 34.79 21.89 -22.71
CA LYS D 120 34.77 20.67 -23.52
C LYS D 120 36.05 19.82 -23.36
N ARG D 121 37.17 20.48 -23.07
CA ARG D 121 38.43 19.77 -22.81
C ARG D 121 38.45 19.10 -21.45
N GLU D 122 38.18 19.87 -20.41
CA GLU D 122 38.14 19.34 -19.03
C GLU D 122 37.30 18.07 -18.88
N MET D 123 36.29 17.91 -19.73
CA MET D 123 35.47 16.69 -19.79
C MET D 123 36.27 15.54 -20.37
N ILE D 124 36.96 15.81 -21.48
CA ILE D 124 37.84 14.82 -22.10
C ILE D 124 39.04 14.48 -21.19
N PHE D 125 39.59 15.47 -20.51
CA PHE D 125 40.64 15.22 -19.52
C PHE D 125 40.16 14.24 -18.44
N GLU D 126 38.95 14.41 -17.93
CA GLU D 126 38.43 13.56 -16.85
C GLU D 126 38.13 12.12 -17.29
N VAL D 127 38.18 11.87 -18.60
CA VAL D 127 38.16 10.52 -19.14
C VAL D 127 39.60 9.96 -19.26
N LEU D 128 40.52 10.76 -19.81
CA LEU D 128 41.94 10.36 -20.00
C LEU D 128 42.64 9.94 -18.71
N ALA D 129 42.48 10.77 -17.68
CA ALA D 129 43.16 10.58 -16.40
C ALA D 129 42.97 9.21 -15.76
N PRO D 130 41.72 8.71 -15.67
CA PRO D 130 41.53 7.36 -15.11
C PRO D 130 41.88 6.26 -16.09
N LEU D 131 41.57 6.46 -17.37
CA LEU D 131 41.97 5.52 -18.41
C LEU D 131 43.49 5.40 -18.54
N ALA D 132 44.20 6.49 -18.22
CA ALA D 132 45.65 6.51 -18.33
C ALA D 132 46.31 5.59 -17.32
N GLU D 133 45.68 5.39 -16.16
CA GLU D 133 46.24 4.51 -15.14
C GLU D 133 46.58 3.11 -15.66
N ASN D 134 45.84 2.68 -16.67
CA ASN D 134 46.13 1.44 -17.40
C ASN D 134 47.39 1.60 -18.26
N ASP D 135 48.48 0.94 -17.86
CA ASP D 135 49.80 1.09 -18.50
C ASP D 135 49.76 0.89 -20.00
N ALA D 136 48.89 -0.01 -20.45
CA ALA D 136 48.74 -0.26 -21.88
C ALA D 136 48.06 0.88 -22.63
N ILE D 137 47.08 1.52 -21.98
CA ILE D 137 46.40 2.70 -22.57
C ILE D 137 47.44 3.82 -22.81
N LYS D 138 48.31 4.01 -21.82
CA LYS D 138 49.36 5.02 -21.89
C LYS D 138 50.05 4.97 -23.23
N LEU D 139 50.60 3.80 -23.56
CA LEU D 139 51.25 3.62 -24.87
C LEU D 139 50.33 4.03 -26.02
N GLN D 140 49.09 3.56 -25.98
CA GLN D 140 48.13 3.84 -27.06
C GLN D 140 47.91 5.34 -27.24
N LEU D 141 47.80 6.05 -26.12
CA LEU D 141 47.65 7.51 -26.14
C LEU D 141 48.86 8.22 -26.75
N VAL D 142 50.06 7.77 -26.41
CA VAL D 142 51.30 8.35 -26.93
C VAL D 142 51.39 8.10 -28.44
N GLU D 143 51.07 6.87 -28.84
CA GLU D 143 51.02 6.48 -30.26
C GLU D 143 50.01 7.33 -31.04
N ALA D 144 48.88 7.63 -30.40
CA ALA D 144 47.83 8.47 -31.02
C ALA D 144 48.23 9.94 -31.14
N GLY D 145 49.12 10.39 -30.25
CA GLY D 145 49.69 11.73 -30.29
C GLY D 145 49.12 12.68 -29.26
N LEU D 146 48.86 12.16 -28.07
CA LEU D 146 48.33 12.97 -26.98
C LEU D 146 49.42 13.88 -26.46
N VAL D 147 50.60 13.28 -26.29
CA VAL D 147 51.82 13.97 -25.87
C VAL D 147 52.09 15.28 -26.63
N GLU D 148 51.78 15.28 -27.92
CA GLU D 148 51.98 16.46 -28.78
C GLU D 148 51.03 17.58 -28.31
N CYS D 149 49.75 17.25 -28.23
CA CYS D 149 48.71 18.20 -27.82
C CYS D 149 49.03 18.75 -26.43
N LEU D 150 49.24 17.86 -25.48
CA LEU D 150 49.58 18.24 -24.10
C LEU D 150 50.66 19.32 -24.01
N LEU D 151 51.73 19.15 -24.80
CA LEU D 151 52.86 20.10 -24.76
C LEU D 151 52.48 21.48 -25.29
N GLU D 152 51.71 21.50 -26.38
CA GLU D 152 51.19 22.76 -26.93
C GLU D 152 50.27 23.49 -25.95
N ILE D 153 49.51 22.73 -25.15
CA ILE D 153 48.65 23.34 -24.11
C ILE D 153 49.54 24.00 -23.05
N VAL D 154 50.66 23.38 -22.71
CA VAL D 154 51.61 23.96 -21.75
C VAL D 154 52.20 25.25 -22.31
N GLN D 155 52.80 25.13 -23.51
CA GLN D 155 53.50 26.23 -24.20
C GLN D 155 52.68 27.49 -24.32
N GLN D 156 51.45 27.37 -24.84
CA GLN D 156 50.54 28.53 -24.95
C GLN D 156 50.35 29.27 -23.64
N LYS D 157 50.10 28.50 -22.59
CA LYS D 157 49.58 29.03 -21.34
C LYS D 157 50.62 29.11 -20.21
N VAL D 158 51.90 29.25 -20.57
CA VAL D 158 52.99 29.27 -19.56
C VAL D 158 52.95 30.53 -18.71
N ASP D 159 52.85 31.67 -19.37
CA ASP D 159 52.86 32.95 -18.68
C ASP D 159 51.46 33.57 -18.58
N SER D 160 50.47 32.88 -19.13
CA SER D 160 49.08 33.30 -18.97
C SER D 160 48.62 33.05 -17.55
N ASP D 161 47.89 34.01 -16.99
CA ASP D 161 47.41 33.93 -15.60
C ASP D 161 45.88 33.93 -15.50
N LYS D 162 45.21 33.34 -16.49
CA LYS D 162 43.77 33.11 -16.42
C LYS D 162 43.60 31.87 -15.53
N GLU D 163 42.72 31.94 -14.53
CA GLU D 163 42.55 30.80 -13.60
C GLU D 163 42.18 29.49 -14.31
N ASP D 164 41.45 29.61 -15.42
CA ASP D 164 41.19 28.47 -16.33
C ASP D 164 42.49 27.94 -16.95
N ASP D 165 43.31 28.87 -17.44
CA ASP D 165 44.56 28.52 -18.14
C ASP D 165 45.64 27.90 -17.24
N ILE D 166 45.75 28.33 -15.98
CA ILE D 166 46.74 27.71 -15.09
C ILE D 166 46.35 26.28 -14.70
N THR D 167 45.05 26.01 -14.65
CA THR D 167 44.58 24.65 -14.34
C THR D 167 44.61 23.76 -15.59
N GLU D 168 44.38 24.33 -16.78
CA GLU D 168 44.60 23.57 -18.03
C GLU D 168 46.09 23.22 -18.20
N LEU D 169 46.95 24.07 -17.67
CA LEU D 169 48.40 23.83 -17.65
C LEU D 169 48.77 22.69 -16.71
N LYS D 170 48.28 22.79 -15.48
CA LYS D 170 48.52 21.77 -14.46
C LYS D 170 48.05 20.39 -14.90
N THR D 171 46.88 20.34 -15.52
CA THR D 171 46.34 19.07 -16.04
C THR D 171 47.31 18.47 -17.05
N GLY D 172 47.59 19.21 -18.11
CA GLY D 172 48.48 18.74 -19.20
C GLY D 172 49.87 18.36 -18.71
N SER D 173 50.43 19.19 -17.84
CA SER D 173 51.77 18.93 -17.29
C SER D 173 51.77 17.68 -16.39
N ASP D 174 50.87 17.61 -15.42
CA ASP D 174 50.81 16.45 -14.52
C ASP D 174 50.40 15.16 -15.26
N LEU D 175 49.61 15.28 -16.32
CA LEU D 175 49.21 14.12 -17.13
C LEU D 175 50.40 13.57 -17.92
N MET D 176 51.25 14.47 -18.40
CA MET D 176 52.52 14.10 -19.03
C MET D 176 53.38 13.25 -18.09
N VAL D 177 53.42 13.67 -16.83
CA VAL D 177 54.11 12.94 -15.79
C VAL D 177 53.50 11.57 -15.65
N LEU D 178 52.18 11.53 -15.53
CA LEU D 178 51.45 10.26 -15.37
C LEU D 178 51.81 9.29 -16.48
N LEU D 179 51.67 9.75 -17.73
CA LEU D 179 52.06 8.94 -18.90
C LEU D 179 53.46 8.33 -18.82
N LEU D 180 54.38 9.01 -18.14
CA LEU D 180 55.76 8.53 -17.97
C LEU D 180 55.94 7.45 -16.88
N LEU D 181 54.85 7.02 -16.26
CA LEU D 181 54.88 5.90 -15.31
C LEU D 181 54.73 4.53 -15.99
N GLY D 182 54.15 4.53 -17.18
CA GLY D 182 54.10 3.34 -18.01
C GLY D 182 55.49 3.11 -18.59
N ASP D 183 56.04 1.91 -18.39
CA ASP D 183 57.41 1.62 -18.80
C ASP D 183 57.54 1.67 -20.30
N GLU D 184 56.62 1.04 -21.01
CA GLU D 184 56.69 1.04 -22.47
C GLU D 184 56.53 2.44 -23.05
N SER D 185 55.53 3.17 -22.55
CA SER D 185 55.22 4.53 -23.03
C SER D 185 56.35 5.51 -22.77
N MET D 186 56.88 5.48 -21.55
CA MET D 186 58.02 6.33 -21.17
C MET D 186 59.22 6.11 -22.10
N GLN D 187 59.62 4.85 -22.22
CA GLN D 187 60.75 4.47 -23.05
C GLN D 187 60.61 4.89 -24.50
N LYS D 188 59.36 4.98 -24.97
CA LYS D 188 59.11 5.52 -26.29
C LYS D 188 59.37 7.04 -26.39
N LEU D 189 59.10 7.78 -25.30
CA LEU D 189 59.23 9.26 -25.30
C LEU D 189 60.65 9.77 -25.05
N PHE D 190 61.34 9.11 -24.12
CA PHE D 190 62.78 9.22 -23.94
C PHE D 190 63.38 8.56 -25.17
N GLU D 191 63.81 9.35 -26.15
CA GLU D 191 63.80 8.86 -27.54
C GLU D 191 65.04 8.24 -28.23
N GLY D 192 66.18 7.95 -27.58
CA GLY D 192 66.47 8.13 -26.17
C GLY D 192 66.93 9.53 -25.86
N GLY D 193 66.57 9.99 -24.67
CA GLY D 193 66.96 11.31 -24.16
C GLY D 193 68.43 11.66 -24.39
N LYS D 194 68.73 12.70 -25.17
CA LYS D 194 67.75 13.69 -25.64
C LYS D 194 67.05 13.30 -26.97
N GLY D 195 65.72 13.22 -26.92
CA GLY D 195 64.86 13.10 -28.09
C GLY D 195 64.12 14.41 -28.34
N SER D 196 62.94 14.34 -28.95
CA SER D 196 62.19 15.56 -29.31
C SER D 196 61.21 16.01 -28.21
N VAL D 197 60.72 15.06 -27.43
CA VAL D 197 59.81 15.36 -26.31
C VAL D 197 60.63 15.66 -25.08
N PHE D 198 61.47 14.69 -24.73
CA PHE D 198 62.30 14.77 -23.52
C PHE D 198 63.01 16.11 -23.40
N GLN D 199 63.47 16.62 -24.52
CA GLN D 199 64.07 17.95 -24.57
C GLN D 199 63.08 18.99 -24.08
N ARG D 200 61.91 18.98 -24.70
CA ARG D 200 60.87 19.98 -24.41
C ARG D 200 60.38 19.88 -22.94
N VAL D 201 60.47 18.69 -22.35
CA VAL D 201 60.12 18.48 -20.92
C VAL D 201 61.25 18.94 -20.01
N LEU D 202 62.49 18.74 -20.46
CA LEU D 202 63.67 19.24 -19.73
C LEU D 202 63.60 20.73 -19.48
N SER D 203 63.28 21.47 -20.53
CA SER D 203 63.19 22.94 -20.50
C SER D 203 62.24 23.47 -19.42
N TRP D 204 61.35 22.62 -18.91
CA TRP D 204 60.50 22.98 -17.77
C TRP D 204 61.28 23.25 -16.45
N ILE D 205 62.47 22.69 -16.33
CA ILE D 205 63.24 22.78 -15.07
C ILE D 205 63.99 24.11 -14.96
N PRO D 206 64.55 24.62 -16.06
CA PRO D 206 65.02 26.01 -16.07
C PRO D 206 63.90 27.02 -15.90
N SER D 207 62.69 26.68 -16.35
CA SER D 207 61.55 27.59 -16.31
C SER D 207 61.18 28.03 -14.91
N ASN D 208 60.58 29.21 -14.85
CA ASN D 208 60.20 29.84 -13.58
C ASN D 208 58.71 29.68 -13.28
N ASN D 209 58.10 28.69 -13.94
CA ASN D 209 56.71 28.30 -13.68
C ASN D 209 56.68 27.17 -12.66
N HIS D 210 56.38 27.51 -11.41
CA HIS D 210 56.49 26.55 -10.30
C HIS D 210 55.91 25.17 -10.61
N GLN D 211 54.79 25.10 -11.33
CA GLN D 211 54.21 23.82 -11.76
C GLN D 211 55.15 23.09 -12.69
N LEU D 212 55.55 23.75 -13.78
CA LEU D 212 56.49 23.16 -14.75
C LEU D 212 57.79 22.65 -14.11
N GLN D 213 58.31 23.39 -13.14
CA GLN D 213 59.44 22.92 -12.36
C GLN D 213 59.11 21.58 -11.75
N LEU D 214 57.98 21.52 -11.07
CA LEU D 214 57.51 20.29 -10.44
C LEU D 214 57.33 19.13 -11.42
N ALA D 215 56.55 19.37 -12.47
CA ALA D 215 56.34 18.37 -13.54
C ALA D 215 57.66 17.86 -14.10
N GLY D 216 58.51 18.80 -14.50
CA GLY D 216 59.81 18.48 -15.09
C GLY D 216 60.65 17.56 -14.22
N ALA D 217 60.85 17.94 -12.96
CA ALA D 217 61.61 17.12 -12.02
C ALA D 217 61.03 15.72 -11.92
N LEU D 218 59.70 15.64 -11.78
CA LEU D 218 58.98 14.36 -11.66
C LEU D 218 59.12 13.55 -12.94
N ALA D 219 58.86 14.20 -14.06
CA ALA D 219 59.06 13.57 -15.38
C ALA D 219 60.45 12.96 -15.47
N ILE D 220 61.46 13.77 -15.18
CA ILE D 220 62.85 13.32 -15.21
C ILE D 220 63.01 12.05 -14.38
N ALA D 221 62.65 12.15 -13.10
CA ALA D 221 62.76 11.01 -12.20
C ALA D 221 62.09 9.76 -12.76
N ASN D 222 60.95 9.94 -13.41
CA ASN D 222 60.22 8.83 -14.03
C ASN D 222 60.93 8.29 -15.29
N PHE D 223 61.55 9.17 -16.06
CA PHE D 223 62.43 8.76 -17.15
C PHE D 223 63.58 7.94 -16.54
N ALA D 224 64.14 8.48 -15.47
CA ALA D 224 65.25 7.86 -14.76
C ALA D 224 64.79 6.63 -13.94
N ARG D 225 64.42 5.56 -14.63
CA ARG D 225 63.96 4.31 -13.96
C ARG D 225 64.56 3.00 -14.51
N ASN D 226 65.67 3.12 -15.21
CA ASN D 226 66.53 2.00 -15.56
C ASN D 226 67.96 2.48 -15.72
N ASP D 227 68.93 1.60 -15.49
CA ASP D 227 70.36 1.95 -15.51
C ASP D 227 70.69 2.81 -16.75
N ALA D 228 70.39 2.27 -17.93
CA ALA D 228 70.81 2.85 -19.21
C ALA D 228 70.34 4.27 -19.44
N ASN D 229 69.09 4.53 -19.08
CA ASN D 229 68.54 5.87 -19.17
C ASN D 229 69.25 6.83 -18.24
N CYS D 230 69.42 6.43 -16.99
CA CYS D 230 70.06 7.28 -15.98
C CYS D 230 71.49 7.66 -16.34
N ILE D 231 72.20 6.74 -16.98
CA ILE D 231 73.56 7.00 -17.45
C ILE D 231 73.51 8.11 -18.49
N HIS D 232 72.77 7.82 -19.54
CA HIS D 232 72.64 8.71 -20.70
C HIS D 232 72.08 10.10 -20.37
N MET D 233 71.53 10.25 -19.17
CA MET D 233 71.08 11.56 -18.68
C MET D 233 72.19 12.28 -17.91
N VAL D 234 72.86 11.57 -17.01
CA VAL D 234 73.93 12.18 -16.21
C VAL D 234 75.00 12.77 -17.14
N ASP D 235 75.32 12.03 -18.21
CA ASP D 235 76.32 12.44 -19.20
C ASP D 235 75.92 13.66 -20.02
N ASN D 236 74.63 13.89 -20.15
CA ASN D 236 74.12 15.07 -20.88
C ASN D 236 73.67 16.23 -19.99
N GLY D 237 74.18 16.27 -18.76
CA GLY D 237 74.04 17.43 -17.88
C GLY D 237 72.66 17.67 -17.28
N ILE D 238 71.97 16.59 -16.95
CA ILE D 238 70.67 16.65 -16.25
C ILE D 238 70.94 16.93 -14.77
N VAL D 239 72.04 16.36 -14.28
CA VAL D 239 72.38 16.46 -12.84
C VAL D 239 72.66 17.91 -12.47
N GLU D 240 73.27 18.62 -13.41
CA GLU D 240 73.64 20.02 -13.22
C GLU D 240 72.35 20.89 -13.16
N LYS D 241 71.43 20.65 -14.09
CA LYS D 241 70.15 21.37 -14.17
C LYS D 241 69.27 21.19 -12.94
N LEU D 242 69.28 19.99 -12.36
CA LEU D 242 68.50 19.71 -11.15
C LEU D 242 69.03 20.45 -9.92
N MET D 243 70.35 20.59 -9.84
CA MET D 243 70.98 21.34 -8.73
C MET D 243 70.63 22.82 -8.78
N ASP D 244 70.53 23.37 -9.99
CA ASP D 244 70.10 24.77 -10.20
C ASP D 244 68.70 25.00 -9.65
N LEU D 245 67.83 24.00 -9.86
CA LEU D 245 66.48 24.04 -9.33
C LEU D 245 66.46 23.97 -7.81
N LEU D 246 67.28 23.07 -7.25
CA LEU D 246 67.38 22.96 -5.79
C LEU D 246 67.91 24.26 -5.19
N ASP D 247 68.98 24.78 -5.78
CA ASP D 247 69.61 26.04 -5.32
C ASP D 247 68.63 27.20 -5.35
N ARG D 248 67.66 27.16 -6.25
CA ARG D 248 66.58 28.16 -6.27
C ARG D 248 65.62 28.05 -5.10
N HIS D 249 65.34 26.83 -4.64
CA HIS D 249 64.34 26.60 -3.59
C HIS D 249 64.94 26.28 -2.20
N VAL D 250 66.08 26.87 -1.86
CA VAL D 250 66.77 26.52 -0.61
C VAL D 250 66.09 27.13 0.61
N GLU D 251 65.81 28.41 0.55
CA GLU D 251 65.01 29.07 1.56
C GLU D 251 63.61 29.15 1.03
N ASP D 252 62.69 28.58 1.79
CA ASP D 252 61.39 28.24 1.24
C ASP D 252 60.74 29.46 0.58
N GLY D 253 60.32 29.35 -0.68
CA GLY D 253 60.56 28.19 -1.52
C GLY D 253 59.49 27.13 -1.38
N ASN D 254 59.58 26.10 -2.20
CA ASN D 254 58.54 25.09 -2.31
C ASN D 254 59.01 23.67 -2.01
N VAL D 255 58.35 23.03 -1.06
CA VAL D 255 58.76 21.71 -0.58
C VAL D 255 58.47 20.62 -1.62
N THR D 256 57.25 20.65 -2.14
CA THR D 256 56.83 19.82 -3.28
C THR D 256 57.91 19.68 -4.38
N VAL D 257 58.57 20.78 -4.72
CA VAL D 257 59.60 20.81 -5.79
C VAL D 257 60.97 20.30 -5.30
N GLN D 258 61.36 20.69 -4.09
CA GLN D 258 62.56 20.15 -3.45
C GLN D 258 62.53 18.62 -3.60
N HIS D 259 61.45 18.03 -3.10
CA HIS D 259 61.20 16.60 -3.19
C HIS D 259 61.38 16.05 -4.59
N ALA D 260 60.64 16.62 -5.55
CA ALA D 260 60.62 16.10 -6.92
C ALA D 260 62.02 16.05 -7.53
N ALA D 261 62.78 17.10 -7.27
CA ALA D 261 64.15 17.22 -7.78
C ALA D 261 65.10 16.23 -7.10
N LEU D 262 65.07 16.21 -5.77
CA LEU D 262 65.81 15.20 -4.98
C LEU D 262 65.49 13.77 -5.43
N SER D 263 64.19 13.51 -5.57
CA SER D 263 63.68 12.20 -6.00
C SER D 263 64.26 11.72 -7.32
N ALA D 264 64.48 12.67 -8.24
CA ALA D 264 65.16 12.37 -9.50
C ALA D 264 66.63 12.03 -9.28
N LEU D 265 67.33 12.84 -8.47
CA LEU D 265 68.76 12.63 -8.23
C LEU D 265 68.99 11.22 -7.66
N ARG D 266 68.24 10.92 -6.60
CA ARG D 266 68.19 9.57 -6.02
C ARG D 266 68.19 8.46 -7.08
N ASN D 267 67.29 8.57 -8.04
CA ASN D 267 67.24 7.61 -9.16
C ASN D 267 68.46 7.66 -10.07
N LEU D 268 68.91 8.87 -10.42
CA LEU D 268 70.06 9.02 -11.30
C LEU D 268 71.38 8.47 -10.69
N ALA D 269 71.39 8.37 -9.36
CA ALA D 269 72.53 7.86 -8.61
C ALA D 269 72.46 6.36 -8.28
N ILE D 270 71.51 5.65 -8.89
CA ILE D 270 71.40 4.20 -8.70
C ILE D 270 72.62 3.47 -9.29
N PRO D 271 72.89 3.64 -10.60
CA PRO D 271 73.88 2.78 -11.21
C PRO D 271 75.27 3.20 -10.78
N VAL D 272 76.18 2.22 -10.70
CA VAL D 272 77.51 2.43 -10.11
C VAL D 272 78.31 3.49 -10.89
N ILE D 273 78.15 3.47 -12.20
CA ILE D 273 78.85 4.35 -13.13
C ILE D 273 78.59 5.82 -12.77
N ASN D 274 77.33 6.18 -12.56
CA ASN D 274 76.95 7.58 -12.24
C ASN D 274 77.35 8.05 -10.84
N LYS D 275 77.57 7.12 -9.93
CA LYS D 275 77.83 7.48 -8.53
C LYS D 275 79.04 8.40 -8.44
N ALA D 276 80.10 7.99 -9.11
CA ALA D 276 81.31 8.79 -9.27
C ALA D 276 80.96 10.16 -9.88
N LYS D 277 80.45 10.11 -11.12
CA LYS D 277 80.22 11.29 -11.95
C LYS D 277 79.42 12.39 -11.22
N MET D 278 78.50 11.98 -10.34
CA MET D 278 77.64 12.94 -9.64
C MET D 278 78.34 13.58 -8.46
N LEU D 279 79.25 12.85 -7.82
CA LEU D 279 80.03 13.42 -6.72
C LEU D 279 80.94 14.54 -7.21
N SER D 280 81.58 14.31 -8.36
CA SER D 280 82.44 15.30 -9.01
C SER D 280 81.70 16.59 -9.35
N ALA D 281 80.46 16.45 -9.80
CA ALA D 281 79.59 17.61 -10.08
C ALA D 281 79.12 18.30 -8.79
N GLY D 282 79.18 17.59 -7.67
CA GLY D 282 78.97 18.15 -6.33
C GLY D 282 77.54 18.06 -5.81
N VAL D 283 76.89 16.95 -6.11
CA VAL D 283 75.49 16.73 -5.70
C VAL D 283 75.44 16.64 -4.18
N THR D 284 76.38 15.89 -3.62
CA THR D 284 76.49 15.72 -2.18
C THR D 284 76.45 17.05 -1.41
N GLU D 285 77.07 18.10 -1.96
CA GLU D 285 77.01 19.45 -1.37
C GLU D 285 75.59 20.04 -1.44
N ALA D 286 75.10 20.20 -2.66
CA ALA D 286 73.79 20.82 -2.94
C ALA D 286 72.64 20.15 -2.19
N VAL D 287 72.72 18.83 -2.08
CA VAL D 287 71.70 18.04 -1.41
C VAL D 287 71.71 18.33 0.10
N LEU D 288 72.89 18.44 0.69
CA LEU D 288 73.01 18.65 2.14
C LEU D 288 72.41 19.97 2.64
N LYS D 289 72.21 20.93 1.73
CA LYS D 289 71.55 22.21 2.07
C LYS D 289 70.15 22.04 2.67
N PHE D 290 69.52 20.90 2.37
CA PHE D 290 68.22 20.57 2.93
C PHE D 290 68.29 19.61 4.14
N LEU D 291 69.43 19.59 4.83
CA LEU D 291 69.52 18.86 6.12
C LEU D 291 68.57 19.46 7.12
N LYS D 292 68.53 20.79 7.13
CA LYS D 292 67.66 21.54 8.04
C LYS D 292 66.16 21.28 7.83
N SER D 293 65.77 20.89 6.61
CA SER D 293 64.35 20.72 6.27
C SER D 293 63.64 19.82 7.29
N GLU D 294 62.43 20.21 7.67
CA GLU D 294 61.61 19.46 8.63
C GLU D 294 60.48 18.71 7.92
N MET D 295 60.61 18.55 6.61
CA MET D 295 59.60 17.87 5.78
C MET D 295 60.04 16.43 5.47
N PRO D 296 59.36 15.44 6.07
CA PRO D 296 59.86 14.06 6.00
C PRO D 296 60.16 13.56 4.59
N PRO D 297 59.26 13.81 3.61
CA PRO D 297 59.52 13.42 2.21
C PRO D 297 60.77 14.02 1.61
N VAL D 298 61.10 15.24 2.01
CA VAL D 298 62.34 15.90 1.59
C VAL D 298 63.51 15.25 2.35
N GLN D 299 63.32 15.01 3.65
CA GLN D 299 64.32 14.31 4.47
C GLN D 299 64.63 12.93 3.90
N PHE D 300 63.59 12.27 3.41
CA PHE D 300 63.70 10.91 2.89
C PHE D 300 64.60 10.84 1.66
N LYS D 301 64.25 11.63 0.65
CA LYS D 301 64.95 11.60 -0.63
C LYS D 301 66.32 12.28 -0.55
N LEU D 302 66.53 13.10 0.48
CA LEU D 302 67.87 13.55 0.85
C LEU D 302 68.71 12.31 1.23
N LEU D 303 68.30 11.65 2.31
CA LEU D 303 68.98 10.43 2.83
C LEU D 303 69.12 9.32 1.80
N GLY D 304 68.15 9.24 0.90
CA GLY D 304 68.21 8.29 -0.20
C GLY D 304 69.40 8.62 -1.08
N THR D 305 69.43 9.87 -1.55
CA THR D 305 70.46 10.27 -2.51
C THR D 305 71.86 10.18 -1.92
N LEU D 306 72.02 10.50 -0.64
CA LEU D 306 73.32 10.30 0.02
C LEU D 306 73.74 8.83 -0.02
N ARG D 307 72.85 7.93 0.38
CA ARG D 307 73.19 6.50 0.48
C ARG D 307 73.56 5.88 -0.86
N MET D 308 72.93 6.36 -1.93
CA MET D 308 73.25 5.91 -3.28
C MET D 308 74.58 6.48 -3.78
N LEU D 309 74.87 7.73 -3.44
CA LEU D 309 76.11 8.37 -3.87
C LEU D 309 77.37 7.74 -3.26
N ILE D 310 77.26 7.22 -2.05
CA ILE D 310 78.46 6.74 -1.37
C ILE D 310 78.70 5.24 -1.51
N ASP D 311 77.89 4.56 -2.30
CA ASP D 311 77.80 3.09 -2.19
C ASP D 311 79.14 2.38 -2.33
N ALA D 312 79.83 2.59 -3.44
CA ALA D 312 81.10 1.93 -3.69
C ALA D 312 82.24 2.93 -3.52
N GLN D 313 81.85 4.19 -3.33
CA GLN D 313 82.79 5.30 -3.24
C GLN D 313 83.22 5.43 -1.79
N ALA D 314 84.49 5.14 -1.51
CA ALA D 314 84.98 5.15 -0.14
C ALA D 314 85.34 6.56 0.30
N GLU D 315 86.08 7.29 -0.54
CA GLU D 315 86.59 8.61 -0.15
C GLU D 315 85.47 9.61 0.08
N ALA D 316 84.41 9.50 -0.73
CA ALA D 316 83.20 10.29 -0.54
C ALA D 316 82.57 10.02 0.82
N ALA D 317 82.52 8.75 1.19
CA ALA D 317 81.96 8.33 2.48
C ALA D 317 82.79 8.78 3.68
N GLU D 318 84.10 8.87 3.47
CA GLU D 318 85.01 9.34 4.52
C GLU D 318 84.74 10.79 4.92
N GLN D 319 84.43 11.64 3.94
CA GLN D 319 84.13 13.05 4.20
C GLN D 319 82.72 13.18 4.80
N LEU D 320 81.76 12.43 4.28
CA LEU D 320 80.38 12.48 4.81
C LEU D 320 80.30 11.94 6.23
N GLY D 321 81.12 10.94 6.52
CA GLY D 321 81.20 10.39 7.88
C GLY D 321 81.80 11.37 8.85
N LYS D 322 82.90 12.00 8.44
CA LYS D 322 83.60 13.04 9.23
C LYS D 322 82.75 14.29 9.49
N ASN D 323 81.92 14.63 8.50
CA ASN D 323 80.95 15.74 8.61
C ASN D 323 80.06 15.60 9.85
N VAL D 324 80.37 16.36 10.90
CA VAL D 324 79.66 16.24 12.20
C VAL D 324 78.25 16.82 12.12
N LYS D 325 78.09 17.90 11.34
CA LYS D 325 76.77 18.48 11.09
C LYS D 325 75.75 17.39 10.71
N LEU D 326 76.12 16.58 9.70
CA LEU D 326 75.28 15.50 9.15
C LEU D 326 75.01 14.40 10.19
N VAL D 327 76.08 13.76 10.64
CA VAL D 327 76.01 12.60 11.56
C VAL D 327 75.13 12.89 12.79
N GLU D 328 75.23 14.12 13.29
CA GLU D 328 74.40 14.56 14.41
C GLU D 328 72.92 14.61 14.05
N ARG D 329 72.61 15.09 12.84
CA ARG D 329 71.24 15.07 12.33
C ARG D 329 70.70 13.63 12.20
N LEU D 330 71.57 12.70 11.80
CA LEU D 330 71.17 11.30 11.62
C LEU D 330 70.78 10.64 12.95
N VAL D 331 71.63 10.82 13.97
CA VAL D 331 71.33 10.30 15.30
C VAL D 331 70.06 10.98 15.85
N GLU D 332 69.82 12.21 15.43
CA GLU D 332 68.59 12.93 15.79
C GLU D 332 67.36 12.27 15.16
N TRP D 333 67.48 11.91 13.88
CA TRP D 333 66.38 11.29 13.16
C TRP D 333 66.12 9.86 13.58
N CYS D 334 67.19 9.10 13.86
CA CYS D 334 67.07 7.74 14.40
C CYS D 334 66.21 7.72 15.67
N GLU D 335 66.36 8.74 16.50
CA GLU D 335 65.72 8.77 17.83
C GLU D 335 64.30 9.36 17.83
N ALA D 336 63.87 9.91 16.70
CA ALA D 336 62.46 10.29 16.49
C ALA D 336 61.61 9.04 16.31
N LYS D 337 60.62 8.87 17.18
CA LYS D 337 59.74 7.68 17.18
C LYS D 337 59.03 7.52 15.84
N ASP D 338 58.36 8.58 15.42
CA ASP D 338 57.87 8.70 14.04
C ASP D 338 59.07 9.04 13.14
N HIS D 339 59.01 8.87 11.81
CA HIS D 339 57.77 8.65 11.04
C HIS D 339 57.18 7.21 10.90
N ALA D 340 57.94 6.13 10.68
CA ALA D 340 59.39 6.06 10.75
C ALA D 340 59.97 5.65 9.39
N GLY D 341 59.45 6.25 8.34
CA GLY D 341 59.99 6.03 7.00
C GLY D 341 61.40 6.62 6.91
N VAL D 342 61.52 7.84 7.41
CA VAL D 342 62.78 8.59 7.43
C VAL D 342 63.77 8.04 8.48
N MET D 343 63.23 7.48 9.56
CA MET D 343 64.05 6.87 10.61
C MET D 343 64.87 5.72 10.04
N GLY D 344 64.21 4.89 9.23
CA GLY D 344 64.86 3.73 8.63
C GLY D 344 66.01 4.13 7.73
N GLU D 345 65.69 4.95 6.73
CA GLU D 345 66.66 5.42 5.73
C GLU D 345 67.87 6.07 6.38
N SER D 346 67.61 6.81 7.45
CA SER D 346 68.67 7.45 8.25
C SER D 346 69.55 6.39 8.92
N ASN D 347 68.90 5.45 9.58
CA ASN D 347 69.61 4.41 10.29
C ASN D 347 70.57 3.60 9.40
N ARG D 348 70.11 3.34 8.17
CA ARG D 348 70.91 2.62 7.18
C ARG D 348 72.13 3.39 6.69
N LEU D 349 71.99 4.70 6.59
CA LEU D 349 73.09 5.60 6.19
C LEU D 349 74.22 5.62 7.23
N LEU D 350 73.86 5.64 8.51
CA LEU D 350 74.83 5.49 9.59
C LEU D 350 75.72 4.27 9.41
N SER D 351 75.09 3.14 9.14
CA SER D 351 75.79 1.89 8.80
C SER D 351 76.63 2.11 7.56
N ALA D 352 76.01 2.64 6.52
CA ALA D 352 76.64 2.83 5.21
C ALA D 352 77.87 3.76 5.22
N LEU D 353 77.87 4.75 6.12
CA LEU D 353 79.03 5.64 6.28
C LEU D 353 80.25 4.85 6.76
N ILE D 354 80.03 4.07 7.81
CA ILE D 354 81.06 3.17 8.35
C ILE D 354 81.51 2.17 7.30
N ARG D 355 80.55 1.43 6.76
CA ARG D 355 80.85 0.25 5.92
C ARG D 355 81.67 0.55 4.68
N HIS D 356 81.38 1.66 4.02
CA HIS D 356 82.03 1.99 2.75
C HIS D 356 83.36 2.70 2.93
N SER D 357 83.41 3.62 3.90
CA SER D 357 84.65 4.37 4.18
C SER D 357 85.68 3.52 4.93
N LYS D 358 85.19 2.67 5.82
CA LYS D 358 86.05 1.85 6.68
C LYS D 358 87.07 2.70 7.42
N SER D 359 86.65 3.92 7.74
CA SER D 359 87.54 4.92 8.36
C SER D 359 87.42 4.91 9.89
N LYS D 360 88.56 4.98 10.56
CA LYS D 360 88.59 5.03 12.02
C LYS D 360 87.98 6.34 12.50
N ASP D 361 88.19 7.39 11.71
CA ASP D 361 87.67 8.72 12.02
C ASP D 361 86.15 8.75 11.98
N VAL D 362 85.57 8.24 10.90
CA VAL D 362 84.11 8.29 10.74
C VAL D 362 83.43 7.47 11.84
N ILE D 363 84.11 6.40 12.29
CA ILE D 363 83.62 5.60 13.43
C ILE D 363 83.63 6.47 14.69
N LYS D 364 84.75 7.12 14.97
CA LYS D 364 84.87 7.98 16.15
C LYS D 364 83.85 9.13 16.13
N THR D 365 83.52 9.62 14.95
CA THR D 365 82.48 10.64 14.80
C THR D 365 81.12 10.10 15.27
N ILE D 366 80.79 8.90 14.79
CA ILE D 366 79.48 8.28 15.04
C ILE D 366 79.33 7.82 16.49
N VAL D 367 80.39 7.25 17.07
CA VAL D 367 80.33 6.78 18.46
C VAL D 367 80.13 7.98 19.39
N GLN D 368 80.76 9.10 19.03
CA GLN D 368 80.63 10.35 19.80
C GLN D 368 79.27 11.01 19.67
N SER D 369 78.70 10.96 18.46
CA SER D 369 77.33 11.47 18.24
C SER D 369 76.26 10.58 18.90
N GLY D 370 76.68 9.37 19.30
CA GLY D 370 75.83 8.45 20.07
C GLY D 370 75.13 7.44 19.18
N GLY D 371 75.76 7.11 18.07
CA GLY D 371 75.14 6.30 17.02
C GLY D 371 75.24 4.80 17.19
N ILE D 372 76.02 4.34 18.17
CA ILE D 372 76.18 2.90 18.37
C ILE D 372 74.86 2.26 18.76
N LYS D 373 74.19 2.83 19.77
CA LYS D 373 72.90 2.30 20.25
C LYS D 373 71.82 2.10 19.16
N HIS D 374 71.93 2.87 18.08
CA HIS D 374 71.00 2.75 16.94
C HIS D 374 71.38 1.62 15.98
N LEU D 375 72.65 1.56 15.62
CA LEU D 375 73.21 0.44 14.84
C LEU D 375 72.96 -0.91 15.52
N VAL D 376 73.02 -0.92 16.84
CA VAL D 376 72.71 -2.13 17.60
C VAL D 376 71.24 -2.54 17.46
N THR D 377 70.33 -1.60 17.69
CA THR D 377 68.89 -1.89 17.56
C THR D 377 68.47 -2.19 16.12
N MET D 378 69.26 -1.72 15.16
CA MET D 378 69.04 -2.04 13.74
C MET D 378 69.42 -3.49 13.44
N ALA D 379 70.32 -4.06 14.24
CA ALA D 379 70.68 -5.49 14.11
C ALA D 379 69.52 -6.43 14.46
N THR D 380 68.50 -5.89 15.14
CA THR D 380 67.27 -6.63 15.45
C THR D 380 66.10 -6.19 14.57
N SER D 381 66.39 -5.83 13.33
CA SER D 381 65.37 -5.36 12.40
C SER D 381 64.69 -6.51 11.67
N GLU D 382 63.42 -6.34 11.34
CA GLU D 382 62.66 -7.40 10.65
C GLU D 382 63.14 -7.65 9.21
N HIS D 383 63.75 -6.64 8.60
CA HIS D 383 64.32 -6.78 7.26
C HIS D 383 65.73 -7.32 7.40
N VAL D 384 66.02 -8.40 6.68
CA VAL D 384 67.29 -9.12 6.87
C VAL D 384 68.47 -8.38 6.24
N ILE D 385 68.21 -7.53 5.25
CA ILE D 385 69.30 -6.80 4.61
C ILE D 385 69.87 -5.82 5.63
N MET D 386 68.98 -5.07 6.26
CA MET D 386 69.35 -4.13 7.32
C MET D 386 70.04 -4.83 8.49
N GLN D 387 69.58 -6.02 8.84
CA GLN D 387 70.15 -6.77 9.96
C GLN D 387 71.65 -6.76 9.86
N ASN D 388 72.20 -7.39 8.83
CA ASN D 388 73.66 -7.60 8.78
C ASN D 388 74.42 -6.33 8.36
N GLU D 389 73.72 -5.37 7.74
CA GLU D 389 74.29 -4.03 7.57
C GLU D 389 74.71 -3.44 8.92
N ALA D 390 73.85 -3.62 9.91
CA ALA D 390 74.18 -3.24 11.28
C ALA D 390 75.34 -4.08 11.81
N LEU D 391 75.24 -5.40 11.63
CA LEU D 391 76.27 -6.35 12.11
C LEU D 391 77.63 -6.14 11.47
N VAL D 392 77.64 -5.81 10.18
CA VAL D 392 78.88 -5.52 9.43
C VAL D 392 79.50 -4.18 9.84
N ALA D 393 78.66 -3.15 9.96
CA ALA D 393 79.08 -1.87 10.51
C ALA D 393 79.58 -2.00 11.97
N LEU D 394 78.99 -2.93 12.71
CA LEU D 394 79.45 -3.27 14.06
C LEU D 394 80.72 -4.13 14.04
N ALA D 395 80.84 -5.00 13.05
CA ALA D 395 82.09 -5.74 12.84
C ALA D 395 83.24 -4.76 12.60
N LEU D 396 83.03 -3.80 11.71
CA LEU D 396 84.04 -2.75 11.46
C LEU D 396 84.37 -1.97 12.74
N ILE D 397 83.33 -1.50 13.43
CA ILE D 397 83.49 -0.77 14.70
C ILE D 397 84.42 -1.53 15.67
N ALA D 398 84.26 -2.84 15.74
CA ALA D 398 85.02 -3.67 16.68
C ALA D 398 86.44 -3.95 16.22
N ALA D 399 86.60 -4.24 14.93
CA ALA D 399 87.91 -4.52 14.38
C ALA D 399 88.84 -3.30 14.46
N LEU D 400 88.30 -2.12 14.14
CA LEU D 400 89.10 -0.91 14.01
C LEU D 400 89.24 -0.14 15.31
N GLU D 401 88.13 0.17 15.95
CA GLU D 401 88.10 1.13 17.06
C GLU D 401 87.28 0.62 18.24
N LEU D 402 87.64 -0.58 18.72
CA LEU D 402 86.90 -1.23 19.82
C LEU D 402 87.00 -0.49 21.17
N GLY D 403 88.12 0.19 21.39
CA GLY D 403 88.34 0.92 22.64
C GLY D 403 87.34 2.03 22.83
N THR D 404 87.32 2.94 21.85
CA THR D 404 86.43 4.11 21.86
C THR D 404 84.94 3.74 21.88
N ALA D 405 84.62 2.55 21.40
CA ALA D 405 83.23 2.07 21.32
C ALA D 405 82.75 1.23 22.51
N GLU D 406 83.64 0.46 23.14
CA GLU D 406 83.22 -0.58 24.09
C GLU D 406 82.28 -0.13 25.23
N LYS D 407 82.46 1.10 25.71
CA LYS D 407 81.61 1.62 26.80
C LYS D 407 80.14 1.80 26.36
N ASP D 408 79.93 2.45 25.21
CA ASP D 408 78.59 2.61 24.62
C ASP D 408 77.97 1.27 24.19
N LEU D 409 78.83 0.30 23.87
CA LEU D 409 78.38 -1.02 23.40
C LEU D 409 77.72 -1.85 24.52
N GLU D 410 78.29 -1.80 25.72
CA GLU D 410 77.66 -2.45 26.86
C GLU D 410 76.31 -1.78 27.19
N SER D 411 76.30 -0.44 27.12
CA SER D 411 75.07 0.34 27.32
C SER D 411 73.94 -0.16 26.42
N ALA D 412 74.27 -0.42 25.16
CA ALA D 412 73.30 -0.84 24.15
C ALA D 412 72.79 -2.28 24.31
N LYS D 413 73.49 -3.08 25.10
CA LYS D 413 73.13 -4.49 25.36
C LYS D 413 73.38 -5.36 24.12
N LEU D 414 74.50 -5.11 23.43
CA LEU D 414 74.80 -5.78 22.16
C LEU D 414 75.10 -7.26 22.36
N VAL D 415 75.93 -7.54 23.36
CA VAL D 415 76.26 -8.92 23.74
C VAL D 415 74.97 -9.76 23.96
N GLN D 416 74.01 -9.19 24.67
CA GLN D 416 72.75 -9.86 24.98
C GLN D 416 71.94 -10.15 23.72
N ILE D 417 71.95 -9.20 22.79
CA ILE D 417 71.25 -9.34 21.51
C ILE D 417 71.88 -10.44 20.64
N LEU D 418 73.20 -10.52 20.62
CA LEU D 418 73.88 -11.50 19.75
C LEU D 418 73.57 -12.96 20.15
N HIS D 419 73.48 -13.23 21.45
CA HIS D 419 73.08 -14.56 21.95
C HIS D 419 71.66 -14.90 21.50
N ARG D 420 70.72 -13.98 21.72
CA ARG D 420 69.34 -14.17 21.24
C ARG D 420 69.27 -14.31 19.71
N LEU D 421 70.14 -13.61 18.98
CA LEU D 421 70.24 -13.75 17.50
C LEU D 421 70.66 -15.16 17.05
N LEU D 422 71.61 -15.75 17.78
CA LEU D 422 72.26 -16.99 17.36
C LEU D 422 71.44 -18.24 17.74
N ALA D 423 70.18 -18.04 18.16
CA ALA D 423 69.08 -19.03 17.92
C ALA D 423 67.82 -18.37 17.34
N ASP D 424 66.95 -19.03 16.58
CA ASP D 424 67.17 -20.19 15.73
C ASP D 424 66.48 -19.90 14.38
N GLU D 425 65.98 -18.67 14.24
CA GLU D 425 65.63 -18.12 12.96
C GLU D 425 66.66 -17.05 12.79
N ARG D 426 67.42 -17.15 11.72
CA ARG D 426 68.66 -16.45 11.54
C ARG D 426 68.72 -16.40 10.04
N SER D 427 69.89 -16.17 9.43
CA SER D 427 69.93 -16.16 7.94
C SER D 427 70.47 -17.37 7.11
N ALA D 428 71.75 -17.77 7.18
CA ALA D 428 72.71 -17.56 8.27
C ALA D 428 73.60 -16.32 8.13
N PRO D 429 73.34 -15.51 7.11
CA PRO D 429 73.96 -14.18 6.94
C PRO D 429 73.94 -13.25 8.20
N GLU D 430 73.07 -13.57 9.16
CA GLU D 430 72.91 -12.89 10.45
C GLU D 430 73.62 -13.66 11.58
N ILE D 431 74.03 -14.90 11.26
CA ILE D 431 75.10 -15.65 11.98
C ILE D 431 76.60 -15.28 11.55
N LYS D 432 76.75 -14.27 10.68
CA LYS D 432 77.94 -13.34 10.65
C LYS D 432 78.08 -12.57 11.98
N TYR D 433 77.08 -12.73 12.83
CA TYR D 433 77.10 -12.39 14.25
C TYR D 433 78.19 -13.16 15.03
N ASN D 434 78.39 -14.42 14.67
CA ASN D 434 79.43 -15.28 15.29
C ASN D 434 80.87 -14.78 15.05
N SER D 435 81.02 -13.86 14.10
CA SER D 435 82.29 -13.12 13.90
C SER D 435 82.38 -11.86 14.78
N MET D 436 81.31 -11.07 14.86
CA MET D 436 81.26 -9.87 15.71
C MET D 436 81.37 -10.27 17.19
N VAL D 437 80.96 -11.50 17.50
CA VAL D 437 81.16 -12.09 18.82
C VAL D 437 82.62 -12.45 19.01
N LEU D 438 83.17 -13.18 18.05
CA LEU D 438 84.59 -13.56 18.11
C LEU D 438 85.51 -12.31 18.23
N ILE D 439 85.16 -11.24 17.51
CA ILE D 439 85.96 -10.00 17.51
C ILE D 439 85.75 -9.12 18.74
N CYS D 440 84.49 -9.00 19.17
CA CYS D 440 84.17 -8.23 20.40
C CYS D 440 84.74 -8.89 21.65
N ALA D 441 85.01 -10.19 21.57
CA ALA D 441 85.50 -11.00 22.71
C ALA D 441 86.81 -10.50 23.32
N LEU D 442 87.63 -9.85 22.49
CA LEU D 442 88.94 -9.36 22.92
C LEU D 442 88.93 -7.89 23.38
N MET D 443 87.99 -7.59 24.29
CA MET D 443 87.95 -6.29 24.99
C MET D 443 87.66 -6.57 26.47
N GLY D 444 88.51 -6.10 27.39
CA GLY D 444 88.39 -6.49 28.82
C GLY D 444 87.04 -6.12 29.48
N SER D 445 86.65 -4.84 29.36
CA SER D 445 85.27 -4.43 29.69
C SER D 445 84.35 -5.26 28.83
N GLU D 446 84.93 -5.78 27.75
CA GLU D 446 84.19 -6.63 26.83
C GLU D 446 83.75 -7.82 27.58
N CYS D 447 82.91 -8.57 26.90
CA CYS D 447 82.09 -9.55 27.54
C CYS D 447 82.87 -10.54 28.40
N LEU D 448 82.29 -10.99 29.52
CA LEU D 448 80.88 -10.73 29.85
C LEU D 448 79.93 -11.45 28.88
N HIS D 449 80.50 -12.24 27.97
CA HIS D 449 79.77 -13.21 27.16
C HIS D 449 79.98 -14.56 27.88
N LYS D 450 81.14 -14.73 28.50
CA LYS D 450 81.39 -15.84 29.45
C LYS D 450 80.55 -15.72 30.74
N GLU D 451 80.21 -14.49 31.13
CA GLU D 451 79.27 -14.26 32.27
C GLU D 451 77.80 -14.35 31.81
N VAL D 452 77.60 -14.84 30.58
CA VAL D 452 76.28 -15.05 29.96
C VAL D 452 76.22 -16.39 29.18
N GLN D 453 77.34 -17.12 29.09
CA GLN D 453 77.42 -18.51 28.60
C GLN D 453 76.90 -18.77 27.16
N ASP D 454 77.52 -18.12 26.17
CA ASP D 454 77.22 -18.34 24.74
C ASP D 454 77.74 -19.71 24.22
N LEU D 455 78.62 -20.34 25.00
CA LEU D 455 79.28 -21.60 24.59
C LEU D 455 78.33 -22.76 24.25
N ALA D 456 77.19 -22.82 24.92
CA ALA D 456 76.18 -23.90 24.68
C ALA D 456 75.46 -23.76 23.33
N PHE D 457 75.19 -22.52 22.91
CA PHE D 457 74.57 -22.24 21.60
C PHE D 457 75.55 -22.40 20.42
N LEU D 458 76.84 -22.13 20.65
CA LEU D 458 77.86 -22.16 19.57
C LEU D 458 78.21 -23.56 19.10
N ASP D 459 78.33 -24.49 20.05
CA ASP D 459 78.68 -25.89 19.75
C ASP D 459 77.51 -26.67 19.16
N VAL D 460 76.28 -26.22 19.44
CA VAL D 460 75.08 -26.78 18.81
C VAL D 460 75.06 -26.41 17.34
N VAL D 461 75.27 -25.12 17.06
CA VAL D 461 75.35 -24.59 15.68
C VAL D 461 76.57 -25.11 14.90
N SER D 462 77.61 -25.53 15.61
CA SER D 462 78.80 -26.16 15.01
C SER D 462 78.48 -27.45 14.25
N LYS D 463 77.43 -28.16 14.67
CA LYS D 463 77.20 -29.55 14.25
C LYS D 463 75.76 -29.89 13.83
N LEU D 464 75.17 -29.21 12.83
CA LEU D 464 75.66 -27.99 12.16
C LEU D 464 74.49 -27.49 11.31
N ARG D 465 74.49 -26.21 10.94
CA ARG D 465 73.44 -25.67 10.04
C ARG D 465 73.58 -26.30 8.63
N SER D 466 72.48 -26.29 7.88
CA SER D 466 72.48 -26.78 6.49
C SER D 466 73.56 -26.07 5.63
N HIS D 467 73.85 -24.81 5.95
CA HIS D 467 74.99 -24.09 5.32
C HIS D 467 76.34 -24.65 5.79
N GLU D 468 77.18 -25.01 4.83
CA GLU D 468 78.56 -25.42 5.09
C GLU D 468 79.34 -24.29 5.76
N ASN D 469 79.11 -23.06 5.27
CA ASN D 469 79.78 -21.86 5.78
C ASN D 469 79.35 -21.53 7.21
N LYS D 470 78.07 -21.75 7.52
CA LYS D 470 77.56 -21.55 8.90
C LYS D 470 78.21 -22.48 9.93
N SER D 471 78.56 -23.70 9.51
CA SER D 471 79.23 -24.63 10.40
C SER D 471 80.63 -24.16 10.81
N VAL D 472 81.42 -23.70 9.84
CA VAL D 472 82.85 -23.45 10.08
C VAL D 472 83.16 -22.31 11.07
N ALA D 473 82.58 -21.12 10.86
CA ALA D 473 82.86 -19.95 11.71
C ALA D 473 82.35 -20.20 13.11
N GLN D 474 81.35 -21.08 13.18
CA GLN D 474 80.78 -21.58 14.42
C GLN D 474 81.64 -22.64 15.13
N GLN D 475 82.24 -23.55 14.36
CA GLN D 475 83.19 -24.55 14.90
C GLN D 475 84.52 -23.90 15.30
N ALA D 476 84.92 -22.87 14.56
CA ALA D 476 86.08 -22.01 14.91
C ALA D 476 85.79 -21.11 16.11
N SER D 477 84.55 -20.62 16.19
CA SER D 477 84.07 -19.82 17.33
C SER D 477 84.00 -20.68 18.61
N LEU D 478 83.75 -21.98 18.46
CA LEU D 478 83.82 -22.93 19.59
C LEU D 478 85.25 -23.05 20.14
N THR D 479 86.23 -23.10 19.25
CA THR D 479 87.65 -23.18 19.63
C THR D 479 88.22 -21.86 20.20
N GLU D 480 87.76 -20.73 19.67
CA GLU D 480 88.15 -19.40 20.19
C GLU D 480 87.52 -19.10 21.57
N GLN D 481 86.31 -19.63 21.79
CA GLN D 481 85.58 -19.44 23.07
C GLN D 481 86.04 -20.37 24.22
N ARG D 482 86.75 -21.44 23.88
CA ARG D 482 87.33 -22.35 24.88
C ARG D 482 88.78 -22.00 25.26
N LEU D 483 89.57 -21.60 24.25
CA LEU D 483 91.03 -21.39 24.41
C LEU D 483 91.45 -19.97 24.79
N THR D 484 91.51 -19.07 23.80
CA THR D 484 92.00 -17.70 23.99
C THR D 484 90.94 -16.68 23.59
N ALA E 8 -33.43 6.63 9.63
CA ALA E 8 -34.38 7.17 8.63
C ALA E 8 -34.56 8.68 8.80
N ILE E 9 -34.45 9.41 7.68
CA ILE E 9 -34.55 10.86 7.68
C ILE E 9 -35.62 11.27 6.68
N ARG E 10 -36.59 12.06 7.13
CA ARG E 10 -37.71 12.48 6.28
C ARG E 10 -37.45 13.91 5.75
N LYS E 11 -37.43 14.06 4.43
CA LYS E 11 -37.31 15.38 3.76
C LYS E 11 -38.46 15.56 2.77
N LYS E 12 -39.00 16.78 2.66
CA LYS E 12 -40.13 17.08 1.75
C LYS E 12 -39.69 17.80 0.48
N LEU E 13 -40.36 17.47 -0.63
CA LEU E 13 -40.03 18.01 -1.96
C LEU E 13 -41.26 18.57 -2.68
N VAL E 14 -41.36 19.90 -2.74
CA VAL E 14 -42.38 20.56 -3.56
C VAL E 14 -41.89 20.50 -5.00
N ILE E 15 -42.78 20.62 -5.98
CA ILE E 15 -42.37 20.66 -7.38
C ILE E 15 -43.36 21.53 -8.17
N VAL E 16 -42.84 22.34 -9.10
CA VAL E 16 -43.63 23.41 -9.74
C VAL E 16 -43.19 23.74 -11.18
N GLY E 17 -44.15 24.07 -12.05
CA GLY E 17 -43.89 24.28 -13.49
C GLY E 17 -45.16 24.50 -14.29
N ASP E 18 -45.02 24.93 -15.55
CA ASP E 18 -46.16 25.45 -16.36
C ASP E 18 -47.35 24.49 -16.58
N GLY E 19 -47.13 23.41 -17.33
CA GLY E 19 -48.18 22.43 -17.61
C GLY E 19 -47.81 21.06 -17.08
N ALA E 20 -48.73 20.45 -16.31
CA ALA E 20 -48.42 19.29 -15.46
C ALA E 20 -48.57 17.91 -16.14
N CYS E 21 -48.57 17.88 -17.46
CA CYS E 21 -48.28 16.64 -18.17
C CYS E 21 -46.77 16.54 -18.43
N GLY E 22 -46.05 17.64 -18.19
CA GLY E 22 -44.58 17.64 -18.14
C GLY E 22 -43.99 17.25 -16.78
N LYS E 23 -44.70 17.56 -15.69
CA LYS E 23 -44.16 17.39 -14.33
C LYS E 23 -44.66 16.08 -13.74
N THR E 24 -45.99 15.86 -13.76
CA THR E 24 -46.56 14.59 -13.28
C THR E 24 -45.98 13.37 -13.99
N CYS E 25 -45.50 13.60 -15.21
CA CYS E 25 -44.65 12.62 -15.92
C CYS E 25 -43.34 12.33 -15.14
N LEU E 26 -42.85 13.31 -14.38
CA LEU E 26 -41.53 13.18 -13.73
C LEU E 26 -41.58 12.35 -12.45
N LEU E 27 -42.69 12.43 -11.70
CA LEU E 27 -42.80 11.72 -10.40
C LEU E 27 -43.58 10.40 -10.45
N ILE E 28 -44.43 10.19 -11.46
CA ILE E 28 -45.11 8.89 -11.59
C ILE E 28 -44.16 7.82 -12.16
N VAL E 29 -43.17 8.22 -12.94
CA VAL E 29 -42.14 7.28 -13.43
C VAL E 29 -41.30 6.65 -12.30
N PHE E 30 -41.22 7.29 -11.14
CA PHE E 30 -40.69 6.63 -9.93
C PHE E 30 -41.79 5.90 -9.16
N SER E 31 -42.32 4.84 -9.79
CA SER E 31 -43.09 3.79 -9.13
C SER E 31 -42.27 2.48 -9.32
N LYS E 32 -41.77 1.88 -8.23
CA LYS E 32 -40.77 0.79 -8.31
C LYS E 32 -41.03 -0.27 -7.23
N GLU E 45 -51.02 14.92 -6.38
CA GLU E 45 -50.53 15.85 -5.36
C GLU E 45 -50.06 15.27 -4.00
N ASN E 46 -50.09 13.95 -3.79
CA ASN E 46 -49.34 13.34 -2.66
C ASN E 46 -48.85 11.91 -2.98
N TYR E 47 -47.54 11.68 -2.79
CA TYR E 47 -46.88 10.44 -3.23
C TYR E 47 -45.68 10.18 -2.30
N VAL E 48 -45.26 8.93 -2.15
CA VAL E 48 -44.10 8.62 -1.29
C VAL E 48 -43.17 7.56 -1.87
N ALA E 49 -42.08 8.05 -2.47
CA ALA E 49 -41.01 7.21 -2.96
C ALA E 49 -39.82 7.12 -1.96
N ASP E 50 -38.77 6.39 -2.34
CA ASP E 50 -37.65 6.05 -1.46
C ASP E 50 -36.38 5.77 -2.30
N ILE E 51 -35.39 5.07 -1.72
CA ILE E 51 -34.13 4.78 -2.43
C ILE E 51 -33.70 3.39 -2.97
N GLU E 52 -34.22 2.20 -2.59
CA GLU E 52 -35.54 1.88 -2.02
C GLU E 52 -35.51 0.52 -1.25
N VAL E 53 -34.80 0.39 -0.12
CA VAL E 53 -34.06 1.47 0.54
C VAL E 53 -32.56 1.09 0.58
N ASP E 54 -31.75 1.79 -0.22
CA ASP E 54 -30.29 1.65 -0.18
C ASP E 54 -29.89 1.98 1.23
N GLY E 55 -28.97 1.21 1.81
CA GLY E 55 -29.13 0.73 3.18
C GLY E 55 -29.40 1.84 4.18
N LYS E 56 -28.74 2.98 3.95
CA LYS E 56 -29.02 4.19 4.73
C LYS E 56 -30.26 4.86 4.14
N GLN E 57 -31.32 4.90 4.95
CA GLN E 57 -32.66 5.10 4.44
C GLN E 57 -33.05 6.59 4.45
N VAL E 58 -33.42 7.12 3.27
CA VAL E 58 -33.93 8.50 3.17
C VAL E 58 -35.28 8.46 2.43
N GLU E 59 -36.33 8.93 3.11
CA GLU E 59 -37.70 8.95 2.58
C GLU E 59 -38.14 10.35 2.17
N LEU E 60 -38.82 10.44 1.02
CA LEU E 60 -39.24 11.73 0.46
C LEU E 60 -40.75 11.84 0.22
N ALA E 61 -41.44 12.68 0.99
CA ALA E 61 -42.84 13.02 0.71
C ALA E 61 -42.92 14.16 -0.34
N LEU E 62 -43.91 14.09 -1.24
CA LEU E 62 -43.93 14.96 -2.47
C LEU E 62 -45.16 15.86 -2.66
N TRP E 63 -45.16 16.66 -3.73
CA TRP E 63 -46.32 17.50 -4.13
C TRP E 63 -46.59 17.57 -5.64
N ASP E 70 -61.02 20.60 7.23
CA ASP E 70 -61.48 21.93 6.76
C ASP E 70 -60.56 23.08 7.20
N TYR E 71 -60.14 23.07 8.48
CA TYR E 71 -59.32 24.17 9.06
C TYR E 71 -57.85 24.23 8.60
N ASP E 72 -57.46 25.33 7.96
CA ASP E 72 -56.07 25.51 7.52
C ASP E 72 -55.14 25.79 8.70
N ARG E 73 -54.00 25.10 8.74
CA ARG E 73 -52.95 25.33 9.74
C ARG E 73 -51.77 26.00 9.05
N LEU E 74 -51.35 27.14 9.59
CA LEU E 74 -50.40 28.01 8.90
C LEU E 74 -49.03 28.01 9.53
N ARG E 75 -48.02 27.96 8.67
CA ARG E 75 -46.63 27.85 9.09
C ARG E 75 -45.95 29.19 8.91
N PRO E 76 -45.10 29.57 9.89
CA PRO E 76 -44.40 30.84 9.76
C PRO E 76 -43.30 30.74 8.73
N LEU E 77 -42.60 31.86 8.52
CA LEU E 77 -41.24 31.85 7.95
C LEU E 77 -40.21 32.48 8.86
N SER E 78 -39.11 31.79 9.13
CA SER E 78 -38.78 30.54 8.49
C SER E 78 -38.72 29.35 9.44
N TYR E 79 -39.75 28.55 9.32
CA TYR E 79 -39.77 27.19 9.79
C TYR E 79 -40.74 26.47 8.85
N PRO E 80 -40.36 26.35 7.56
CA PRO E 80 -41.31 25.81 6.59
C PRO E 80 -41.26 24.29 6.48
N ASP E 81 -42.43 23.71 6.20
CA ASP E 81 -42.55 22.29 5.95
C ASP E 81 -42.23 22.08 4.47
N THR E 82 -40.98 22.36 4.11
CA THR E 82 -40.47 22.20 2.75
C THR E 82 -38.96 22.22 2.87
N ASP E 83 -38.31 21.24 2.26
CA ASP E 83 -36.86 21.11 2.34
C ASP E 83 -36.16 21.39 1.00
N VAL E 84 -36.91 21.33 -0.10
CA VAL E 84 -36.36 21.60 -1.45
C VAL E 84 -37.42 21.69 -2.54
N ILE E 85 -37.31 22.72 -3.39
CA ILE E 85 -38.26 22.97 -4.49
C ILE E 85 -37.65 22.52 -5.83
N LEU E 86 -38.47 21.95 -6.70
CA LEU E 86 -38.04 21.61 -8.05
C LEU E 86 -38.83 22.46 -9.03
N MET E 87 -38.18 23.48 -9.57
CA MET E 87 -38.81 24.37 -10.53
C MET E 87 -38.65 23.79 -11.92
N CYS E 88 -39.76 23.29 -12.49
CA CYS E 88 -39.75 22.59 -13.77
C CYS E 88 -40.18 23.45 -14.96
N PHE E 89 -39.41 23.33 -16.04
CA PHE E 89 -39.77 23.88 -17.34
C PHE E 89 -39.54 22.80 -18.38
N SER E 90 -40.29 22.86 -19.48
CA SER E 90 -40.13 21.89 -20.56
C SER E 90 -39.12 22.42 -21.58
N ILE E 91 -38.23 21.56 -22.06
CA ILE E 91 -37.20 21.95 -23.06
C ILE E 91 -37.82 22.32 -24.41
N ASP E 92 -38.98 21.73 -24.72
CA ASP E 92 -39.70 22.03 -25.97
C ASP E 92 -40.43 23.39 -26.01
N SER E 93 -40.44 24.10 -24.88
CA SER E 93 -41.02 25.44 -24.82
C SER E 93 -40.08 26.41 -24.11
N PRO E 94 -39.39 27.26 -24.87
CA PRO E 94 -38.57 28.30 -24.22
C PRO E 94 -39.42 29.44 -23.63
N ASP E 95 -40.72 29.46 -23.95
CA ASP E 95 -41.67 30.33 -23.24
C ASP E 95 -41.76 29.91 -21.77
N SER E 96 -41.88 28.60 -21.55
CA SER E 96 -41.99 28.05 -20.19
C SER E 96 -40.71 28.18 -19.34
N LEU E 97 -39.57 28.37 -20.00
CA LEU E 97 -38.32 28.71 -19.29
C LEU E 97 -38.31 30.20 -18.93
N GLU E 98 -38.65 31.08 -19.87
CA GLU E 98 -38.62 32.54 -19.61
C GLU E 98 -39.70 32.99 -18.61
N ASN E 99 -40.75 32.19 -18.45
CA ASN E 99 -41.77 32.45 -17.41
C ASN E 99 -41.26 32.25 -15.99
N ILE E 100 -40.25 31.39 -15.82
CA ILE E 100 -39.69 31.06 -14.50
C ILE E 100 -39.37 32.31 -13.64
N PRO E 101 -38.57 33.26 -14.16
CA PRO E 101 -38.21 34.43 -13.35
C PRO E 101 -39.38 35.35 -12.98
N GLU E 102 -40.44 35.35 -13.79
CA GLU E 102 -41.59 36.26 -13.57
C GLU E 102 -42.78 35.62 -12.82
N LYS E 103 -43.05 34.35 -13.08
CA LYS E 103 -44.26 33.68 -12.54
C LYS E 103 -44.01 32.80 -11.32
N TRP E 104 -42.95 31.99 -11.35
CA TRP E 104 -42.64 31.06 -10.25
C TRP E 104 -41.70 31.63 -9.18
N THR E 105 -40.66 32.34 -9.60
CA THR E 105 -39.60 32.79 -8.67
C THR E 105 -40.05 33.80 -7.59
N PRO E 106 -40.91 34.79 -7.94
CA PRO E 106 -41.37 35.76 -6.94
C PRO E 106 -42.14 35.15 -5.77
N GLU E 107 -43.00 34.17 -6.08
CA GLU E 107 -43.73 33.41 -5.06
C GLU E 107 -42.76 32.81 -4.04
N VAL E 108 -41.76 32.10 -4.55
CA VAL E 108 -40.75 31.42 -3.69
C VAL E 108 -39.89 32.46 -2.99
N LYS E 109 -39.51 33.50 -3.72
CA LYS E 109 -38.80 34.64 -3.14
C LYS E 109 -39.36 35.05 -1.77
N HIS E 110 -40.66 35.36 -1.77
CA HIS E 110 -41.32 35.96 -0.60
C HIS E 110 -41.71 34.92 0.47
N PHE E 111 -42.28 33.80 0.04
CA PHE E 111 -42.90 32.80 0.94
C PHE E 111 -41.96 31.65 1.37
N CYS E 112 -41.15 31.16 0.45
CA CYS E 112 -40.16 30.11 0.74
C CYS E 112 -38.73 30.61 0.51
N PRO E 113 -38.25 31.54 1.36
CA PRO E 113 -36.85 31.91 1.27
C PRO E 113 -36.01 30.89 2.04
N ASN E 114 -34.74 30.77 1.69
CA ASN E 114 -33.83 29.76 2.27
C ASN E 114 -34.15 28.32 1.87
N VAL E 115 -35.18 28.11 1.06
CA VAL E 115 -35.51 26.78 0.57
C VAL E 115 -34.74 26.60 -0.74
N PRO E 116 -33.80 25.64 -0.78
CA PRO E 116 -33.00 25.46 -1.99
C PRO E 116 -33.82 25.02 -3.18
N ILE E 117 -33.41 25.48 -4.36
CA ILE E 117 -34.14 25.26 -5.60
C ILE E 117 -33.32 24.36 -6.52
N ILE E 118 -34.00 23.52 -7.29
CA ILE E 118 -33.41 22.76 -8.39
C ILE E 118 -34.17 23.12 -9.66
N LEU E 119 -33.50 23.79 -10.60
CA LEU E 119 -34.12 24.01 -11.90
C LEU E 119 -34.04 22.69 -12.68
N VAL E 120 -35.13 22.36 -13.38
CA VAL E 120 -35.26 21.06 -14.06
C VAL E 120 -35.86 21.21 -15.45
N GLY E 121 -35.10 20.80 -16.46
CA GLY E 121 -35.58 20.76 -17.84
C GLY E 121 -36.30 19.46 -18.15
N ASN E 122 -37.64 19.50 -18.13
CA ASN E 122 -38.44 18.32 -18.48
C ASN E 122 -38.32 17.93 -19.95
N LYS E 123 -38.47 16.63 -20.19
CA LYS E 123 -38.49 16.08 -21.55
C LYS E 123 -37.33 16.56 -22.44
N LYS E 124 -36.14 16.04 -22.13
CA LYS E 124 -34.89 16.27 -22.89
C LYS E 124 -34.82 15.48 -24.22
N ASP E 125 -35.66 14.45 -24.36
CA ASP E 125 -35.70 13.62 -25.58
C ASP E 125 -36.09 14.37 -26.87
N LEU E 126 -36.92 15.41 -26.75
CA LEU E 126 -37.49 16.05 -27.97
C LEU E 126 -36.72 17.31 -28.48
N ARG E 127 -35.40 17.33 -28.28
CA ARG E 127 -34.55 18.48 -28.60
C ARG E 127 -34.26 18.58 -30.11
N ASN E 128 -33.30 17.79 -30.60
CA ASN E 128 -33.14 17.59 -32.06
C ASN E 128 -34.09 16.52 -32.57
N ASP E 129 -35.32 16.95 -32.80
CA ASP E 129 -36.38 16.10 -33.32
C ASP E 129 -36.90 16.72 -34.61
N GLU E 130 -37.36 15.85 -35.52
CA GLU E 130 -37.87 16.27 -36.82
C GLU E 130 -39.20 17.02 -36.68
N HIS E 131 -40.07 16.55 -35.79
CA HIS E 131 -41.40 17.14 -35.63
C HIS E 131 -41.39 18.48 -34.87
N THR E 132 -40.63 18.55 -33.78
CA THR E 132 -40.78 19.65 -32.80
C THR E 132 -39.78 20.82 -32.82
N ARG E 133 -38.60 20.66 -33.41
CA ARG E 133 -37.74 21.85 -33.70
C ARG E 133 -38.20 22.57 -34.98
N ARG E 134 -38.92 21.83 -35.82
CA ARG E 134 -39.54 22.39 -37.03
C ARG E 134 -40.81 23.17 -36.65
N GLU E 135 -41.60 22.61 -35.73
CA GLU E 135 -42.79 23.31 -35.21
C GLU E 135 -42.41 24.55 -34.38
N LEU E 136 -41.26 24.48 -33.70
CA LEU E 136 -40.69 25.62 -32.94
C LEU E 136 -40.21 26.77 -33.84
N ALA E 137 -39.79 26.44 -35.07
CA ALA E 137 -39.41 27.46 -36.05
C ALA E 137 -40.57 28.39 -36.42
N LYS E 138 -41.78 27.84 -36.44
CA LYS E 138 -43.01 28.62 -36.67
C LYS E 138 -43.31 29.68 -35.59
N MET E 139 -42.63 29.58 -34.45
CA MET E 139 -42.63 30.62 -33.40
C MET E 139 -41.43 31.59 -33.51
N LYS E 140 -40.71 31.55 -34.64
CA LYS E 140 -39.39 32.21 -34.82
C LYS E 140 -38.35 31.72 -33.80
N GLN E 141 -38.50 30.46 -33.38
CA GLN E 141 -37.78 29.93 -32.21
C GLN E 141 -37.05 28.62 -32.47
N GLU E 142 -36.31 28.18 -31.45
CA GLU E 142 -35.63 26.88 -31.44
C GLU E 142 -35.63 26.32 -30.01
N PRO E 143 -35.31 25.01 -29.85
CA PRO E 143 -35.27 24.41 -28.51
C PRO E 143 -34.25 25.03 -27.55
N VAL E 144 -34.41 24.68 -26.27
CA VAL E 144 -33.61 25.26 -25.20
C VAL E 144 -32.27 24.55 -25.07
N LYS E 145 -31.16 25.30 -25.09
CA LYS E 145 -29.82 24.71 -24.88
C LYS E 145 -29.51 24.55 -23.37
N PRO E 146 -28.50 23.72 -23.04
CA PRO E 146 -28.04 23.64 -21.64
C PRO E 146 -27.22 24.85 -21.16
N GLU E 147 -26.83 25.70 -22.09
CA GLU E 147 -26.30 27.03 -21.77
C GLU E 147 -27.40 27.92 -21.17
N GLU E 148 -28.52 28.00 -21.89
CA GLU E 148 -29.68 28.76 -21.44
C GLU E 148 -30.27 28.22 -20.13
N GLY E 149 -30.15 26.92 -19.92
CA GLY E 149 -30.57 26.29 -18.67
C GLY E 149 -29.74 26.73 -17.47
N ARG E 150 -28.42 26.54 -17.56
CA ARG E 150 -27.50 26.94 -16.47
C ARG E 150 -27.53 28.45 -16.21
N ASP E 151 -27.69 29.24 -17.27
CA ASP E 151 -27.82 30.70 -17.15
C ASP E 151 -29.01 31.09 -16.26
N MET E 152 -30.14 30.44 -16.47
CA MET E 152 -31.33 30.65 -15.63
C MET E 152 -31.10 30.16 -14.20
N ALA E 153 -30.45 29.00 -14.06
CA ALA E 153 -30.20 28.40 -12.74
C ALA E 153 -29.38 29.32 -11.82
N ASN E 154 -28.32 29.91 -12.36
CA ASN E 154 -27.47 30.84 -11.60
C ASN E 154 -28.13 32.19 -11.41
N ARG E 155 -29.09 32.49 -12.28
CA ARG E 155 -29.93 33.69 -12.19
C ARG E 155 -30.88 33.64 -10.99
N ILE E 156 -31.74 32.62 -10.95
CA ILE E 156 -32.74 32.49 -9.88
C ILE E 156 -32.14 32.06 -8.53
N GLY E 157 -30.87 31.67 -8.53
CA GLY E 157 -30.16 31.32 -7.31
C GLY E 157 -30.35 29.86 -6.93
N ALA E 158 -30.32 29.00 -7.95
CA ALA E 158 -30.56 27.58 -7.77
C ALA E 158 -29.40 26.89 -7.05
N PHE E 159 -29.70 25.80 -6.36
CA PHE E 159 -28.68 24.90 -5.82
C PHE E 159 -28.01 24.14 -6.97
N GLY E 160 -28.76 23.88 -8.03
CA GLY E 160 -28.19 23.31 -9.23
C GLY E 160 -29.17 23.16 -10.38
N TYR E 161 -28.70 22.53 -11.45
CA TYR E 161 -29.49 22.27 -12.66
C TYR E 161 -29.44 20.78 -12.97
N MET E 162 -30.46 20.27 -13.64
CA MET E 162 -30.41 18.93 -14.22
C MET E 162 -31.56 18.62 -15.18
N GLU E 163 -31.21 18.39 -16.45
CA GLU E 163 -32.19 18.00 -17.47
C GLU E 163 -32.56 16.53 -17.31
N CYS E 164 -33.74 16.17 -17.80
CA CYS E 164 -34.24 14.79 -17.71
C CYS E 164 -35.41 14.54 -18.65
N SER E 165 -35.48 13.31 -19.16
CA SER E 165 -36.59 12.87 -20.01
C SER E 165 -37.56 11.99 -19.23
N ALA E 166 -38.83 12.37 -19.20
CA ALA E 166 -39.87 11.56 -18.57
C ALA E 166 -40.06 10.23 -19.32
N LYS E 167 -40.23 10.32 -20.64
CA LYS E 167 -40.56 9.13 -21.46
C LYS E 167 -39.40 8.15 -21.71
N THR E 168 -38.17 8.65 -21.86
CA THR E 168 -37.00 7.77 -22.11
C THR E 168 -36.17 7.43 -20.86
N LYS E 169 -36.65 7.85 -19.68
CA LYS E 169 -36.05 7.47 -18.38
C LYS E 169 -34.59 8.00 -18.20
N ASP E 170 -34.20 8.96 -19.03
CA ASP E 170 -32.83 9.52 -19.00
C ASP E 170 -32.72 10.67 -18.01
N GLY E 171 -31.79 10.55 -17.05
CA GLY E 171 -31.53 11.58 -16.05
C GLY E 171 -32.60 11.77 -14.98
N VAL E 172 -33.53 10.81 -14.85
CA VAL E 172 -34.67 10.94 -13.94
C VAL E 172 -34.26 10.68 -12.49
N ARG E 173 -33.50 9.61 -12.25
CA ARG E 173 -33.00 9.33 -10.90
C ARG E 173 -31.96 10.38 -10.48
N GLU E 174 -31.25 10.95 -11.46
CA GLU E 174 -30.25 12.00 -11.21
C GLU E 174 -30.83 13.32 -10.66
N VAL E 175 -32.13 13.54 -10.89
CA VAL E 175 -32.83 14.69 -10.28
C VAL E 175 -33.13 14.43 -8.81
N PHE E 176 -33.66 13.25 -8.52
CA PHE E 176 -33.98 12.86 -7.14
C PHE E 176 -32.73 12.59 -6.29
N GLU E 177 -31.64 12.18 -6.95
CA GLU E 177 -30.31 12.20 -6.31
C GLU E 177 -29.99 13.64 -5.89
N MET E 178 -30.03 14.55 -6.86
CA MET E 178 -29.67 15.97 -6.66
C MET E 178 -30.57 16.69 -5.64
N ALA E 179 -31.87 16.39 -5.71
CA ALA E 179 -32.83 16.96 -4.79
C ALA E 179 -32.51 16.58 -3.35
N THR E 180 -32.18 15.31 -3.14
CA THR E 180 -31.86 14.80 -1.79
C THR E 180 -30.55 15.40 -1.24
N ARG E 181 -29.54 15.53 -2.10
CA ARG E 181 -28.28 16.17 -1.70
C ARG E 181 -28.49 17.63 -1.30
N ALA E 182 -29.36 18.32 -2.04
CA ALA E 182 -29.76 19.70 -1.73
C ALA E 182 -30.50 19.81 -0.41
N ALA E 183 -31.34 18.82 -0.12
CA ALA E 183 -32.13 18.78 1.12
C ALA E 183 -31.26 18.62 2.37
N LEU E 184 -30.31 17.68 2.32
CA LEU E 184 -29.49 17.34 3.50
C LEU E 184 -28.58 18.52 3.90
N GLN E 185 -27.90 19.12 2.92
CA GLN E 185 -26.95 20.23 3.19
C GLN E 185 -27.67 21.49 3.77
N ALA E 186 -27.48 21.79 5.07
CA ALA E 186 -28.36 22.77 5.75
C ALA E 186 -28.03 24.21 5.41
N CYS E 195 -19.52 20.19 14.71
CA CYS E 195 -19.11 19.56 15.97
C CYS E 195 -17.65 19.91 16.20
N LEU E 196 -17.19 20.17 17.44
CA LEU E 196 -17.97 20.15 18.70
C LEU E 196 -18.81 18.86 18.89
N ALA F 8 -6.59 2.51 -10.18
CA ALA F 8 -7.98 2.79 -10.70
C ALA F 8 -8.76 1.53 -11.18
N ILE F 9 -8.73 0.45 -10.39
CA ILE F 9 -9.41 -0.81 -10.76
C ILE F 9 -10.72 -0.98 -9.99
N ARG F 10 -11.79 -1.32 -10.72
CA ARG F 10 -13.15 -1.54 -10.17
C ARG F 10 -13.55 -3.00 -10.25
N LYS F 11 -13.84 -3.63 -9.11
CA LYS F 11 -14.20 -5.06 -9.05
C LYS F 11 -15.45 -5.33 -8.19
N LYS F 12 -16.24 -6.33 -8.60
CA LYS F 12 -17.56 -6.59 -8.04
C LYS F 12 -17.60 -7.82 -7.15
N LEU F 13 -18.23 -7.69 -5.98
CA LEU F 13 -18.26 -8.72 -4.92
C LEU F 13 -19.66 -9.28 -4.60
N VAL F 14 -19.71 -10.55 -4.17
CA VAL F 14 -20.98 -11.25 -3.87
C VAL F 14 -20.92 -12.06 -2.57
N ILE F 15 -21.63 -11.60 -1.54
CA ILE F 15 -21.73 -12.30 -0.24
C ILE F 15 -23.01 -13.17 -0.32
N VAL F 16 -23.18 -14.14 0.58
CA VAL F 16 -24.39 -15.03 0.64
C VAL F 16 -24.78 -15.55 2.05
N GLY F 17 -26.09 -15.48 2.36
CA GLY F 17 -26.64 -15.78 3.69
C GLY F 17 -27.97 -15.07 3.91
N GLU F 45 -20.98 1.40 2.57
CA GLU F 45 -22.36 1.88 2.44
C GLU F 45 -22.53 3.22 3.18
N ASN F 46 -22.41 4.38 2.50
CA ASN F 46 -21.99 4.54 1.08
C ASN F 46 -20.63 5.25 0.84
N TYR F 47 -19.57 4.45 0.99
CA TYR F 47 -18.15 4.87 0.81
C TYR F 47 -17.45 4.63 -0.55
N VAL F 48 -17.71 3.55 -1.30
CA VAL F 48 -18.64 2.45 -0.99
C VAL F 48 -18.16 1.04 -1.47
N ALA F 49 -17.39 0.27 -0.68
CA ALA F 49 -16.29 0.72 0.20
C ALA F 49 -15.02 0.71 -0.66
N ASP F 50 -13.87 0.97 -0.04
CA ASP F 50 -12.62 1.09 -0.79
C ASP F 50 -11.41 0.58 0.02
N ILE F 51 -10.39 0.11 -0.69
CA ILE F 51 -9.20 -0.55 -0.07
C ILE F 51 -7.96 -0.13 -0.90
N GLU F 52 -6.74 -0.38 -0.41
CA GLU F 52 -5.53 -0.14 -1.21
C GLU F 52 -4.46 -1.24 -1.07
N VAL F 53 -3.77 -1.54 -2.18
CA VAL F 53 -2.64 -2.51 -2.21
C VAL F 53 -1.47 -1.95 -3.05
N ASP F 54 -0.34 -1.70 -2.37
CA ASP F 54 0.88 -1.10 -2.93
C ASP F 54 0.70 0.19 -3.77
N GLY F 55 0.15 1.23 -3.16
CA GLY F 55 0.09 2.59 -3.74
C GLY F 55 -1.07 2.91 -4.68
N LYS F 56 -2.12 2.09 -4.63
CA LYS F 56 -3.08 1.94 -5.74
C LYS F 56 -4.54 1.78 -5.31
N GLN F 57 -5.45 2.43 -6.05
CA GLN F 57 -6.87 2.49 -5.69
C GLN F 57 -7.66 1.29 -6.23
N VAL F 58 -8.31 0.54 -5.35
CA VAL F 58 -9.17 -0.59 -5.75
C VAL F 58 -10.54 -0.42 -5.07
N GLU F 59 -11.58 -0.32 -5.91
CA GLU F 59 -12.96 -0.09 -5.43
C GLU F 59 -13.82 -1.36 -5.62
N LEU F 60 -14.63 -1.66 -4.60
CA LEU F 60 -15.43 -2.89 -4.54
C LEU F 60 -16.93 -2.58 -4.40
N ALA F 61 -17.71 -2.82 -5.46
CA ALA F 61 -19.19 -2.76 -5.39
C ALA F 61 -19.78 -4.13 -4.96
N LEU F 62 -20.92 -4.13 -4.26
CA LEU F 62 -21.46 -5.36 -3.61
C LEU F 62 -22.88 -5.88 -4.02
N TRP F 63 -23.30 -7.02 -3.46
CA TRP F 63 -24.72 -7.47 -3.52
C TRP F 63 -25.23 -8.11 -2.22
N ASP F 70 -37.07 -1.77 -14.67
CA ASP F 70 -37.80 -3.03 -14.43
C ASP F 70 -37.35 -4.18 -15.33
N TYR F 71 -37.11 -3.91 -16.60
CA TYR F 71 -36.65 -4.96 -17.53
C TYR F 71 -35.30 -5.60 -17.15
N ASP F 72 -35.26 -6.92 -16.99
CA ASP F 72 -34.02 -7.63 -16.65
C ASP F 72 -33.05 -7.66 -17.84
N ARG F 73 -31.79 -7.36 -17.59
CA ARG F 73 -30.73 -7.47 -18.61
C ARG F 73 -29.83 -8.65 -18.25
N LEU F 74 -29.63 -9.54 -19.22
CA LEU F 74 -29.00 -10.82 -18.94
C LEU F 74 -27.62 -10.96 -19.50
N ARG F 75 -26.75 -11.53 -18.68
CA ARG F 75 -25.34 -11.70 -19.00
C ARG F 75 -25.04 -13.15 -19.35
N PRO F 76 -24.19 -13.38 -20.36
CA PRO F 76 -23.85 -14.75 -20.72
C PRO F 76 -22.98 -15.37 -19.65
N LEU F 77 -22.75 -16.68 -19.75
CA LEU F 77 -21.76 -17.33 -18.91
C LEU F 77 -20.48 -16.90 -19.54
N SER F 78 -19.41 -16.81 -18.76
CA SER F 78 -18.08 -16.58 -19.33
C SER F 78 -17.86 -15.12 -19.68
N TYR F 79 -18.77 -14.23 -19.30
CA TYR F 79 -18.45 -12.80 -19.20
C TYR F 79 -19.35 -12.25 -18.08
N PRO F 80 -19.13 -12.72 -16.83
CA PRO F 80 -20.05 -12.34 -15.76
C PRO F 80 -19.65 -11.07 -15.04
N ASP F 81 -20.65 -10.32 -14.60
CA ASP F 81 -20.44 -9.13 -13.81
C ASP F 81 -20.32 -9.59 -12.37
N THR F 82 -19.25 -10.33 -12.12
CA THR F 82 -18.93 -10.85 -10.78
C THR F 82 -17.47 -11.27 -10.83
N ASP F 83 -16.71 -10.80 -9.87
CA ASP F 83 -15.29 -11.08 -9.84
C ASP F 83 -14.89 -12.00 -8.68
N VAL F 84 -15.74 -12.14 -7.66
CA VAL F 84 -15.47 -13.05 -6.52
C VAL F 84 -16.67 -13.23 -5.58
N ILE F 85 -16.94 -14.48 -5.20
CA ILE F 85 -18.06 -14.84 -4.32
C ILE F 85 -17.54 -15.12 -2.91
N LEU F 86 -18.29 -14.71 -1.90
CA LEU F 86 -17.98 -15.06 -0.51
C LEU F 86 -19.09 -15.95 0.04
N MET F 87 -18.81 -17.24 0.14
CA MET F 87 -19.78 -18.22 0.66
C MET F 87 -19.66 -18.28 2.18
N CYS F 88 -20.67 -17.75 2.86
CA CYS F 88 -20.64 -17.61 4.34
C CYS F 88 -21.42 -18.68 5.09
N PHE F 89 -20.79 -19.22 6.15
CA PHE F 89 -21.46 -20.09 7.11
C PHE F 89 -21.08 -19.62 8.51
N SER F 90 -21.95 -19.89 9.47
CA SER F 90 -21.70 -19.50 10.86
C SER F 90 -21.00 -20.65 11.58
N ILE F 91 -19.97 -20.33 12.37
CA ILE F 91 -19.20 -21.34 13.12
C ILE F 91 -20.03 -22.00 14.21
N ASP F 92 -20.96 -21.26 14.78
CA ASP F 92 -21.70 -21.83 15.89
C ASP F 92 -22.87 -22.72 15.43
N SER F 93 -23.02 -22.92 14.11
CA SER F 93 -23.92 -23.98 13.58
C SER F 93 -23.26 -24.90 12.54
N PRO F 94 -23.09 -26.22 12.82
CA PRO F 94 -22.44 -27.04 11.79
C PRO F 94 -23.44 -27.60 10.78
N ASP F 95 -24.72 -27.25 10.96
CA ASP F 95 -25.73 -27.41 9.92
C ASP F 95 -25.53 -26.45 8.74
N SER F 96 -25.24 -25.18 9.06
CA SER F 96 -25.03 -24.16 8.02
C SER F 96 -23.75 -24.34 7.20
N LEU F 97 -22.79 -25.10 7.74
CA LEU F 97 -21.60 -25.50 6.97
C LEU F 97 -21.93 -26.66 6.04
N GLU F 98 -22.63 -27.68 6.54
CA GLU F 98 -22.96 -28.86 5.71
C GLU F 98 -23.97 -28.57 4.59
N ASN F 99 -24.75 -27.50 4.74
CA ASN F 99 -25.64 -27.02 3.67
C ASN F 99 -24.92 -26.46 2.45
N ILE F 100 -23.70 -25.95 2.66
CA ILE F 100 -22.89 -25.32 1.58
C ILE F 100 -22.79 -26.18 0.31
N PRO F 101 -22.35 -27.44 0.42
CA PRO F 101 -22.22 -28.28 -0.78
C PRO F 101 -23.54 -28.60 -1.52
N GLU F 102 -24.65 -28.60 -0.80
CA GLU F 102 -25.96 -28.96 -1.38
C GLU F 102 -26.81 -27.78 -1.84
N LYS F 103 -26.77 -26.66 -1.11
CA LYS F 103 -27.68 -25.52 -1.34
C LYS F 103 -27.05 -24.35 -2.12
N TRP F 104 -25.83 -23.97 -1.75
CA TRP F 104 -25.14 -22.84 -2.37
C TRP F 104 -24.26 -23.23 -3.56
N THR F 105 -23.51 -24.33 -3.45
CA THR F 105 -22.48 -24.69 -4.45
C THR F 105 -23.01 -25.04 -5.86
N PRO F 106 -24.13 -25.81 -5.95
CA PRO F 106 -24.68 -26.16 -7.26
C PRO F 106 -25.09 -24.96 -8.11
N GLU F 107 -25.70 -23.97 -7.47
CA GLU F 107 -26.06 -22.71 -8.14
C GLU F 107 -24.82 -22.09 -8.80
N VAL F 108 -23.76 -21.92 -8.01
CA VAL F 108 -22.50 -21.31 -8.50
C VAL F 108 -21.81 -22.23 -9.51
N LYS F 109 -21.81 -23.54 -9.23
CA LYS F 109 -21.30 -24.55 -10.16
C LYS F 109 -21.76 -24.28 -11.59
N HIS F 110 -23.07 -24.14 -11.77
CA HIS F 110 -23.68 -24.03 -13.11
C HIS F 110 -23.63 -22.64 -13.73
N PHE F 111 -23.98 -21.63 -12.93
CA PHE F 111 -24.18 -20.25 -13.42
C PHE F 111 -22.94 -19.34 -13.34
N CYS F 112 -22.18 -19.45 -12.25
CA CYS F 112 -20.93 -18.70 -12.06
C CYS F 112 -19.72 -19.63 -11.98
N PRO F 113 -19.37 -20.31 -13.08
CA PRO F 113 -18.13 -21.07 -13.08
C PRO F 113 -16.97 -20.13 -13.37
N ASN F 114 -15.77 -20.51 -12.95
CA ASN F 114 -14.57 -19.65 -13.07
C ASN F 114 -14.59 -18.41 -12.17
N VAL F 115 -15.64 -18.23 -11.38
CA VAL F 115 -15.70 -17.12 -10.43
C VAL F 115 -15.12 -17.66 -9.13
N PRO F 116 -13.97 -17.11 -8.68
CA PRO F 116 -13.32 -17.64 -7.49
C PRO F 116 -14.16 -17.47 -6.22
N ILE F 117 -14.05 -18.44 -5.32
CA ILE F 117 -14.88 -18.50 -4.12
C ILE F 117 -14.00 -18.31 -2.89
N ILE F 118 -14.53 -17.65 -1.88
CA ILE F 118 -13.90 -17.57 -0.55
C ILE F 118 -14.88 -18.14 0.45
N LEU F 119 -14.54 -19.27 1.06
CA LEU F 119 -15.36 -19.80 2.14
C LEU F 119 -15.06 -18.97 3.39
N VAL F 120 -16.10 -18.63 4.14
CA VAL F 120 -15.98 -17.71 5.28
C VAL F 120 -16.77 -18.20 6.48
N GLY F 121 -16.06 -18.45 7.57
CA GLY F 121 -16.69 -18.79 8.85
C GLY F 121 -17.07 -17.56 9.65
N ASN F 122 -18.35 -17.19 9.61
CA ASN F 122 -18.86 -16.06 10.39
C ASN F 122 -18.82 -16.31 11.88
N LYS F 123 -18.65 -15.23 12.63
CA LYS F 123 -18.69 -15.23 14.09
C LYS F 123 -17.83 -16.34 14.71
N LYS F 124 -16.51 -16.12 14.66
CA LYS F 124 -15.52 -17.00 15.31
C LYS F 124 -15.38 -16.82 16.82
N ASP F 125 -15.92 -15.72 17.36
CA ASP F 125 -15.89 -15.46 18.81
C ASP F 125 -16.53 -16.62 19.60
N LEU F 126 -17.31 -17.43 18.88
CA LEU F 126 -17.40 -18.88 19.13
C LEU F 126 -16.18 -19.53 18.48
N ARG F 127 -15.57 -20.53 19.11
CA ARG F 127 -16.24 -21.74 19.51
C ARG F 127 -16.39 -22.05 20.99
N ASN F 128 -15.53 -21.51 21.87
CA ASN F 128 -15.30 -22.12 23.20
C ASN F 128 -16.27 -21.66 24.32
N ASP F 129 -17.33 -21.00 23.90
CA ASP F 129 -18.27 -20.30 24.82
C ASP F 129 -19.09 -21.20 25.76
N GLU F 130 -19.40 -20.68 26.95
CA GLU F 130 -20.17 -21.41 27.97
C GLU F 130 -21.65 -21.58 27.56
N HIS F 131 -22.24 -20.57 26.92
CA HIS F 131 -23.66 -20.63 26.50
C HIS F 131 -23.91 -21.52 25.28
N THR F 132 -23.05 -21.38 24.26
CA THR F 132 -23.36 -21.94 22.92
C THR F 132 -22.68 -23.26 22.51
N ARG F 133 -21.60 -23.66 23.17
CA ARG F 133 -21.08 -25.04 23.00
C ARG F 133 -21.92 -26.04 23.82
N ARG F 134 -22.57 -25.51 24.86
CA ARG F 134 -23.48 -26.31 25.70
C ARG F 134 -24.83 -26.48 25.02
N GLU F 135 -25.32 -25.40 24.39
CA GLU F 135 -26.57 -25.47 23.61
C GLU F 135 -26.41 -26.36 22.37
N LEU F 136 -25.21 -26.37 21.79
CA LEU F 136 -24.88 -27.27 20.65
C LEU F 136 -24.85 -28.74 21.03
N ALA F 137 -24.53 -29.05 22.29
CA ALA F 137 -24.56 -30.43 22.79
C ALA F 137 -25.97 -31.04 22.74
N LYS F 138 -26.98 -30.19 22.94
CA LYS F 138 -28.39 -30.61 22.83
C LYS F 138 -28.82 -31.04 21.41
N MET F 139 -27.98 -30.72 20.41
CA MET F 139 -28.13 -31.23 19.04
C MET F 139 -27.26 -32.49 18.76
N LYS F 140 -26.71 -33.08 19.82
CA LYS F 140 -25.65 -34.13 19.74
C LYS F 140 -24.40 -33.63 19.02
N GLN F 141 -24.13 -32.32 19.14
CA GLN F 141 -23.15 -31.64 18.29
C GLN F 141 -22.13 -30.80 19.07
N GLU F 142 -21.16 -30.26 18.32
CA GLU F 142 -20.17 -29.33 18.85
C GLU F 142 -19.83 -28.31 17.76
N PRO F 143 -19.15 -27.19 18.14
CA PRO F 143 -18.76 -26.17 17.16
C PRO F 143 -17.83 -26.65 16.05
N VAL F 144 -17.72 -25.81 15.01
CA VAL F 144 -16.97 -26.14 13.80
C VAL F 144 -15.48 -25.86 13.99
N LYS F 145 -14.64 -26.87 13.73
CA LYS F 145 -13.17 -26.66 13.80
C LYS F 145 -12.65 -26.01 12.50
N PRO F 146 -11.43 -25.40 12.55
CA PRO F 146 -10.75 -24.99 11.32
C PRO F 146 -10.26 -26.21 10.54
N GLU F 147 -10.25 -27.35 11.23
CA GLU F 147 -10.13 -28.67 10.58
C GLU F 147 -11.20 -28.81 9.47
N GLU F 148 -12.46 -28.85 9.90
CA GLU F 148 -13.65 -28.94 9.06
C GLU F 148 -13.89 -27.79 8.05
N GLY F 149 -13.41 -26.60 8.38
CA GLY F 149 -13.49 -25.45 7.48
C GLY F 149 -12.66 -25.61 6.23
N ARG F 150 -11.35 -25.87 6.40
CA ARG F 150 -10.42 -26.06 5.26
C ARG F 150 -10.81 -27.28 4.41
N ASP F 151 -11.33 -28.33 5.05
CA ASP F 151 -11.83 -29.53 4.36
C ASP F 151 -12.94 -29.18 3.36
N MET F 152 -13.89 -28.35 3.80
CA MET F 152 -14.96 -27.86 2.94
C MET F 152 -14.42 -26.96 1.83
N ALA F 153 -13.47 -26.09 2.18
CA ALA F 153 -12.88 -25.13 1.22
C ALA F 153 -12.22 -25.82 0.02
N ASN F 154 -11.43 -26.85 0.29
CA ASN F 154 -10.76 -27.64 -0.76
C ASN F 154 -11.72 -28.56 -1.49
N ARG F 155 -12.83 -28.88 -0.82
CA ARG F 155 -13.93 -29.66 -1.40
C ARG F 155 -14.69 -28.88 -2.49
N ILE F 156 -15.25 -27.72 -2.13
CA ILE F 156 -16.01 -26.88 -3.08
C ILE F 156 -15.15 -26.16 -4.13
N GLY F 157 -13.84 -26.18 -3.95
CA GLY F 157 -12.89 -25.63 -4.92
C GLY F 157 -12.64 -24.16 -4.69
N ALA F 158 -12.52 -23.80 -3.41
CA ALA F 158 -12.35 -22.40 -3.01
C ALA F 158 -10.96 -21.87 -3.36
N PHE F 159 -10.88 -20.56 -3.56
CA PHE F 159 -9.60 -19.88 -3.68
C PHE F 159 -8.92 -19.84 -2.32
N GLY F 160 -9.72 -19.79 -1.27
CA GLY F 160 -9.19 -19.91 0.08
C GLY F 160 -10.24 -19.95 1.17
N TYR F 161 -9.76 -19.94 2.41
CA TYR F 161 -10.59 -19.93 3.61
C TYR F 161 -10.18 -18.76 4.49
N MET F 162 -11.13 -18.26 5.28
CA MET F 162 -10.78 -17.31 6.36
C MET F 162 -11.93 -17.08 7.34
N GLU F 163 -11.70 -17.46 8.59
CA GLU F 163 -12.65 -17.23 9.67
C GLU F 163 -12.59 -15.78 10.12
N CYS F 164 -13.68 -15.30 10.70
CA CYS F 164 -13.79 -13.92 11.15
C CYS F 164 -14.97 -13.70 12.10
N SER F 165 -14.77 -12.80 13.07
CA SER F 165 -15.82 -12.41 14.00
C SER F 165 -16.40 -11.05 13.64
N ALA F 166 -17.71 -11.00 13.44
CA ALA F 166 -18.40 -9.74 13.18
C ALA F 166 -18.31 -8.83 14.41
N LYS F 167 -18.65 -9.38 15.58
CA LYS F 167 -18.77 -8.60 16.81
C LYS F 167 -17.44 -8.12 17.43
N THR F 168 -16.41 -8.96 17.38
CA THR F 168 -15.09 -8.64 17.98
C THR F 168 -14.04 -8.10 16.99
N LYS F 169 -14.46 -7.84 15.76
CA LYS F 169 -13.60 -7.25 14.70
C LYS F 169 -12.37 -8.08 14.30
N ASP F 170 -12.36 -9.36 14.69
CA ASP F 170 -11.20 -10.23 14.47
C ASP F 170 -11.28 -10.88 13.08
N GLY F 171 -10.23 -10.68 12.28
CA GLY F 171 -10.14 -11.27 10.94
C GLY F 171 -11.07 -10.71 9.89
N VAL F 172 -11.68 -9.54 10.15
CA VAL F 172 -12.69 -8.97 9.25
C VAL F 172 -12.04 -8.32 8.02
N ARG F 173 -11.00 -7.52 8.24
CA ARG F 173 -10.28 -6.90 7.11
C ARG F 173 -9.50 -7.95 6.32
N GLU F 174 -9.11 -9.03 7.00
CA GLU F 174 -8.40 -10.14 6.37
C GLU F 174 -9.24 -10.91 5.33
N VAL F 175 -10.56 -10.81 5.42
CA VAL F 175 -11.47 -11.38 4.40
C VAL F 175 -11.49 -10.49 3.15
N PHE F 176 -11.64 -9.19 3.35
CA PHE F 176 -11.67 -8.23 2.23
C PHE F 176 -10.30 -8.04 1.60
N GLU F 177 -9.24 -8.26 2.37
CA GLU F 177 -7.90 -8.43 1.81
C GLU F 177 -7.91 -9.62 0.85
N MET F 178 -8.31 -10.78 1.37
CA MET F 178 -8.32 -12.06 0.63
C MET F 178 -9.22 -12.03 -0.60
N ALA F 179 -10.39 -11.42 -0.44
CA ALA F 179 -11.34 -11.28 -1.54
C ALA F 179 -10.73 -10.50 -2.71
N THR F 180 -10.04 -9.40 -2.38
CA THR F 180 -9.42 -8.54 -3.40
C THR F 180 -8.27 -9.23 -4.12
N ARG F 181 -7.45 -9.96 -3.37
CA ARG F 181 -6.36 -10.76 -3.95
C ARG F 181 -6.90 -11.82 -4.92
N ALA F 182 -8.01 -12.45 -4.53
CA ALA F 182 -8.71 -13.45 -5.36
C ALA F 182 -9.26 -12.82 -6.65
N ALA F 183 -9.77 -11.59 -6.54
CA ALA F 183 -10.35 -10.87 -7.67
C ALA F 183 -9.31 -10.54 -8.74
N LEU F 184 -8.16 -10.03 -8.31
CA LEU F 184 -7.13 -9.58 -9.26
C LEU F 184 -6.51 -10.74 -10.05
N GLN F 185 -6.15 -11.82 -9.36
CA GLN F 185 -5.50 -13.01 -9.98
C GLN F 185 -6.35 -13.72 -11.03
N ALA F 186 -7.65 -13.62 -10.82
CA ALA F 186 -8.65 -14.25 -11.67
C ALA F 186 -9.02 -13.39 -12.90
N ARG F 187 -8.24 -12.32 -13.13
CA ARG F 187 -8.36 -11.46 -14.32
C ARG F 187 -7.09 -11.18 -15.14
N ARG F 188 -5.96 -10.98 -14.46
CA ARG F 188 -4.70 -10.66 -15.09
C ARG F 188 -3.59 -11.32 -14.26
N GLY F 189 -3.22 -12.58 -14.52
CA GLY F 189 -3.66 -13.39 -15.66
C GLY F 189 -4.54 -14.57 -15.24
N LYS F 190 -5.63 -14.80 -15.98
CA LYS F 190 -6.44 -16.02 -15.85
C LYS F 190 -7.09 -16.39 -17.19
N LYS F 191 -6.30 -16.71 -18.22
CA LYS F 191 -4.84 -16.96 -18.12
C LYS F 191 -4.05 -16.44 -19.36
N LYS F 192 -2.74 -16.26 -19.19
CA LYS F 192 -1.80 -15.77 -20.23
C LYS F 192 -1.78 -14.25 -20.49
N SER F 193 -2.60 -13.50 -19.77
CA SER F 193 -2.65 -12.04 -19.93
C SER F 193 -1.43 -11.37 -19.28
N GLY F 194 -0.33 -11.37 -20.02
CA GLY F 194 0.97 -10.92 -19.49
C GLY F 194 1.94 -10.51 -20.61
N CYS F 195 2.47 -9.29 -20.54
CA CYS F 195 3.41 -8.77 -21.57
C CYS F 195 4.86 -9.11 -21.27
N LEU F 196 5.72 -9.18 -22.30
CA LEU F 196 6.46 -7.99 -22.74
C LEU F 196 5.86 -7.42 -24.02
N ALA G 8 6.56 0.23 10.39
CA ALA G 8 7.96 0.04 10.90
C ALA G 8 8.28 -1.40 11.38
N ILE G 9 7.88 -2.41 10.60
CA ILE G 9 8.13 -3.82 10.95
C ILE G 9 9.30 -4.41 10.15
N ARG G 10 10.21 -5.08 10.87
CA ARG G 10 11.40 -5.73 10.29
C ARG G 10 11.29 -7.26 10.41
N LYS G 11 11.33 -7.96 9.27
CA LYS G 11 11.21 -9.42 9.23
C LYS G 11 12.28 -10.10 8.35
N LYS G 12 12.71 -11.31 8.77
CA LYS G 12 13.85 -12.01 8.19
C LYS G 12 13.45 -13.20 7.32
N LEU G 13 14.04 -13.29 6.13
CA LEU G 13 13.70 -14.26 5.09
C LEU G 13 14.82 -15.27 4.78
N VAL G 14 14.45 -16.48 4.37
CA VAL G 14 15.42 -17.55 4.06
C VAL G 14 15.07 -18.30 2.76
N ILE G 15 15.87 -18.10 1.71
CA ILE G 15 15.69 -18.81 0.43
C ILE G 15 16.62 -20.05 0.46
N VAL G 16 16.43 -21.04 -0.43
CA VAL G 16 17.27 -22.28 -0.51
C VAL G 16 17.43 -22.91 -1.93
N GLY G 17 18.66 -23.30 -2.27
CA GLY G 17 19.01 -23.84 -3.60
C GLY G 17 20.50 -23.77 -3.89
N GLU G 45 18.43 -3.58 -1.57
CA GLU G 45 19.50 -4.36 -2.18
C GLU G 45 20.59 -3.39 -2.67
N ASN G 46 21.72 -3.29 -1.96
CA ASN G 46 22.08 -4.09 -0.80
C ASN G 46 21.85 -3.38 0.55
N TYR G 47 20.60 -2.99 0.84
CA TYR G 47 20.26 -2.35 2.12
C TYR G 47 19.15 -2.93 3.07
N VAL G 48 18.26 -3.86 2.68
CA VAL G 48 18.24 -4.54 1.40
C VAL G 48 16.81 -4.86 1.06
N ALA G 49 16.24 -4.11 0.12
CA ALA G 49 14.88 -4.35 -0.37
C ALA G 49 13.84 -3.88 0.62
N ASP G 50 12.62 -3.74 0.10
CA ASP G 50 11.53 -3.18 0.89
C ASP G 50 10.21 -3.25 0.13
N ILE G 51 9.10 -3.36 0.88
CA ILE G 51 7.76 -3.58 0.29
C ILE G 51 6.75 -2.76 1.14
N GLU G 52 5.51 -2.59 0.67
CA GLU G 52 4.47 -1.95 1.50
C GLU G 52 3.08 -2.65 1.40
N VAL G 53 2.37 -2.68 2.53
CA VAL G 53 0.98 -3.23 2.60
C VAL G 53 0.08 -2.31 3.45
N ASP G 54 -0.92 -1.70 2.77
CA ASP G 54 -1.87 -0.72 3.34
C ASP G 54 -1.25 0.44 4.17
N GLY G 55 -0.39 1.24 3.53
CA GLY G 55 0.13 2.50 4.11
C GLY G 55 1.36 2.43 5.01
N LYS G 56 2.07 1.30 4.95
CA LYS G 56 2.96 0.85 6.04
C LYS G 56 4.28 0.20 5.59
N GLN G 57 5.35 0.51 6.31
CA GLN G 57 6.71 0.10 5.91
C GLN G 57 7.06 -1.29 6.45
N VAL G 58 7.39 -2.21 5.55
CA VAL G 58 7.85 -3.56 5.95
C VAL G 58 9.18 -3.87 5.26
N GLU G 59 10.21 -4.10 6.06
CA GLU G 59 11.56 -4.38 5.57
C GLU G 59 11.92 -5.87 5.71
N LEU G 60 12.57 -6.43 4.69
CA LEU G 60 12.94 -7.85 4.65
C LEU G 60 14.46 -8.07 4.46
N ALA G 61 15.15 -8.53 5.50
CA ALA G 61 16.55 -8.95 5.38
C ALA G 61 16.64 -10.44 4.95
N LEU G 62 17.67 -10.81 4.19
CA LEU G 62 17.77 -12.16 3.57
C LEU G 62 18.98 -13.09 3.85
N TRP G 63 18.90 -14.33 3.35
CA TRP G 63 20.03 -15.28 3.29
C TRP G 63 20.01 -16.25 2.10
N ASP G 70 33.88 -14.37 14.11
CA ASP G 70 34.16 -15.80 14.00
C ASP G 70 33.55 -16.67 15.15
N TYR G 71 33.33 -16.13 16.36
CA TYR G 71 32.52 -16.82 17.42
C TYR G 71 31.04 -16.95 17.08
N ASP G 72 30.55 -18.19 17.01
CA ASP G 72 29.15 -18.45 16.71
C ASP G 72 28.26 -18.11 17.90
N ARG G 73 27.17 -17.40 17.63
CA ARG G 73 26.14 -17.11 18.64
C ARG G 73 24.88 -17.92 18.33
N LEU G 74 24.40 -18.66 19.33
CA LEU G 74 23.38 -19.69 19.09
C LEU G 74 22.03 -19.32 19.66
N ARG G 75 21.00 -19.59 18.86
CA ARG G 75 19.62 -19.25 19.19
C ARG G 75 18.87 -20.51 19.55
N PRO G 76 18.01 -20.43 20.57
CA PRO G 76 17.26 -21.62 20.96
C PRO G 76 16.23 -21.94 19.90
N LEU G 77 15.60 -23.10 20.01
CA LEU G 77 14.45 -23.41 19.18
C LEU G 77 13.37 -22.57 19.81
N SER G 78 12.37 -22.15 19.04
CA SER G 78 11.21 -21.48 19.63
C SER G 78 11.49 -20.03 19.97
N TYR G 79 12.63 -19.49 19.55
CA TYR G 79 12.79 -18.03 19.43
C TYR G 79 13.80 -17.83 18.29
N PRO G 80 13.44 -18.23 17.05
CA PRO G 80 14.42 -18.17 15.96
C PRO G 80 14.45 -16.84 15.22
N ASP G 81 15.63 -16.48 14.76
CA ASP G 81 15.82 -15.28 13.96
C ASP G 81 15.53 -15.71 12.54
N THR G 82 14.29 -16.07 12.30
CA THR G 82 13.79 -16.46 10.98
C THR G 82 12.28 -16.37 11.05
N ASP G 83 11.71 -15.68 10.08
CA ASP G 83 10.28 -15.46 10.09
C ASP G 83 9.56 -16.22 8.96
N VAL G 84 10.30 -16.64 7.93
CA VAL G 84 9.72 -17.40 6.82
C VAL G 84 10.77 -17.98 5.86
N ILE G 85 10.60 -19.26 5.50
CA ILE G 85 11.52 -19.99 4.59
C ILE G 85 10.90 -20.10 3.20
N LEU G 86 11.72 -19.96 2.17
CA LEU G 86 11.28 -20.18 0.78
C LEU G 86 12.02 -21.40 0.24
N MET G 87 11.32 -22.52 0.17
CA MET G 87 11.88 -23.76 -0.37
C MET G 87 11.71 -23.78 -1.89
N CYS G 88 12.82 -23.60 -2.60
CA CYS G 88 12.79 -23.48 -4.07
C CYS G 88 13.15 -24.76 -4.84
N PHE G 89 12.37 -25.06 -5.87
CA PHE G 89 12.67 -26.12 -6.83
C PHE G 89 12.43 -25.56 -8.22
N SER G 90 13.13 -26.10 -9.21
CA SER G 90 12.97 -25.65 -10.58
C SER G 90 11.92 -26.52 -11.26
N ILE G 91 11.04 -25.89 -12.05
CA ILE G 91 9.99 -26.61 -12.79
C ILE G 91 10.55 -27.52 -13.89
N ASP G 92 11.70 -27.16 -14.44
CA ASP G 92 12.38 -27.97 -15.46
C ASP G 92 13.07 -29.24 -14.93
N SER G 93 13.10 -29.43 -13.62
CA SER G 93 13.64 -30.66 -13.03
C SER G 93 12.70 -31.21 -11.96
N PRO G 94 11.97 -32.29 -12.29
CA PRO G 94 11.15 -32.91 -11.26
C PRO G 94 11.98 -33.74 -10.27
N ASP G 95 13.27 -33.93 -10.57
CA ASP G 95 14.20 -34.48 -9.59
C ASP G 95 14.34 -33.49 -8.42
N SER G 96 14.50 -32.22 -8.75
CA SER G 96 14.67 -31.15 -7.74
C SER G 96 13.42 -30.89 -6.90
N LEU G 97 12.25 -31.28 -7.40
CA LEU G 97 11.03 -31.28 -6.60
C LEU G 97 10.99 -32.47 -5.65
N GLU G 98 11.28 -33.67 -6.15
CA GLU G 98 11.21 -34.89 -5.31
C GLU G 98 12.29 -34.93 -4.22
N ASN G 99 13.37 -34.18 -4.41
CA ASN G 99 14.40 -34.03 -3.38
C ASN G 99 13.93 -33.25 -2.14
N ILE G 100 12.96 -32.36 -2.34
CA ILE G 100 12.44 -31.50 -1.26
C ILE G 100 12.10 -32.27 0.03
N PRO G 101 11.26 -33.32 -0.05
CA PRO G 101 10.89 -34.05 1.17
C PRO G 101 12.04 -34.77 1.89
N GLU G 102 13.08 -35.15 1.14
CA GLU G 102 14.20 -35.92 1.69
C GLU G 102 15.41 -35.09 2.13
N LYS G 103 15.71 -34.03 1.38
CA LYS G 103 16.96 -33.24 1.58
C LYS G 103 16.77 -31.93 2.35
N TRP G 104 15.74 -31.16 2.01
CA TRP G 104 15.49 -29.87 2.62
C TRP G 104 14.56 -29.93 3.84
N THR G 105 13.48 -30.72 3.76
CA THR G 105 12.41 -30.72 4.79
C THR G 105 12.81 -31.23 6.18
N PRO G 106 13.61 -32.31 6.27
CA PRO G 106 14.05 -32.83 7.58
C PRO G 106 14.85 -31.81 8.41
N GLU G 107 15.74 -31.08 7.74
CA GLU G 107 16.52 -30.00 8.39
C GLU G 107 15.58 -29.02 9.07
N VAL G 108 14.62 -28.53 8.30
CA VAL G 108 13.65 -27.52 8.79
C VAL G 108 12.72 -28.14 9.82
N LYS G 109 12.28 -29.37 9.56
CA LYS G 109 11.47 -30.14 10.51
C LYS G 109 12.02 -30.04 11.93
N HIS G 110 13.31 -30.34 12.10
CA HIS G 110 13.93 -30.43 13.43
C HIS G 110 14.35 -29.09 14.02
N PHE G 111 15.00 -28.27 13.20
CA PHE G 111 15.67 -27.04 13.67
C PHE G 111 14.81 -25.76 13.58
N CYS G 112 14.03 -25.64 12.50
CA CYS G 112 13.11 -24.51 12.33
C CYS G 112 11.65 -24.98 12.28
N PRO G 113 11.12 -25.48 13.41
CA PRO G 113 9.70 -25.79 13.46
C PRO G 113 8.92 -24.51 13.75
N ASN G 114 7.66 -24.48 13.36
CA ASN G 114 6.81 -23.28 13.48
C ASN G 114 7.22 -22.12 12.57
N VAL G 115 8.25 -22.31 11.75
CA VAL G 115 8.65 -21.30 10.78
C VAL G 115 7.90 -21.63 9.50
N PRO G 116 7.00 -20.72 9.08
CA PRO G 116 6.20 -21.02 7.90
C PRO G 116 7.01 -21.13 6.60
N ILE G 117 6.56 -22.01 5.73
CA ILE G 117 7.29 -22.35 4.51
C ILE G 117 6.49 -21.89 3.31
N ILE G 118 7.19 -21.46 2.27
CA ILE G 118 6.60 -21.20 0.96
C ILE G 118 7.31 -22.08 -0.06
N LEU G 119 6.59 -23.03 -0.65
CA LEU G 119 7.16 -23.80 -1.75
C LEU G 119 7.10 -22.94 -2.99
N VAL G 120 8.18 -22.97 -3.78
CA VAL G 120 8.34 -22.06 -4.93
C VAL G 120 8.90 -22.77 -6.14
N GLY G 121 8.12 -22.78 -7.22
CA GLY G 121 8.55 -23.33 -8.50
C GLY G 121 9.30 -22.31 -9.33
N ASN G 122 10.62 -22.39 -9.32
CA ASN G 122 11.45 -21.48 -10.13
C ASN G 122 11.27 -21.73 -11.63
N LYS G 123 11.46 -20.66 -12.39
CA LYS G 123 11.48 -20.71 -13.85
C LYS G 123 10.27 -21.48 -14.43
N LYS G 124 9.10 -20.84 -14.35
CA LYS G 124 7.83 -21.31 -14.93
C LYS G 124 7.72 -21.13 -16.47
N ASP G 125 8.58 -20.29 -17.02
CA ASP G 125 8.61 -20.05 -18.49
C ASP G 125 8.95 -21.28 -19.33
N LEU G 126 9.71 -22.22 -18.76
CA LEU G 126 10.31 -23.35 -19.50
C LEU G 126 9.45 -24.62 -19.58
N ARG G 127 8.15 -24.49 -19.38
CA ARG G 127 7.26 -25.63 -19.22
C ARG G 127 6.93 -26.29 -20.57
N ASN G 128 6.00 -25.70 -21.31
CA ASN G 128 5.78 -26.04 -22.74
C ASN G 128 6.81 -25.33 -23.61
N ASP G 129 8.02 -25.91 -23.66
CA ASP G 129 9.10 -25.42 -24.49
C ASP G 129 9.56 -26.55 -25.42
N GLU G 130 10.01 -26.15 -26.62
CA GLU G 130 10.46 -27.10 -27.65
C GLU G 130 11.77 -27.79 -27.23
N HIS G 131 12.68 -27.04 -26.62
CA HIS G 131 13.99 -27.57 -26.25
C HIS G 131 13.96 -28.47 -25.02
N THR G 132 13.23 -28.05 -23.99
CA THR G 132 13.37 -28.66 -22.65
C THR G 132 12.29 -29.66 -22.22
N ARG G 133 11.14 -29.66 -22.87
CA ARG G 133 10.15 -30.75 -22.70
C ARG G 133 10.59 -32.00 -23.49
N ARG G 134 11.35 -31.76 -24.54
CA ARG G 134 11.90 -32.83 -25.37
C ARG G 134 13.18 -33.44 -24.73
N GLU G 135 14.01 -32.60 -24.12
CA GLU G 135 15.18 -33.08 -23.36
C GLU G 135 14.78 -33.85 -22.09
N LEU G 136 13.65 -33.45 -21.50
CA LEU G 136 13.08 -34.15 -20.34
C LEU G 136 12.54 -35.55 -20.67
N ALA G 137 12.09 -35.73 -21.92
CA ALA G 137 11.64 -37.05 -22.39
C ALA G 137 12.76 -38.10 -22.36
N LYS G 138 13.99 -37.66 -22.61
CA LYS G 138 15.18 -38.53 -22.53
C LYS G 138 15.47 -39.06 -21.11
N MET G 139 14.83 -38.47 -20.11
CA MET G 139 14.84 -39.00 -18.72
C MET G 139 13.60 -39.86 -18.39
N LYS G 140 12.85 -40.25 -19.44
CA LYS G 140 11.52 -40.88 -19.30
C LYS G 140 10.52 -39.96 -18.56
N GLN G 141 10.72 -38.66 -18.70
CA GLN G 141 10.06 -37.67 -17.84
C GLN G 141 9.36 -36.55 -18.62
N GLU G 142 8.67 -35.71 -17.86
CA GLU G 142 8.02 -34.50 -18.38
C GLU G 142 8.08 -33.39 -17.31
N PRO G 143 7.80 -32.12 -17.69
CA PRO G 143 7.81 -31.02 -16.72
C PRO G 143 6.81 -31.15 -15.58
N VAL G 144 7.01 -30.33 -14.56
CA VAL G 144 6.24 -30.38 -13.32
C VAL G 144 4.91 -29.63 -13.48
N LYS G 145 3.79 -30.29 -13.18
CA LYS G 145 2.47 -29.61 -13.20
C LYS G 145 2.20 -28.83 -11.90
N PRO G 146 1.24 -27.89 -11.93
CA PRO G 146 0.82 -27.23 -10.69
C PRO G 146 0.01 -28.09 -9.72
N GLU G 147 -0.46 -29.23 -10.19
CA GLU G 147 -1.03 -30.22 -9.29
C GLU G 147 0.07 -30.85 -8.44
N GLU G 148 1.13 -31.30 -9.10
CA GLU G 148 2.30 -31.88 -8.42
C GLU G 148 2.95 -30.88 -7.45
N GLY G 149 2.89 -29.60 -7.80
CA GLY G 149 3.39 -28.53 -6.93
C GLY G 149 2.57 -28.40 -5.65
N ARG G 150 1.28 -28.21 -5.79
CA ARG G 150 0.34 -28.10 -4.66
C ARG G 150 0.33 -29.36 -3.77
N ASP G 151 0.45 -30.52 -4.41
CA ASP G 151 0.52 -31.81 -3.70
C ASP G 151 1.72 -31.85 -2.75
N MET G 152 2.87 -31.39 -3.23
CA MET G 152 4.07 -31.28 -2.40
C MET G 152 3.89 -30.23 -1.29
N ALA G 153 3.28 -29.10 -1.63
CA ALA G 153 3.08 -28.00 -0.68
C ALA G 153 2.26 -28.43 0.56
N ASN G 154 1.17 -29.15 0.32
CA ASN G 154 0.30 -29.65 1.41
C ASN G 154 0.90 -30.83 2.13
N ARG G 155 1.82 -31.50 1.44
CA ARG G 155 2.62 -32.59 2.00
C ARG G 155 3.63 -32.09 3.06
N ILE G 156 4.52 -31.19 2.67
CA ILE G 156 5.55 -30.65 3.60
C ILE G 156 5.00 -29.68 4.64
N GLY G 157 3.75 -29.28 4.49
CA GLY G 157 3.07 -28.42 5.47
C GLY G 157 3.30 -26.95 5.21
N ALA G 158 3.29 -26.57 3.94
CA ALA G 158 3.58 -25.21 3.51
C ALA G 158 2.46 -24.26 3.89
N PHE G 159 2.83 -22.99 4.05
CA PHE G 159 1.85 -21.91 4.19
C PHE G 159 1.19 -21.66 2.85
N GLY G 160 1.93 -21.89 1.78
CA GLY G 160 1.34 -21.84 0.45
C GLY G 160 2.30 -22.21 -0.66
N TYR G 161 1.82 -22.05 -1.88
CA TYR G 161 2.58 -22.35 -3.10
C TYR G 161 2.55 -21.12 -4.00
N MET G 162 3.59 -20.96 -4.81
CA MET G 162 3.58 -19.98 -5.90
C MET G 162 4.69 -20.22 -6.90
N GLU G 163 4.30 -20.49 -8.14
CA GLU G 163 5.25 -20.56 -9.25
C GLU G 163 5.65 -19.16 -9.71
N CYS G 164 6.82 -19.08 -10.33
CA CYS G 164 7.36 -17.80 -10.80
C CYS G 164 8.50 -18.00 -11.78
N SER G 165 8.58 -17.09 -12.75
CA SER G 165 9.69 -17.08 -13.72
C SER G 165 10.68 -15.98 -13.41
N ALA G 166 11.94 -16.37 -13.24
CA ALA G 166 13.01 -15.40 -13.02
C ALA G 166 13.19 -14.51 -14.25
N LYS G 167 13.29 -15.16 -15.41
CA LYS G 167 13.63 -14.47 -16.67
C LYS G 167 12.52 -13.59 -17.27
N THR G 168 11.27 -14.04 -17.18
CA THR G 168 10.13 -13.31 -17.75
C THR G 168 9.35 -12.44 -16.74
N LYS G 169 9.86 -12.33 -15.52
CA LYS G 169 9.28 -11.47 -14.45
C LYS G 169 7.86 -11.86 -14.02
N ASP G 170 7.40 -13.05 -14.38
CA ASP G 170 6.03 -13.51 -14.11
C ASP G 170 5.92 -14.14 -12.73
N GLY G 171 5.02 -13.60 -11.90
CA GLY G 171 4.78 -14.12 -10.56
C GLY G 171 5.88 -13.87 -9.54
N VAL G 172 6.82 -12.98 -9.84
CA VAL G 172 7.99 -12.76 -8.97
C VAL G 172 7.63 -11.93 -7.74
N ARG G 173 6.89 -10.84 -7.95
CA ARG G 173 6.46 -10.01 -6.83
C ARG G 173 5.40 -10.74 -6.00
N GLU G 174 4.66 -11.63 -6.65
CA GLU G 174 3.64 -12.45 -5.98
C GLU G 174 4.22 -13.43 -4.94
N VAL G 175 5.50 -13.77 -5.07
CA VAL G 175 6.20 -14.58 -4.05
C VAL G 175 6.55 -13.76 -2.82
N PHE G 176 7.10 -12.57 -3.05
CA PHE G 176 7.48 -11.66 -1.96
C PHE G 176 6.26 -11.02 -1.29
N GLU G 177 5.17 -10.90 -2.04
CA GLU G 177 3.85 -10.61 -1.44
C GLU G 177 3.50 -11.73 -0.46
N MET G 178 3.50 -12.96 -0.97
CA MET G 178 3.10 -14.16 -0.20
C MET G 178 3.99 -14.43 1.01
N ALA G 179 5.29 -14.23 0.82
CA ALA G 179 6.27 -14.41 1.89
C ALA G 179 6.00 -13.46 3.05
N THR G 180 5.70 -12.20 2.72
CA THR G 180 5.41 -11.17 3.74
C THR G 180 4.10 -11.45 4.50
N ARG G 181 3.08 -11.87 3.77
CA ARG G 181 1.80 -12.25 4.42
C ARG G 181 1.98 -13.42 5.38
N ALA G 182 2.82 -14.38 4.96
CA ALA G 182 3.18 -15.54 5.80
C ALA G 182 3.93 -15.12 7.05
N ALA G 183 4.81 -14.14 6.91
CA ALA G 183 5.62 -13.63 8.02
C ALA G 183 4.78 -12.96 9.11
N LEU G 184 3.84 -12.11 8.71
CA LEU G 184 3.06 -11.32 9.67
C LEU G 184 2.12 -12.19 10.48
N GLN G 185 1.39 -13.09 9.81
CA GLN G 185 0.40 -13.93 10.47
C GLN G 185 0.98 -14.94 11.46
N ALA G 186 2.24 -15.28 11.24
CA ALA G 186 3.01 -16.20 12.08
C ALA G 186 3.70 -15.49 13.27
N ARG G 187 3.32 -14.24 13.53
CA ARG G 187 3.57 -13.65 14.84
C ARG G 187 2.55 -14.32 15.72
N ARG G 188 1.42 -14.68 15.11
CA ARG G 188 0.58 -15.79 15.60
C ARG G 188 0.97 -17.12 14.91
N GLY G 189 2.13 -17.69 15.30
CA GLY G 189 2.57 -19.03 14.85
C GLY G 189 2.10 -20.09 15.86
N LYS G 190 2.02 -19.68 17.12
CA LYS G 190 1.33 -20.44 18.16
C LYS G 190 0.79 -19.46 19.22
N LYS G 191 0.00 -18.47 18.76
CA LYS G 191 -0.56 -17.42 19.63
C LYS G 191 -1.88 -16.83 19.10
N LYS G 192 -2.61 -16.13 19.98
CA LYS G 192 -3.82 -15.40 19.58
C LYS G 192 -3.53 -13.91 19.70
N SER G 193 -2.85 -13.38 18.69
CA SER G 193 -2.37 -12.01 18.71
C SER G 193 -3.49 -11.01 18.42
N GLY G 194 -4.29 -10.71 19.45
CA GLY G 194 -5.53 -9.94 19.28
C GLY G 194 -6.01 -9.32 20.59
N CYS G 195 -6.22 -8.00 20.59
CA CYS G 195 -6.58 -7.22 21.79
C CYS G 195 -7.94 -6.59 21.91
N LEU G 196 -8.29 -6.25 23.15
CA LEU G 196 -9.19 -5.11 23.44
C LEU G 196 -8.42 -3.99 24.13
N ALA H 8 33.12 -4.44 -9.07
CA ALA H 8 34.25 -4.30 -8.10
C ALA H 8 34.97 -2.96 -8.28
N ILE H 9 35.17 -2.25 -7.17
CA ILE H 9 35.77 -0.92 -7.17
C ILE H 9 36.96 -0.92 -6.23
N ARG H 10 38.13 -0.52 -6.74
CA ARG H 10 39.35 -0.52 -5.93
C ARG H 10 39.60 0.89 -5.40
N LYS H 11 39.72 0.99 -4.08
CA LYS H 11 40.12 2.23 -3.40
C LYS H 11 41.32 1.97 -2.49
N LYS H 12 42.25 2.91 -2.43
CA LYS H 12 43.47 2.76 -1.62
C LYS H 12 43.42 3.57 -0.33
N LEU H 13 44.02 3.01 0.74
CA LEU H 13 43.99 3.60 2.08
C LEU H 13 45.41 3.67 2.70
N VAL H 14 45.96 4.88 2.74
CA VAL H 14 47.20 5.14 3.46
C VAL H 14 46.82 5.22 4.94
N ILE H 15 47.77 5.01 5.84
CA ILE H 15 47.51 5.15 7.27
C ILE H 15 48.79 5.61 7.97
N VAL H 16 48.67 6.52 8.94
CA VAL H 16 49.82 7.24 9.50
C VAL H 16 49.64 7.68 10.96
N GLY H 17 50.72 7.63 11.74
CA GLY H 17 50.66 7.90 13.19
C GLY H 17 52.00 7.64 13.88
N ASP H 18 52.11 8.07 15.14
CA ASP H 18 53.42 8.15 15.85
C ASP H 18 54.22 6.84 15.97
N GLY H 19 53.71 5.88 16.75
CA GLY H 19 54.37 4.58 16.96
C GLY H 19 53.50 3.44 16.46
N ALA H 20 54.07 2.58 15.62
CA ALA H 20 53.31 1.60 14.81
C ALA H 20 53.02 0.25 15.48
N CYS H 21 53.12 0.18 16.81
CA CYS H 21 52.47 -0.90 17.55
C CYS H 21 51.04 -0.49 17.90
N GLY H 22 50.74 0.80 17.73
CA GLY H 22 49.35 1.28 17.80
C GLY H 22 48.55 1.13 16.50
N LYS H 23 49.25 1.19 15.35
CA LYS H 23 48.59 1.26 14.04
C LYS H 23 48.55 -0.14 13.44
N THR H 24 49.72 -0.77 13.33
CA THR H 24 49.80 -2.14 12.79
C THR H 24 48.88 -3.09 13.57
N CYS H 25 48.61 -2.73 14.83
CA CYS H 25 47.55 -3.37 15.62
C CYS H 25 46.14 -3.16 14.96
N LEU H 26 45.96 -2.07 14.22
CA LEU H 26 44.63 -1.73 13.67
C LEU H 26 44.30 -2.50 12.39
N LEU H 27 45.30 -2.79 11.57
CA LEU H 27 45.07 -3.46 10.27
C LEU H 27 45.34 -4.98 10.27
N ILE H 28 46.14 -5.48 11.20
CA ILE H 28 46.35 -6.94 11.29
C ILE H 28 45.14 -7.64 11.94
N VAL H 29 44.41 -6.92 12.79
CA VAL H 29 43.15 -7.46 13.34
C VAL H 29 42.06 -7.74 12.28
N PHE H 30 42.15 -7.08 11.13
CA PHE H 30 41.36 -7.45 9.97
C PHE H 30 42.13 -8.44 9.09
N SER H 31 42.44 -9.62 9.65
CA SER H 31 43.07 -10.70 8.85
C SER H 31 42.00 -11.51 8.11
N LYS H 32 41.42 -10.87 7.09
CA LYS H 32 40.34 -11.46 6.26
C LYS H 32 40.59 -11.16 4.78
N GLU H 45 53.07 -3.11 5.78
CA GLU H 45 52.85 -2.45 4.49
C GLU H 45 51.65 -3.10 3.70
N ASN H 46 51.83 -3.59 2.46
CA ASN H 46 50.64 -3.83 1.59
C ASN H 46 49.79 -5.07 1.88
N TYR H 47 48.58 -4.87 2.39
CA TYR H 47 47.61 -5.94 2.70
C TYR H 47 46.27 -5.47 2.09
N VAL H 48 45.45 -6.39 1.58
CA VAL H 48 44.17 -6.02 0.90
C VAL H 48 42.96 -6.87 1.40
N ALA H 49 42.25 -6.32 2.39
CA ALA H 49 41.03 -6.88 3.00
C ALA H 49 39.83 -6.54 2.12
N ASP H 50 38.62 -6.87 2.57
CA ASP H 50 37.40 -6.75 1.76
C ASP H 50 36.16 -6.59 2.66
N ILE H 51 34.96 -6.88 2.14
CA ILE H 51 33.71 -6.72 2.90
C ILE H 51 32.83 -7.89 3.44
N GLU H 52 32.87 -9.17 3.01
CA GLU H 52 33.96 -9.93 2.37
C GLU H 52 33.42 -11.16 1.58
N VAL H 53 32.66 -10.97 0.49
CA VAL H 53 32.30 -9.69 -0.11
C VAL H 53 30.77 -9.51 -0.06
N ASP H 54 30.27 -8.63 0.81
CA ASP H 54 28.77 -8.41 0.93
C ASP H 54 28.22 -7.00 0.61
N GLY H 55 27.41 -6.84 -0.44
CA GLY H 55 27.38 -7.67 -1.65
C GLY H 55 27.51 -6.89 -2.95
N LYS H 56 27.71 -5.57 -2.88
CA LYS H 56 28.38 -4.85 -3.95
C LYS H 56 29.81 -4.85 -3.44
N GLN H 57 30.74 -5.31 -4.28
CA GLN H 57 32.10 -5.66 -3.84
C GLN H 57 33.01 -4.44 -3.86
N VAL H 58 33.60 -4.11 -2.72
CA VAL H 58 34.57 -3.02 -2.62
C VAL H 58 35.86 -3.56 -1.96
N GLU H 59 36.96 -3.48 -2.71
CA GLU H 59 38.27 -4.00 -2.28
C GLU H 59 39.23 -2.84 -1.90
N LEU H 60 39.95 -3.01 -0.80
CA LEU H 60 40.83 -1.97 -0.26
C LEU H 60 42.30 -2.39 -0.13
N ALA H 61 43.20 -1.83 -0.93
CA ALA H 61 44.65 -2.02 -0.76
C ALA H 61 45.23 -1.00 0.26
N LEU H 62 46.22 -1.41 1.07
CA LEU H 62 46.67 -0.64 2.29
C LEU H 62 48.16 -0.20 2.38
N TRP H 63 48.49 0.52 3.45
CA TRP H 63 49.90 0.91 3.78
C TRP H 63 50.29 0.84 5.27
N ASP H 70 64.25 -1.32 -7.03
CA ASP H 70 65.13 -0.21 -6.65
C ASP H 70 64.61 1.17 -7.11
N TYR H 71 64.23 1.31 -8.37
CA TYR H 71 63.85 2.63 -8.96
C TYR H 71 62.49 3.19 -8.55
N ASP H 72 62.50 4.37 -7.93
CA ASP H 72 61.24 4.99 -7.49
C ASP H 72 60.46 5.54 -8.68
N ARG H 73 59.16 5.28 -8.70
CA ARG H 73 58.27 5.84 -9.72
C ARG H 73 57.35 6.87 -9.07
N LEU H 74 57.35 8.08 -9.63
CA LEU H 74 56.73 9.23 -8.99
C LEU H 74 55.43 9.70 -9.61
N ARG H 75 54.47 10.03 -8.75
CA ARG H 75 53.15 10.47 -9.17
C ARG H 75 52.99 11.97 -9.00
N PRO H 76 52.32 12.63 -9.95
CA PRO H 76 52.13 14.06 -9.83
C PRO H 76 51.14 14.37 -8.72
N LEU H 77 50.99 15.64 -8.36
CA LEU H 77 50.02 16.02 -7.31
C LEU H 77 48.66 15.82 -7.80
N SER H 78 48.48 16.26 -9.03
CA SER H 78 47.19 16.35 -9.62
C SER H 78 46.42 15.03 -9.44
N TYR H 79 47.13 13.91 -9.64
CA TYR H 79 46.56 12.54 -9.62
C TYR H 79 47.24 11.57 -8.69
N PRO H 80 46.77 11.44 -7.46
CA PRO H 80 47.46 10.57 -6.52
C PRO H 80 46.85 9.16 -6.41
N ASP H 81 47.72 8.19 -6.18
CA ASP H 81 47.30 6.82 -5.95
C ASP H 81 47.02 6.71 -4.48
N THR H 82 45.98 7.43 -4.07
CA THR H 82 45.53 7.45 -2.68
C THR H 82 44.12 8.02 -2.68
N ASP H 83 43.21 7.32 -2.01
CA ASP H 83 41.81 7.71 -1.99
C ASP H 83 41.35 8.17 -0.61
N VAL H 84 42.11 7.82 0.44
CA VAL H 84 41.78 8.24 1.81
C VAL H 84 42.88 7.93 2.82
N ILE H 85 43.19 8.92 3.66
CA ILE H 85 44.25 8.80 4.70
C ILE H 85 43.62 8.57 6.07
N LEU H 86 44.26 7.73 6.88
CA LEU H 86 43.85 7.53 8.25
C LEU H 86 44.94 8.03 9.17
N MET H 87 44.72 9.21 9.74
CA MET H 87 45.71 9.79 10.66
C MET H 87 45.46 9.25 12.07
N CYS H 88 46.37 8.41 12.54
CA CYS H 88 46.21 7.71 13.83
C CYS H 88 46.99 8.34 14.98
N PHE H 89 46.32 8.47 16.12
CA PHE H 89 46.96 8.83 17.38
C PHE H 89 46.45 7.87 18.45
N SER H 90 47.25 7.64 19.47
CA SER H 90 46.86 6.76 20.56
C SER H 90 46.17 7.58 21.65
N ILE H 91 45.08 7.07 22.20
CA ILE H 91 44.33 7.76 23.27
C ILE H 91 45.15 7.87 24.57
N ASP H 92 46.04 6.89 24.79
CA ASP H 92 46.92 6.90 25.99
C ASP H 92 48.07 7.92 25.95
N SER H 93 48.24 8.61 24.82
CA SER H 93 49.24 9.68 24.73
C SER H 93 48.65 10.93 24.08
N PRO H 94 48.36 11.95 24.89
CA PRO H 94 47.90 13.22 24.32
C PRO H 94 49.04 14.01 23.66
N ASP H 95 50.28 13.57 23.85
CA ASP H 95 51.41 14.09 23.08
C ASP H 95 51.24 13.69 21.62
N SER H 96 50.88 12.44 21.38
CA SER H 96 50.70 11.90 20.01
C SER H 96 49.49 12.51 19.28
N LEU H 97 48.53 13.06 20.03
CA LEU H 97 47.44 13.83 19.43
C LEU H 97 47.90 15.23 19.06
N GLU H 98 48.59 15.91 19.96
CA GLU H 98 49.05 17.29 19.71
C GLU H 98 50.12 17.36 18.62
N ASN H 99 50.82 16.27 18.38
CA ASN H 99 51.79 16.18 17.27
C ASN H 99 51.13 16.21 15.89
N ILE H 100 49.88 15.76 15.81
CA ILE H 100 49.13 15.68 14.53
C ILE H 100 49.20 16.97 13.69
N PRO H 101 48.81 18.12 14.28
CA PRO H 101 48.83 19.37 13.50
C PRO H 101 50.21 19.84 13.03
N GLU H 102 51.27 19.46 13.75
CA GLU H 102 52.64 19.91 13.45
C GLU H 102 53.47 18.93 12.61
N LYS H 103 53.30 17.62 12.83
CA LYS H 103 54.15 16.59 12.22
C LYS H 103 53.53 15.87 11.02
N TRP H 104 52.26 15.48 11.13
CA TRP H 104 51.56 14.75 10.08
C TRP H 104 50.80 15.63 9.09
N THR H 105 50.10 16.66 9.57
CA THR H 105 49.20 17.46 8.72
C THR H 105 49.88 18.28 7.61
N PRO H 106 51.03 18.91 7.90
CA PRO H 106 51.73 19.70 6.86
C PRO H 106 52.15 18.87 5.65
N GLU H 107 52.64 17.65 5.89
CA GLU H 107 53.00 16.70 4.84
C GLU H 107 51.81 16.51 3.90
N VAL H 108 50.67 16.17 4.47
CA VAL H 108 49.44 15.91 3.70
C VAL H 108 48.92 17.19 3.07
N LYS H 109 48.96 18.28 3.83
CA LYS H 109 48.60 19.62 3.32
C LYS H 109 49.21 19.87 1.93
N HIS H 110 50.52 19.69 1.82
CA HIS H 110 51.26 20.03 0.60
C HIS H 110 51.19 18.96 -0.50
N PHE H 111 51.40 17.70 -0.12
CA PHE H 111 51.58 16.58 -1.06
C PHE H 111 50.30 15.82 -1.44
N CYS H 112 49.42 15.62 -0.47
CA CYS H 112 48.13 14.98 -0.70
C CYS H 112 46.96 15.93 -0.36
N PRO H 113 46.78 16.98 -1.16
CA PRO H 113 45.61 17.82 -0.98
C PRO H 113 44.43 17.18 -1.68
N ASN H 114 43.23 17.50 -1.24
CA ASN H 114 42.00 16.85 -1.76
C ASN H 114 41.82 15.36 -1.40
N VAL H 115 42.76 14.81 -0.64
CA VAL H 115 42.64 13.43 -0.17
C VAL H 115 41.96 13.50 1.20
N PRO H 116 40.74 12.93 1.32
CA PRO H 116 40.03 13.03 2.59
C PRO H 116 40.72 12.30 3.73
N ILE H 117 40.58 12.85 4.93
CA ILE H 117 41.27 12.36 6.12
C ILE H 117 40.26 11.77 7.12
N ILE H 118 40.67 10.73 7.82
CA ILE H 118 39.92 10.20 8.96
C ILE H 118 40.85 10.25 10.17
N LEU H 119 40.53 11.07 11.16
CA LEU H 119 41.28 11.03 12.40
C LEU H 119 40.82 9.81 13.20
N VAL H 120 41.78 9.11 13.81
CA VAL H 120 41.51 7.83 14.48
C VAL H 120 42.23 7.70 15.82
N GLY H 121 41.44 7.55 16.88
CA GLY H 121 41.99 7.33 18.22
C GLY H 121 42.24 5.85 18.48
N ASN H 122 43.49 5.43 18.34
CA ASN H 122 43.87 4.04 18.63
C ASN H 122 43.74 3.69 20.10
N LYS H 123 43.46 2.41 20.34
CA LYS H 123 43.40 1.84 21.69
C LYS H 123 42.55 2.67 22.67
N LYS H 124 41.24 2.60 22.47
CA LYS H 124 40.25 3.22 23.37
C LYS H 124 40.00 2.47 24.68
N ASP H 125 40.43 1.21 24.74
CA ASP H 125 40.27 0.39 25.96
C ASP H 125 41.02 0.95 27.18
N LEU H 126 42.10 1.69 26.96
CA LEU H 126 43.04 2.12 28.02
C LEU H 126 42.73 3.47 28.69
N ARG H 127 41.48 3.93 28.61
CA ARG H 127 41.15 5.31 29.03
C ARG H 127 41.03 5.40 30.57
N ASN H 128 39.91 4.93 31.10
CA ASN H 128 39.75 4.72 32.56
C ASN H 128 40.37 3.38 32.96
N ASP H 129 41.70 3.37 33.10
CA ASP H 129 42.46 2.22 33.55
C ASP H 129 43.27 2.58 34.78
N GLU H 130 43.48 1.60 35.65
CA GLU H 130 44.21 1.80 36.91
C GLU H 130 45.71 2.03 36.67
N HIS H 131 46.29 1.32 35.69
CA HIS H 131 47.73 1.44 35.42
C HIS H 131 48.10 2.73 34.66
N THR H 132 47.32 3.07 33.64
CA THR H 132 47.74 4.10 32.66
C THR H 132 47.14 5.51 32.81
N ARG H 133 46.04 5.66 33.53
CA ARG H 133 45.55 7.00 33.93
C ARG H 133 46.40 7.55 35.09
N ARG H 134 46.97 6.62 35.86
CA ARG H 134 47.86 6.95 36.97
C ARG H 134 49.27 7.29 36.48
N GLU H 135 49.74 6.53 35.50
CA GLU H 135 51.05 6.81 34.88
C GLU H 135 51.03 8.13 34.10
N LEU H 136 49.87 8.46 33.52
CA LEU H 136 49.67 9.75 32.82
C LEU H 136 49.69 10.96 33.75
N ALA H 137 49.29 10.75 35.01
CA ALA H 137 49.35 11.82 36.02
C ALA H 137 50.79 12.29 36.30
N LYS H 138 51.75 11.38 36.20
CA LYS H 138 53.19 11.74 36.35
C LYS H 138 53.73 12.65 35.23
N MET H 139 52.95 12.80 34.15
CA MET H 139 53.22 13.80 33.10
C MET H 139 52.44 15.12 33.31
N LYS H 140 51.84 15.29 34.49
CA LYS H 140 50.85 16.35 34.78
C LYS H 140 49.63 16.26 33.85
N GLN H 141 49.30 15.04 33.43
CA GLN H 141 48.35 14.82 32.33
C GLN H 141 47.24 13.81 32.66
N GLU H 142 46.32 13.69 31.71
CA GLU H 142 45.23 12.70 31.77
C GLU H 142 44.94 12.20 30.35
N PRO H 143 44.17 11.10 30.21
CA PRO H 143 43.81 10.59 28.89
C PRO H 143 42.98 11.54 28.00
N VAL H 144 42.91 11.20 26.72
CA VAL H 144 42.28 12.04 25.70
C VAL H 144 40.75 11.85 25.68
N LYS H 145 39.98 12.94 25.78
CA LYS H 145 38.50 12.86 25.66
C LYS H 145 38.04 12.85 24.20
N PRO H 146 36.79 12.41 23.95
CA PRO H 146 36.22 12.53 22.59
C PRO H 146 35.85 13.93 22.15
N GLU H 147 35.82 14.87 23.07
CA GLU H 147 35.74 16.27 22.69
C GLU H 147 37.04 16.76 22.07
N GLU H 148 38.15 16.46 22.75
CA GLU H 148 39.49 16.79 22.25
C GLU H 148 39.77 16.11 20.90
N GLY H 149 39.20 14.93 20.70
CA GLY H 149 39.30 14.21 19.43
C GLY H 149 38.58 14.92 18.29
N ARG H 150 37.29 15.18 18.47
CA ARG H 150 36.47 15.91 17.48
C ARG H 150 36.98 17.34 17.21
N ASP H 151 37.50 18.01 18.24
CA ASP H 151 38.12 19.34 18.10
C ASP H 151 39.28 19.32 17.12
N MET H 152 40.14 18.32 17.25
CA MET H 152 41.26 18.13 16.33
C MET H 152 40.76 17.78 14.92
N ALA H 153 39.74 16.93 14.84
CA ALA H 153 39.19 16.49 13.55
C ALA H 153 38.67 17.66 12.69
N ASN H 154 37.92 18.57 13.31
CA ASN H 154 37.39 19.77 12.62
C ASN H 154 38.45 20.83 12.40
N ARG H 155 39.52 20.74 13.18
CA ARG H 155 40.70 21.58 13.03
C ARG H 155 41.51 21.24 11.75
N ILE H 156 41.95 19.98 11.65
CA ILE H 156 42.76 19.52 10.48
C ILE H 156 41.96 19.35 9.19
N GLY H 157 40.63 19.42 9.29
CA GLY H 157 39.75 19.37 8.14
C GLY H 157 39.40 17.96 7.75
N ALA H 158 39.16 17.12 8.76
CA ALA H 158 38.88 15.71 8.56
C ALA H 158 37.51 15.49 7.95
N PHE H 159 37.37 14.38 7.23
CA PHE H 159 36.06 13.90 6.78
C PHE H 159 35.26 13.39 7.97
N GLY H 160 35.96 12.86 8.97
CA GLY H 160 35.31 12.49 10.22
C GLY H 160 36.27 11.99 11.30
N TYR H 161 35.68 11.53 12.40
CA TYR H 161 36.42 10.97 13.54
C TYR H 161 35.87 9.58 13.87
N MET H 162 36.71 8.72 14.44
CA MET H 162 36.25 7.44 15.04
C MET H 162 37.31 6.81 15.92
N GLU H 163 36.99 6.66 17.20
CA GLU H 163 37.85 5.92 18.13
C GLU H 163 37.66 4.42 17.95
N CYS H 164 38.68 3.67 18.34
CA CYS H 164 38.67 2.21 18.21
C CYS H 164 39.74 1.53 19.05
N SER H 165 39.43 0.34 19.55
CA SER H 165 40.39 -0.47 20.31
C SER H 165 40.91 -1.62 19.46
N ALA H 166 42.23 -1.68 19.32
CA ALA H 166 42.86 -2.78 18.62
C ALA H 166 42.65 -4.10 19.35
N LYS H 167 42.93 -4.10 20.65
CA LYS H 167 42.91 -5.32 21.47
C LYS H 167 41.51 -5.90 21.79
N THR H 168 40.54 -5.02 22.03
CA THR H 168 39.17 -5.46 22.38
C THR H 168 38.18 -5.46 21.21
N LYS H 169 38.67 -5.23 20.00
CA LYS H 169 37.87 -5.29 18.76
C LYS H 169 36.72 -4.26 18.68
N ASP H 170 36.74 -3.25 19.54
CA ASP H 170 35.66 -2.27 19.64
C ASP H 170 35.86 -1.13 18.64
N GLY H 171 34.87 -0.91 17.79
CA GLY H 171 34.90 0.17 16.79
C GLY H 171 35.88 0.00 15.64
N VAL H 172 36.40 -1.21 15.45
CA VAL H 172 37.45 -1.46 14.43
C VAL H 172 36.86 -1.50 13.02
N ARG H 173 35.76 -2.23 12.85
CA ARG H 173 35.09 -2.28 11.54
C ARG H 173 34.44 -0.94 11.20
N GLU H 174 34.06 -0.19 12.24
CA GLU H 174 33.47 1.14 12.07
C GLU H 174 34.44 2.19 11.47
N VAL H 175 35.74 1.95 11.58
CA VAL H 175 36.76 2.79 10.92
C VAL H 175 36.84 2.48 9.43
N PHE H 176 36.90 1.19 9.10
CA PHE H 176 36.95 0.75 7.70
C PHE H 176 35.61 0.94 6.96
N GLU H 177 34.51 0.93 7.71
CA GLU H 177 33.23 1.43 7.18
C GLU H 177 33.40 2.89 6.77
N MET H 178 33.83 3.71 7.74
CA MET H 178 33.96 5.17 7.55
C MET H 178 34.98 5.56 6.47
N ALA H 179 36.08 4.84 6.43
CA ALA H 179 37.12 5.06 5.43
C ALA H 179 36.57 4.84 4.02
N THR H 180 35.81 3.78 3.84
CA THR H 180 35.23 3.45 2.52
C THR H 180 34.18 4.48 2.08
N ARG H 181 33.34 4.92 3.01
CA ARG H 181 32.35 5.96 2.71
C ARG H 181 33.03 7.26 2.28
N ALA H 182 34.13 7.59 2.96
CA ALA H 182 34.97 8.76 2.63
C ALA H 182 35.60 8.65 1.23
N ALA H 183 36.03 7.44 0.88
CA ALA H 183 36.66 7.16 -0.42
C ALA H 183 35.71 7.35 -1.60
N LEU H 184 34.49 6.80 -1.48
CA LEU H 184 33.54 6.80 -2.59
C LEU H 184 33.06 8.23 -2.91
N GLN H 185 32.69 8.99 -1.88
CA GLN H 185 32.12 10.33 -2.06
C GLN H 185 33.17 11.32 -2.67
N ALA H 186 32.99 11.71 -3.94
CA ALA H 186 34.05 12.43 -4.67
C ALA H 186 34.12 13.90 -4.24
N CYS H 195 25.65 11.59 -14.88
CA CYS H 195 24.80 11.60 -16.09
C CYS H 195 24.26 13.00 -16.33
N LEU H 196 23.90 13.39 -17.56
CA LEU H 196 23.96 12.56 -18.80
C LEU H 196 25.36 11.99 -19.09
C1 FAR I . -21.45 16.04 15.05
C2 FAR I . -21.80 15.68 16.48
C3 FAR I . -22.51 14.57 16.77
C5 FAR I . -22.84 14.25 18.20
C6 FAR I . -21.59 13.97 19.01
C7 FAR I . -21.94 14.17 20.46
C8 FAR I . -22.64 13.27 21.21
C9 FAR I . -22.93 13.61 22.66
C11 FAR I . -21.70 14.01 23.48
C12 FAR I . -22.01 15.17 24.43
C13 FAR I . -21.45 15.36 25.64
C14 FAR I . -21.86 16.56 26.46
C15 FAR I . -20.54 14.55 26.16
C4 FAR I . -23.01 13.60 15.73
C10 FAR I . -23.09 12.13 20.71
C1 FAR J . 2.41 -5.16 -19.84
C2 FAR J . 2.59 -4.12 -20.94
C3 FAR J . 2.12 -2.85 -20.81
C5 FAR J . 2.31 -1.82 -21.90
C6 FAR J . 3.78 -1.69 -22.34
C7 FAR J . 3.87 -1.97 -23.82
C8 FAR J . 3.41 -1.10 -24.76
C9 FAR J . 3.52 -1.48 -26.22
C11 FAR J . 4.38 -0.50 -26.98
C12 FAR J . 4.53 -0.69 -28.47
C13 FAR J . 4.05 -1.63 -29.34
C14 FAR J . 4.38 -1.49 -30.80
C15 FAR J . 3.30 -2.66 -29.04
C4 FAR J . 1.38 -2.38 -19.59
C10 FAR J . 2.86 0.07 -24.44
C1 FAR K . -4.36 -3.99 20.17
C2 FAR K . -4.22 -2.93 21.26
C3 FAR K . -3.41 -1.85 21.13
C5 FAR K . -3.29 -0.83 22.23
C6 FAR K . -4.64 -0.26 22.67
C7 FAR K . -4.81 -0.51 24.16
C8 FAR K . -4.12 0.15 25.10
C9 FAR K . -4.37 -0.19 26.55
C11 FAR K . -4.90 1.04 27.29
C12 FAR K . -5.32 0.75 28.73
C13 FAR K . -4.48 0.46 29.74
C14 FAR K . -5.03 0.22 31.12
C15 FAR K . -3.17 0.36 29.63
C4 FAR K . -2.56 -1.61 19.91
C10 FAR K . -3.22 1.08 24.81
C1 FAR L . 25.62 8.38 -14.94
C2 FAR L . 25.75 7.70 -16.29
C3 FAR L . 26.03 6.40 -16.55
C5 FAR L . 26.11 5.94 -17.99
C6 FAR L . 24.77 6.06 -18.70
C7 FAR L . 25.01 6.11 -20.19
C8 FAR L . 25.29 5.03 -20.93
C9 FAR L . 25.54 5.23 -22.41
C11 FAR L . 24.48 6.03 -23.18
C12 FAR L . 25.24 6.79 -24.24
C13 FAR L . 25.03 6.74 -25.58
C14 FAR L . 25.91 7.56 -26.50
C15 FAR L . 24.08 6.02 -26.16
C4 FAR L . 26.28 5.32 -15.54
C10 FAR L . 25.40 3.80 -20.42
#